data_4MFD
#
_entry.id   4MFD
#
_cell.length_a   85.657
_cell.length_b   157.368
_cell.length_c   244.827
_cell.angle_alpha   90.00
_cell.angle_beta   90.00
_cell.angle_gamma   90.00
#
_symmetry.space_group_name_H-M   'P 21 21 21'
#
loop_
_entity.id
_entity.type
_entity.pdbx_description
1 polymer 'PYRUVATE CARBOXYLASE'
2 non-polymer 'ZINC ION'
3 non-polymer 'OXALATE ION'
4 non-polymer 'MAGNESIUM ION'
5 non-polymer 'CHLORIDE ION'
6 non-polymer GLYCEROL
7 water water
#
_entity_poly.entity_id   1
_entity_poly.type   'polypeptide(L)'
_entity_poly.pdbx_seq_one_letter_code
;MGSSHHHHHHHHDYDIPTSENLYFQGLLHQQVKRQDRATKLLTYLADVTVNGHPEAKDRPKPLENAARPVVPYANGNGVK
DGTKQLLDTLGPKKFGEWMRNEKRVLLTDTTMRDGHQSLLATRMRTYDIARIAGTYSHALPNLLSLECWGGATFDVSMRF
LTEDPWERLALIREGAPNLLLQMLLRGANGVGYTNYPDNVVKYFVRQAAKGGIDLFRVFDCLNWVENMRVSMDAIAEENK
LCEAAICYTGDILNSARPKYDLKYYTNLAVELEKAGAHIIAV(KCX)DMAGLLKPAAAKVLFKALREATGLPIHFHTHDT
SGIAAATVLAAVEAGVDAVDAAMDALSGNTSQPCLGSIVEALSGSERDPGLDPAWIRRISFYWEAVRNQYAAFESDLKGP
ASEVYLHEMPGGQFTNLKEQARSLGLETRWHQVAQAYADANQMFGDIVKVTPSSKVVGDMALMMVSQDLTVADVVSPDRE
VSFPESVVSMLKGDLGQPPSGWPEALQKKALKGEKPYTVRPGSLLKEADLDAERKVIEKKLEREVSDFEFASYLMYPKVF
TDFALASDTYGPVSVLPTPAYFYGLADGEELFADIEKGKTLVIVNQAVSATDSQGMVTVFFELNGQPRRIKVPDRA
;
_entity_poly.pdbx_strand_id   A,B,C,D
#
# COMPACT_ATOMS: atom_id res chain seq x y z
N ASP A 36 -9.31 9.20 -40.17
CA ASP A 36 -10.56 8.62 -39.56
C ASP A 36 -10.50 7.13 -39.26
N ARG A 37 -9.75 6.37 -40.05
CA ARG A 37 -9.47 4.99 -39.63
C ARG A 37 -8.40 5.02 -38.51
N ALA A 38 -7.40 5.88 -38.69
CA ALA A 38 -6.36 6.13 -37.70
C ALA A 38 -6.95 6.66 -36.41
N THR A 39 -7.95 7.53 -36.52
CA THR A 39 -8.66 8.03 -35.36
C THR A 39 -9.32 6.91 -34.60
N LYS A 40 -9.82 5.92 -35.30
CA LYS A 40 -10.52 4.82 -34.64
C LYS A 40 -9.56 3.86 -33.98
N LEU A 41 -8.38 3.63 -34.55
CA LEU A 41 -7.42 2.77 -33.89
C LEU A 41 -6.89 3.43 -32.62
N LEU A 42 -6.69 4.74 -32.70
CA LEU A 42 -6.19 5.46 -31.53
C LEU A 42 -7.20 5.35 -30.42
N THR A 43 -8.47 5.33 -30.79
CA THR A 43 -9.53 5.27 -29.82
C THR A 43 -9.50 3.88 -29.19
N TYR A 44 -9.32 2.85 -30.00
CA TYR A 44 -9.15 1.52 -29.46
C TYR A 44 -7.95 1.50 -28.50
N LEU A 45 -6.80 1.98 -28.99
CA LEU A 45 -5.57 1.96 -28.21
C LEU A 45 -5.76 2.71 -26.90
N ALA A 46 -6.47 3.83 -26.94
CA ALA A 46 -6.75 4.58 -25.71
C ALA A 46 -7.58 3.78 -24.71
N ASP A 47 -8.59 3.08 -25.22
CA ASP A 47 -9.55 2.41 -24.34
C ASP A 47 -8.84 1.32 -23.63
N VAL A 48 -8.12 0.55 -24.41
CA VAL A 48 -7.43 -0.58 -23.87
C VAL A 48 -6.35 -0.13 -22.92
N THR A 49 -5.64 0.92 -23.27
CA THR A 49 -4.59 1.41 -22.43
C THR A 49 -5.08 1.87 -21.07
N VAL A 50 -6.21 2.58 -21.07
CA VAL A 50 -6.79 3.12 -19.83
C VAL A 50 -7.80 2.24 -19.10
N ASN A 51 -8.29 1.17 -19.74
CA ASN A 51 -9.21 0.29 -19.10
C ASN A 51 -8.85 -1.18 -19.14
N GLY A 52 -7.91 -1.53 -20.00
CA GLY A 52 -7.54 -2.92 -20.18
C GLY A 52 -8.44 -3.64 -21.15
N HIS A 53 -8.13 -4.90 -21.40
CA HIS A 53 -8.92 -5.73 -22.27
C HIS A 53 -9.63 -6.70 -21.42
N PRO A 54 -10.94 -6.77 -21.55
CA PRO A 54 -11.76 -7.62 -20.65
C PRO A 54 -11.23 -9.05 -20.50
N GLU A 55 -10.69 -9.58 -21.59
CA GLU A 55 -10.23 -10.95 -21.68
C GLU A 55 -8.87 -11.17 -21.08
N ALA A 56 -8.19 -10.11 -20.71
CA ALA A 56 -6.81 -10.25 -20.30
C ALA A 56 -6.49 -9.61 -18.98
N LYS A 57 -7.26 -8.61 -18.59
CA LYS A 57 -6.83 -7.73 -17.52
C LYS A 57 -6.80 -8.44 -16.16
N ASP A 58 -7.50 -9.58 -16.05
CA ASP A 58 -7.44 -10.35 -14.79
C ASP A 58 -6.75 -11.72 -14.88
N ARG A 59 -5.85 -11.88 -15.85
CA ARG A 59 -5.11 -13.13 -16.01
C ARG A 59 -3.60 -12.83 -16.04
N PRO A 60 -2.78 -13.88 -16.07
CA PRO A 60 -1.32 -13.68 -16.09
C PRO A 60 -0.89 -12.88 -17.32
N LYS A 61 0.20 -12.14 -17.16
CA LYS A 61 0.70 -11.21 -18.18
C LYS A 61 1.96 -11.85 -18.79
N PRO A 62 2.28 -11.50 -20.02
CA PRO A 62 3.54 -11.98 -20.57
C PRO A 62 4.76 -11.37 -19.87
N LEU A 63 5.87 -12.07 -19.96
CA LEU A 63 7.10 -11.57 -19.42
C LEU A 63 7.41 -10.26 -20.05
N GLU A 64 7.80 -9.32 -19.21
CA GLU A 64 8.00 -7.95 -19.63
C GLU A 64 9.10 -7.88 -20.66
N ASN A 65 10.13 -8.70 -20.52
CA ASN A 65 11.22 -8.61 -21.46
C ASN A 65 10.77 -8.93 -22.86
N ALA A 66 10.08 -10.06 -23.00
CA ALA A 66 9.31 -10.37 -24.19
C ALA A 66 10.01 -10.07 -25.51
N ALA A 67 10.60 -11.07 -26.14
CA ALA A 67 11.12 -10.86 -27.48
C ALA A 67 9.99 -10.94 -28.50
N ARG A 68 9.87 -9.98 -29.39
CA ARG A 68 8.79 -10.04 -30.38
C ARG A 68 9.02 -11.23 -31.37
N PRO A 69 7.94 -11.76 -31.95
CA PRO A 69 8.12 -12.81 -32.94
C PRO A 69 8.78 -12.27 -34.22
N VAL A 70 9.81 -12.96 -34.71
CA VAL A 70 10.49 -12.58 -35.94
C VAL A 70 10.12 -13.59 -37.02
N VAL A 71 9.60 -13.11 -38.14
CA VAL A 71 9.33 -13.97 -39.29
C VAL A 71 10.69 -14.47 -39.78
N PRO A 72 10.83 -15.77 -40.06
CA PRO A 72 12.13 -16.27 -40.47
C PRO A 72 12.52 -15.74 -41.81
N TYR A 73 13.80 -15.34 -41.93
CA TYR A 73 14.33 -14.80 -43.17
C TYR A 73 14.31 -15.92 -44.19
N ALA A 74 13.87 -15.61 -45.41
CA ALA A 74 13.79 -16.60 -46.51
C ALA A 74 15.09 -16.66 -47.32
N ASN A 75 15.51 -17.89 -47.66
CA ASN A 75 16.64 -18.12 -48.58
C ASN A 75 16.47 -17.40 -49.94
N GLY A 76 15.24 -17.11 -50.37
CA GLY A 76 14.96 -16.36 -51.61
C GLY A 76 14.39 -17.14 -52.80
N ASN A 77 14.38 -18.47 -52.70
CA ASN A 77 13.91 -19.35 -53.78
C ASN A 77 12.38 -19.29 -53.96
N GLY A 78 11.93 -19.28 -55.23
CA GLY A 78 10.51 -19.19 -55.59
C GLY A 78 9.56 -20.18 -54.88
N VAL A 79 8.27 -19.99 -55.01
CA VAL A 79 7.33 -20.88 -54.40
C VAL A 79 7.00 -22.03 -55.40
N LYS A 80 7.30 -23.27 -54.97
CA LYS A 80 7.01 -24.49 -55.77
C LYS A 80 5.54 -24.84 -55.78
N ASP A 81 5.04 -25.23 -56.95
CA ASP A 81 3.66 -25.69 -57.08
C ASP A 81 3.49 -26.84 -56.11
N GLY A 82 2.29 -27.00 -55.60
CA GLY A 82 2.02 -27.96 -54.56
C GLY A 82 0.58 -28.41 -54.68
N THR A 83 0.04 -28.95 -53.59
CA THR A 83 -1.31 -29.54 -53.65
C THR A 83 -2.47 -28.63 -54.15
N LYS A 84 -2.29 -27.34 -54.01
CA LYS A 84 -3.23 -26.41 -54.62
C LYS A 84 -3.28 -26.45 -56.17
N GLN A 85 -2.13 -26.31 -56.81
CA GLN A 85 -2.03 -26.45 -58.27
C GLN A 85 -2.63 -27.82 -58.72
N LEU A 86 -2.26 -28.91 -58.05
CA LEU A 86 -2.79 -30.24 -58.39
C LEU A 86 -4.31 -30.32 -58.30
N LEU A 87 -4.89 -29.86 -57.19
CA LEU A 87 -6.35 -29.85 -57.05
C LEU A 87 -7.03 -29.09 -58.20
N ASP A 88 -6.50 -27.92 -58.55
CA ASP A 88 -7.08 -27.14 -59.65
C ASP A 88 -7.00 -27.86 -61.00
N THR A 89 -5.94 -28.63 -61.22
CA THR A 89 -5.78 -29.41 -62.44
C THR A 89 -6.72 -30.63 -62.48
N LEU A 90 -6.71 -31.40 -61.41
CA LEU A 90 -7.36 -32.72 -61.38
C LEU A 90 -8.85 -32.74 -61.01
N GLY A 91 -9.29 -31.69 -60.33
CA GLY A 91 -10.52 -31.72 -59.56
C GLY A 91 -10.49 -32.70 -58.39
N PRO A 92 -11.50 -32.61 -57.53
CA PRO A 92 -11.46 -33.32 -56.25
C PRO A 92 -11.40 -34.83 -56.28
N LYS A 93 -12.06 -35.44 -57.25
CA LYS A 93 -12.16 -36.90 -57.31
C LYS A 93 -10.75 -37.45 -57.61
N LYS A 94 -10.14 -36.94 -58.66
CA LYS A 94 -8.82 -37.42 -59.06
C LYS A 94 -7.73 -36.97 -58.13
N PHE A 95 -7.97 -35.87 -57.38
CA PHE A 95 -7.02 -35.47 -56.36
C PHE A 95 -7.05 -36.50 -55.21
N GLY A 96 -8.23 -36.82 -54.69
CA GLY A 96 -8.40 -37.98 -53.82
C GLY A 96 -7.59 -39.18 -54.33
N GLU A 97 -7.79 -39.53 -55.61
CA GLU A 97 -7.08 -40.65 -56.22
C GLU A 97 -5.57 -40.45 -56.11
N TRP A 98 -5.10 -39.24 -56.41
CA TRP A 98 -3.66 -38.93 -56.35
C TRP A 98 -3.08 -39.10 -54.92
N MET A 99 -3.90 -38.85 -53.91
CA MET A 99 -3.53 -39.00 -52.50
C MET A 99 -3.29 -40.47 -52.13
N ARG A 100 -4.26 -41.32 -52.48
CA ARG A 100 -4.17 -42.77 -52.31
C ARG A 100 -2.86 -43.31 -52.90
N ASN A 101 -2.68 -43.03 -54.17
CA ASN A 101 -1.57 -43.58 -54.91
C ASN A 101 -0.18 -43.06 -54.47
N GLU A 102 -0.16 -41.96 -53.73
CA GLU A 102 1.06 -41.37 -53.24
C GLU A 102 1.61 -42.31 -52.17
N LYS A 103 2.91 -42.55 -52.24
CA LYS A 103 3.64 -43.45 -51.33
C LYS A 103 4.05 -42.79 -50.02
N ARG A 104 4.49 -41.53 -50.12
CA ARG A 104 4.85 -40.75 -48.97
C ARG A 104 3.57 -40.45 -48.20
N VAL A 105 3.70 -40.37 -46.89
CA VAL A 105 2.60 -39.94 -46.10
C VAL A 105 2.48 -38.44 -46.29
N LEU A 106 1.26 -37.96 -46.18
CA LEU A 106 1.02 -36.55 -46.40
C LEU A 106 0.64 -35.94 -45.09
N LEU A 107 1.12 -34.73 -44.86
CA LEU A 107 0.93 -34.02 -43.61
C LEU A 107 0.00 -32.83 -43.75
N THR A 108 -0.91 -32.72 -42.79
CA THR A 108 -1.67 -31.51 -42.56
C THR A 108 -1.14 -30.86 -41.23
N ASP A 109 -0.65 -29.61 -41.32
CA ASP A 109 -0.31 -28.77 -40.16
C ASP A 109 -1.61 -28.13 -39.55
N THR A 110 -1.83 -28.40 -38.27
CA THR A 110 -2.98 -27.93 -37.56
C THR A 110 -2.80 -26.68 -36.69
N THR A 111 -1.61 -26.11 -36.72
CA THR A 111 -1.20 -25.10 -35.77
C THR A 111 -2.05 -23.87 -35.82
N MET A 112 -2.49 -23.55 -37.03
CA MET A 112 -3.26 -22.34 -37.24
C MET A 112 -4.70 -22.51 -36.84
N ARG A 113 -5.10 -23.73 -36.47
CA ARG A 113 -6.50 -23.89 -36.03
C ARG A 113 -6.59 -24.75 -34.77
N ASP A 114 -6.45 -26.08 -34.86
CA ASP A 114 -6.69 -26.93 -33.67
C ASP A 114 -5.60 -26.79 -32.64
N GLY A 115 -4.35 -26.58 -33.06
CA GLY A 115 -3.32 -26.23 -32.10
C GLY A 115 -3.83 -25.23 -31.00
N HIS A 116 -4.22 -24.03 -31.42
CA HIS A 116 -4.40 -22.97 -30.49
C HIS A 116 -5.85 -23.00 -29.98
N GLN A 117 -6.76 -23.62 -30.69
CA GLN A 117 -8.06 -23.91 -30.11
C GLN A 117 -8.01 -24.78 -28.83
N SER A 118 -7.11 -25.76 -28.88
CA SER A 118 -7.02 -26.71 -27.83
C SER A 118 -6.11 -26.26 -26.73
N LEU A 119 -5.16 -25.37 -27.00
CA LEU A 119 -4.19 -24.94 -25.98
C LEU A 119 -4.36 -23.48 -25.50
N LEU A 120 -4.98 -22.57 -26.31
CA LEU A 120 -5.06 -21.12 -25.99
C LEU A 120 -6.46 -20.53 -26.17
N ALA A 121 -7.46 -21.37 -25.94
CA ALA A 121 -8.86 -21.03 -26.04
C ALA A 121 -9.20 -20.32 -27.34
N THR A 122 -8.46 -20.67 -28.36
CA THR A 122 -8.70 -20.23 -29.74
C THR A 122 -8.41 -18.75 -29.91
N ARG A 123 -7.61 -18.15 -29.04
CA ARG A 123 -7.48 -16.70 -29.08
C ARG A 123 -6.39 -16.21 -30.01
N MET A 124 -5.70 -17.14 -30.68
CA MET A 124 -4.67 -16.75 -31.64
C MET A 124 -5.21 -15.81 -32.72
N ARG A 125 -4.44 -14.76 -33.01
CA ARG A 125 -4.87 -13.71 -33.91
C ARG A 125 -4.34 -13.75 -35.29
N THR A 126 -5.15 -13.15 -36.17
CA THR A 126 -4.82 -13.00 -37.59
C THR A 126 -3.47 -12.41 -37.80
N TYR A 127 -3.06 -11.44 -36.98
CA TYR A 127 -1.77 -10.81 -37.18
C TYR A 127 -0.64 -11.83 -37.14
N ASP A 128 -0.65 -12.71 -36.14
CA ASP A 128 0.43 -13.64 -35.96
C ASP A 128 0.34 -14.80 -36.98
N ILE A 129 -0.90 -15.22 -37.23
CA ILE A 129 -1.22 -16.31 -38.14
C ILE A 129 -0.87 -16.02 -39.58
N ALA A 130 -1.29 -14.88 -40.12
CA ALA A 130 -1.11 -14.53 -41.53
C ALA A 130 0.30 -14.20 -41.84
N ARG A 131 1.03 -13.73 -40.86
CA ARG A 131 2.39 -13.25 -41.09
C ARG A 131 3.36 -14.40 -41.40
N ILE A 132 2.92 -15.64 -41.09
CA ILE A 132 3.76 -16.81 -41.28
C ILE A 132 3.35 -17.61 -42.52
N ALA A 133 2.19 -17.35 -43.12
CA ALA A 133 1.80 -18.15 -44.31
C ALA A 133 2.86 -18.28 -45.42
N GLY A 134 3.57 -17.19 -45.72
CA GLY A 134 4.46 -17.15 -46.86
C GLY A 134 5.68 -18.01 -46.60
N THR A 135 6.07 -18.08 -45.33
CA THR A 135 7.13 -18.96 -44.89
C THR A 135 6.72 -20.42 -45.13
N TYR A 136 5.53 -20.82 -44.64
CA TYR A 136 5.00 -22.18 -44.88
C TYR A 136 5.09 -22.51 -46.39
N SER A 137 4.62 -21.56 -47.18
CA SER A 137 4.58 -21.66 -48.65
C SER A 137 5.97 -21.86 -49.26
N HIS A 138 6.96 -21.08 -48.84
CA HIS A 138 8.32 -21.19 -49.38
C HIS A 138 9.10 -22.40 -48.84
N ALA A 139 8.85 -22.74 -47.57
CA ALA A 139 9.68 -23.69 -46.82
C ALA A 139 9.16 -25.13 -46.86
N LEU A 140 7.86 -25.30 -46.79
CA LEU A 140 7.29 -26.62 -46.70
C LEU A 140 6.31 -26.86 -47.84
N PRO A 141 6.76 -26.87 -49.09
CA PRO A 141 5.79 -26.88 -50.20
C PRO A 141 5.08 -28.22 -50.42
N ASN A 142 5.67 -29.28 -49.91
CA ASN A 142 5.05 -30.57 -49.93
C ASN A 142 3.89 -30.77 -49.00
N LEU A 143 3.60 -29.81 -48.13
CA LEU A 143 2.51 -30.02 -47.17
C LEU A 143 1.19 -30.40 -47.87
N LEU A 144 0.34 -31.19 -47.24
CA LEU A 144 -0.92 -31.48 -47.90
C LEU A 144 -1.80 -30.24 -47.79
N SER A 145 -2.01 -29.79 -46.55
CA SER A 145 -2.84 -28.67 -46.25
C SER A 145 -2.42 -28.01 -44.96
N LEU A 146 -2.79 -26.73 -44.86
CA LEU A 146 -2.84 -25.98 -43.62
C LEU A 146 -4.26 -26.00 -43.05
N GLU A 147 -4.47 -26.62 -41.87
CA GLU A 147 -5.73 -26.52 -41.21
C GLU A 147 -5.73 -25.17 -40.51
N CYS A 148 -6.52 -24.22 -41.02
CA CYS A 148 -6.48 -22.86 -40.56
C CYS A 148 -7.88 -22.21 -40.44
N TRP A 149 -8.97 -22.94 -40.47
CA TRP A 149 -10.28 -22.23 -40.51
C TRP A 149 -11.35 -23.11 -40.00
N GLY A 150 -12.48 -22.52 -39.72
CA GLY A 150 -13.54 -23.27 -39.12
C GLY A 150 -13.21 -23.65 -37.70
N GLY A 151 -13.85 -24.72 -37.23
CA GLY A 151 -14.05 -24.99 -35.81
C GLY A 151 -14.48 -23.78 -35.05
N ALA A 152 -13.87 -23.54 -33.90
CA ALA A 152 -14.17 -22.42 -33.04
C ALA A 152 -13.67 -21.08 -33.52
N THR A 153 -12.77 -21.06 -34.49
CA THR A 153 -12.15 -19.77 -34.92
C THR A 153 -13.12 -18.74 -35.49
N PHE A 154 -14.21 -19.22 -36.05
CA PHE A 154 -15.11 -18.34 -36.75
C PHE A 154 -15.83 -17.45 -35.75
N ASP A 155 -16.25 -18.09 -34.67
CA ASP A 155 -16.91 -17.47 -33.57
C ASP A 155 -15.98 -16.56 -32.72
N VAL A 156 -14.93 -17.18 -32.18
CA VAL A 156 -13.98 -16.54 -31.26
C VAL A 156 -13.36 -15.31 -31.89
N SER A 157 -12.98 -15.42 -33.17
CA SER A 157 -12.46 -14.26 -33.91
C SER A 157 -13.35 -13.00 -33.83
N MET A 158 -14.62 -13.14 -34.09
CA MET A 158 -15.54 -12.01 -33.89
C MET A 158 -15.75 -11.65 -32.43
N ARG A 159 -16.12 -12.62 -31.63
CA ARG A 159 -16.58 -12.36 -30.28
C ARG A 159 -15.46 -11.91 -29.33
N PHE A 160 -14.26 -12.50 -29.43
CA PHE A 160 -13.21 -12.25 -28.44
C PHE A 160 -11.97 -11.58 -29.08
N LEU A 161 -11.88 -11.52 -30.38
CA LEU A 161 -10.72 -10.87 -30.93
C LEU A 161 -11.07 -9.65 -31.77
N THR A 162 -12.36 -9.38 -31.95
CA THR A 162 -12.79 -8.25 -32.71
C THR A 162 -12.21 -8.24 -34.11
N GLU A 163 -12.23 -9.38 -34.79
CA GLU A 163 -11.71 -9.47 -36.15
C GLU A 163 -12.43 -10.49 -36.98
N ASP A 164 -12.28 -10.33 -38.30
CA ASP A 164 -13.14 -10.93 -39.33
C ASP A 164 -12.47 -12.18 -39.81
N PRO A 165 -13.18 -13.29 -39.77
CA PRO A 165 -12.56 -14.51 -40.16
C PRO A 165 -12.38 -14.64 -41.67
N TRP A 166 -13.20 -13.95 -42.46
CA TRP A 166 -13.06 -13.94 -43.92
C TRP A 166 -11.79 -13.25 -44.33
N GLU A 167 -11.54 -12.13 -43.67
CA GLU A 167 -10.25 -11.43 -43.79
C GLU A 167 -9.02 -12.33 -43.47
N ARG A 168 -9.09 -13.08 -42.37
CA ARG A 168 -8.00 -13.94 -41.99
C ARG A 168 -7.75 -14.98 -43.08
N LEU A 169 -8.80 -15.60 -43.58
CA LEU A 169 -8.64 -16.57 -44.65
C LEU A 169 -8.05 -15.94 -45.93
N ALA A 170 -8.53 -14.78 -46.32
CA ALA A 170 -7.98 -14.13 -47.51
C ALA A 170 -6.48 -13.90 -47.36
N LEU A 171 -6.08 -13.38 -46.21
CA LEU A 171 -4.67 -13.15 -45.96
C LEU A 171 -3.90 -14.45 -46.03
N ILE A 172 -4.44 -15.53 -45.49
CA ILE A 172 -3.72 -16.80 -45.57
C ILE A 172 -3.66 -17.27 -47.00
N ARG A 173 -4.77 -17.17 -47.71
CA ARG A 173 -4.84 -17.54 -49.16
C ARG A 173 -3.80 -16.84 -50.03
N GLU A 174 -3.60 -15.57 -49.72
CA GLU A 174 -2.73 -14.70 -50.43
C GLU A 174 -1.29 -15.10 -50.10
N GLY A 175 -1.00 -15.40 -48.83
CA GLY A 175 0.35 -15.89 -48.44
C GLY A 175 0.74 -17.30 -48.92
N ALA A 176 -0.21 -18.23 -49.01
CA ALA A 176 0.13 -19.62 -49.38
C ALA A 176 -0.64 -20.11 -50.58
N PRO A 177 -0.29 -19.60 -51.77
CA PRO A 177 -1.02 -19.96 -53.00
C PRO A 177 -0.77 -21.36 -53.51
N ASN A 178 0.18 -22.06 -52.92
CA ASN A 178 0.55 -23.42 -53.38
C ASN A 178 0.07 -24.56 -52.50
N LEU A 179 -0.56 -24.24 -51.38
CA LEU A 179 -1.04 -25.23 -50.45
C LEU A 179 -2.56 -25.24 -50.34
N LEU A 180 -3.15 -26.40 -50.04
CA LEU A 180 -4.57 -26.45 -49.75
C LEU A 180 -4.88 -25.80 -48.40
N LEU A 181 -5.99 -25.09 -48.34
CA LEU A 181 -6.46 -24.54 -47.09
C LEU A 181 -7.65 -25.35 -46.64
N GLN A 182 -7.64 -25.74 -45.37
CA GLN A 182 -8.52 -26.76 -44.83
C GLN A 182 -9.31 -26.20 -43.66
N MET A 183 -10.62 -26.47 -43.64
CA MET A 183 -11.49 -25.98 -42.57
C MET A 183 -12.12 -27.18 -41.81
N LEU A 184 -12.63 -26.95 -40.62
CA LEU A 184 -13.46 -27.96 -40.02
C LEU A 184 -14.89 -27.45 -40.05
N LEU A 185 -15.76 -28.27 -40.61
CA LEU A 185 -17.14 -27.94 -40.82
C LEU A 185 -17.99 -28.97 -40.12
N ARG A 186 -18.82 -28.53 -39.20
CA ARG A 186 -19.55 -29.45 -38.33
C ARG A 186 -20.84 -29.98 -38.95
N GLY A 187 -20.74 -30.41 -40.20
CA GLY A 187 -21.89 -30.96 -40.89
C GLY A 187 -23.10 -30.06 -40.79
N ALA A 188 -24.22 -30.51 -40.27
CA ALA A 188 -25.43 -29.63 -40.19
C ALA A 188 -25.33 -28.45 -39.21
N ASN A 189 -24.35 -28.54 -38.33
CA ASN A 189 -24.22 -27.55 -37.31
C ASN A 189 -23.44 -26.36 -37.83
N GLY A 190 -22.92 -26.45 -39.05
CA GLY A 190 -22.08 -25.39 -39.69
C GLY A 190 -20.78 -25.04 -38.95
N VAL A 191 -20.64 -23.75 -38.58
CA VAL A 191 -19.63 -23.29 -37.65
C VAL A 191 -20.31 -22.83 -36.35
N GLY A 192 -21.58 -23.19 -36.19
CA GLY A 192 -22.36 -23.05 -34.92
C GLY A 192 -22.47 -24.31 -34.07
N TYR A 193 -23.48 -24.31 -33.20
CA TYR A 193 -23.61 -25.31 -32.11
C TYR A 193 -24.92 -26.08 -32.18
N THR A 194 -25.67 -25.80 -33.23
CA THR A 194 -27.00 -26.36 -33.53
C THR A 194 -27.11 -26.66 -35.06
N ASN A 195 -27.88 -27.69 -35.42
CA ASN A 195 -28.38 -27.93 -36.80
C ASN A 195 -29.14 -26.67 -37.35
N TYR A 196 -28.79 -26.19 -38.58
CA TYR A 196 -29.33 -24.99 -39.30
C TYR A 196 -30.19 -25.40 -40.51
N PRO A 197 -31.11 -24.53 -40.93
CA PRO A 197 -31.79 -24.87 -42.19
C PRO A 197 -30.79 -25.21 -43.31
N ASP A 198 -31.18 -26.16 -44.13
CA ASP A 198 -30.41 -26.67 -45.24
C ASP A 198 -29.89 -25.54 -46.10
N ASN A 199 -30.73 -24.54 -46.36
CA ASN A 199 -30.39 -23.55 -47.36
C ASN A 199 -29.38 -22.58 -46.81
N VAL A 200 -29.18 -22.59 -45.49
CA VAL A 200 -28.20 -21.76 -44.78
C VAL A 200 -26.87 -22.50 -44.75
N VAL A 201 -26.95 -23.78 -44.45
CA VAL A 201 -25.85 -24.66 -44.65
C VAL A 201 -25.29 -24.60 -46.12
N LYS A 202 -26.15 -24.70 -47.13
CA LYS A 202 -25.68 -24.57 -48.55
C LYS A 202 -25.02 -23.19 -48.79
N TYR A 203 -25.67 -22.13 -48.28
CA TYR A 203 -25.14 -20.79 -48.47
C TYR A 203 -23.77 -20.61 -47.79
N PHE A 204 -23.61 -21.11 -46.58
CA PHE A 204 -22.36 -20.87 -45.91
C PHE A 204 -21.19 -21.57 -46.67
N VAL A 205 -21.42 -22.80 -47.07
CA VAL A 205 -20.39 -23.57 -47.80
C VAL A 205 -20.02 -22.89 -49.08
N ARG A 206 -21.01 -22.35 -49.79
CA ARG A 206 -20.76 -21.57 -51.01
C ARG A 206 -19.79 -20.42 -50.72
N GLN A 207 -20.00 -19.68 -49.65
CA GLN A 207 -19.09 -18.58 -49.32
C GLN A 207 -17.66 -19.00 -48.96
N ALA A 208 -17.54 -20.12 -48.24
CA ALA A 208 -16.27 -20.64 -47.81
C ALA A 208 -15.38 -21.07 -48.98
N ALA A 209 -15.97 -21.78 -49.94
CA ALA A 209 -15.31 -22.09 -51.21
C ALA A 209 -14.87 -20.80 -51.87
N LYS A 210 -15.78 -19.86 -52.09
CA LYS A 210 -15.37 -18.52 -52.55
C LYS A 210 -14.26 -17.88 -51.71
N GLY A 211 -14.31 -18.04 -50.38
CA GLY A 211 -13.38 -17.33 -49.49
C GLY A 211 -11.95 -17.88 -49.54
N GLY A 212 -11.81 -19.10 -50.06
CA GLY A 212 -10.50 -19.73 -50.24
C GLY A 212 -10.28 -21.13 -49.65
N ILE A 213 -11.34 -21.77 -49.19
CA ILE A 213 -11.22 -23.12 -48.65
C ILE A 213 -11.19 -24.11 -49.79
N ASP A 214 -10.17 -24.95 -49.77
CA ASP A 214 -9.99 -26.07 -50.71
C ASP A 214 -10.46 -27.41 -50.19
N LEU A 215 -10.29 -27.64 -48.88
CA LEU A 215 -10.45 -29.00 -48.25
C LEU A 215 -11.34 -28.91 -47.04
N PHE A 216 -12.57 -29.36 -47.20
CA PHE A 216 -13.58 -29.31 -46.14
C PHE A 216 -13.69 -30.65 -45.34
N ARG A 217 -13.13 -30.72 -44.14
CA ARG A 217 -13.38 -31.86 -43.25
C ARG A 217 -14.70 -31.69 -42.58
N VAL A 218 -15.59 -32.60 -42.88
CA VAL A 218 -16.95 -32.44 -42.47
C VAL A 218 -17.33 -33.65 -41.58
N PHE A 219 -18.09 -33.38 -40.52
CA PHE A 219 -18.40 -34.39 -39.55
C PHE A 219 -19.76 -34.13 -38.87
N ASP A 220 -20.40 -35.21 -38.46
CA ASP A 220 -21.64 -35.12 -37.67
C ASP A 220 -21.36 -35.63 -36.26
N CYS A 221 -21.90 -34.98 -35.24
CA CYS A 221 -21.56 -35.34 -33.82
C CYS A 221 -22.06 -36.72 -33.37
N LEU A 222 -22.87 -37.39 -34.20
CA LEU A 222 -23.36 -38.72 -33.91
C LEU A 222 -23.06 -39.67 -35.02
N ASN A 223 -22.01 -39.41 -35.80
CA ASN A 223 -21.80 -40.12 -37.06
C ASN A 223 -23.14 -40.51 -37.81
N TRP A 224 -24.05 -39.57 -38.01
CA TRP A 224 -25.28 -39.88 -38.72
C TRP A 224 -25.17 -39.37 -40.12
N VAL A 225 -24.95 -40.29 -41.05
CA VAL A 225 -24.73 -39.93 -42.44
C VAL A 225 -25.94 -39.25 -43.07
N GLU A 226 -27.12 -39.75 -42.77
CA GLU A 226 -28.30 -39.06 -43.21
C GLU A 226 -28.18 -37.52 -42.97
N ASN A 227 -27.57 -37.14 -41.86
CA ASN A 227 -27.46 -35.73 -41.49
C ASN A 227 -26.17 -35.09 -42.11
N MET A 228 -25.37 -35.83 -42.89
CA MET A 228 -24.16 -35.25 -43.56
C MET A 228 -24.31 -34.95 -45.06
N ARG A 229 -25.40 -35.41 -45.67
CA ARG A 229 -25.53 -35.39 -47.12
C ARG A 229 -25.67 -33.98 -47.69
N VAL A 230 -26.31 -33.10 -46.97
CA VAL A 230 -26.47 -31.75 -47.48
C VAL A 230 -25.12 -31.02 -47.54
N SER A 231 -24.42 -31.01 -46.43
CA SER A 231 -23.04 -30.57 -46.41
C SER A 231 -22.22 -31.20 -47.49
N MET A 232 -22.24 -32.53 -47.56
CA MET A 232 -21.34 -33.21 -48.53
C MET A 232 -21.66 -32.79 -49.98
N ASP A 233 -22.94 -32.68 -50.26
CA ASP A 233 -23.42 -32.38 -51.58
C ASP A 233 -23.07 -30.97 -51.91
N ALA A 234 -23.14 -30.09 -50.92
CA ALA A 234 -22.82 -28.71 -51.17
C ALA A 234 -21.34 -28.56 -51.49
N ILE A 235 -20.50 -29.22 -50.74
CA ILE A 235 -19.03 -29.20 -51.01
C ILE A 235 -18.72 -29.70 -52.42
N ALA A 236 -19.38 -30.77 -52.84
CA ALA A 236 -19.18 -31.30 -54.18
C ALA A 236 -19.68 -30.32 -55.21
N GLU A 237 -20.79 -29.65 -54.94
CA GLU A 237 -21.32 -28.71 -55.95
C GLU A 237 -20.41 -27.50 -56.18
N GLU A 238 -19.61 -27.13 -55.18
CA GLU A 238 -18.59 -26.10 -55.32
C GLU A 238 -17.30 -26.61 -55.92
N ASN A 239 -17.25 -27.89 -56.20
CA ASN A 239 -16.07 -28.53 -56.76
C ASN A 239 -14.84 -28.49 -55.83
N LYS A 240 -15.08 -28.69 -54.53
CA LYS A 240 -14.03 -28.69 -53.55
C LYS A 240 -13.89 -30.08 -52.93
N LEU A 241 -12.80 -30.30 -52.17
CA LEU A 241 -12.57 -31.61 -51.53
C LEU A 241 -13.48 -31.81 -50.36
N CYS A 242 -14.16 -32.93 -50.38
CA CYS A 242 -15.11 -33.32 -49.33
C CYS A 242 -14.47 -34.49 -48.60
N GLU A 243 -13.90 -34.19 -47.42
CA GLU A 243 -13.26 -35.17 -46.56
C GLU A 243 -14.26 -35.50 -45.48
N ALA A 244 -15.04 -36.55 -45.69
CA ALA A 244 -16.02 -37.01 -44.74
C ALA A 244 -15.39 -37.77 -43.59
N ALA A 245 -15.71 -37.30 -42.39
CA ALA A 245 -15.11 -37.81 -41.16
C ALA A 245 -16.03 -38.83 -40.47
N ILE A 246 -15.41 -39.90 -40.01
CA ILE A 246 -15.99 -40.77 -39.04
C ILE A 246 -15.24 -40.47 -37.75
N CYS A 247 -16.03 -40.08 -36.77
CA CYS A 247 -15.55 -39.79 -35.40
C CYS A 247 -15.32 -41.10 -34.71
N TYR A 248 -14.25 -41.17 -33.93
CA TYR A 248 -13.88 -42.43 -33.30
C TYR A 248 -14.03 -42.33 -31.82
N THR A 249 -14.53 -43.40 -31.20
CA THR A 249 -14.79 -43.44 -29.77
C THR A 249 -14.79 -44.91 -29.38
N GLY A 250 -14.63 -45.26 -28.07
CA GLY A 250 -14.52 -46.62 -27.63
C GLY A 250 -13.09 -47.17 -27.97
N ASP A 251 -13.10 -48.50 -28.21
CA ASP A 251 -11.94 -49.32 -28.39
C ASP A 251 -12.25 -50.52 -29.28
N ILE A 252 -12.02 -50.45 -30.56
CA ILE A 252 -12.44 -51.57 -31.37
C ILE A 252 -11.84 -52.90 -30.88
N LEU A 253 -10.66 -52.89 -30.19
CA LEU A 253 -9.99 -54.13 -29.73
C LEU A 253 -10.53 -54.70 -28.40
N ASN A 254 -11.63 -54.16 -27.92
CA ASN A 254 -12.19 -54.51 -26.62
C ASN A 254 -13.66 -54.97 -26.81
N SER A 255 -13.76 -56.28 -26.80
CA SER A 255 -14.95 -57.01 -27.14
C SER A 255 -16.01 -56.89 -26.05
N ALA A 256 -15.67 -56.27 -24.93
CA ALA A 256 -16.68 -55.88 -23.93
C ALA A 256 -17.34 -54.58 -24.32
N ARG A 257 -16.77 -53.86 -25.28
CA ARG A 257 -17.49 -52.71 -25.83
C ARG A 257 -17.88 -52.84 -27.33
N PRO A 258 -18.77 -53.79 -27.63
CA PRO A 258 -19.03 -54.12 -29.04
C PRO A 258 -19.66 -53.04 -29.92
N LYS A 259 -20.33 -52.05 -29.35
CA LYS A 259 -21.09 -51.04 -30.12
C LYS A 259 -20.23 -50.30 -31.16
N TYR A 260 -18.96 -50.09 -30.88
CA TYR A 260 -18.08 -49.33 -31.74
C TYR A 260 -16.97 -50.30 -32.08
N ASP A 261 -17.27 -51.22 -32.98
CA ASP A 261 -16.34 -52.30 -33.30
C ASP A 261 -15.81 -52.01 -34.69
N LEU A 262 -15.01 -52.92 -35.22
CA LEU A 262 -14.36 -52.67 -36.50
C LEU A 262 -15.40 -52.49 -37.62
N LYS A 263 -16.42 -53.32 -37.65
CA LYS A 263 -17.39 -53.20 -38.74
C LYS A 263 -18.24 -51.89 -38.67
N TYR A 264 -18.35 -51.26 -37.50
CA TYR A 264 -18.99 -49.93 -37.42
C TYR A 264 -18.20 -48.91 -38.27
N TYR A 265 -16.88 -48.93 -38.11
CA TYR A 265 -16.05 -48.01 -38.88
C TYR A 265 -16.04 -48.35 -40.36
N THR A 266 -15.91 -49.62 -40.70
CA THR A 266 -15.78 -49.93 -42.10
C THR A 266 -17.06 -49.74 -42.86
N ASN A 267 -18.21 -50.02 -42.24
CA ASN A 267 -19.50 -49.78 -42.84
C ASN A 267 -19.77 -48.33 -43.11
N LEU A 268 -19.43 -47.48 -42.14
CA LEU A 268 -19.65 -46.02 -42.32
C LEU A 268 -18.76 -45.46 -43.44
N ALA A 269 -17.54 -46.00 -43.61
CA ALA A 269 -16.69 -45.53 -44.70
C ALA A 269 -17.38 -45.87 -46.01
N VAL A 270 -17.85 -47.12 -46.14
CA VAL A 270 -18.49 -47.51 -47.38
C VAL A 270 -19.67 -46.58 -47.65
N GLU A 271 -20.47 -46.25 -46.60
CA GLU A 271 -21.66 -45.39 -46.79
C GLU A 271 -21.28 -44.00 -47.20
N LEU A 272 -20.21 -43.47 -46.63
CA LEU A 272 -19.78 -42.10 -46.93
C LEU A 272 -19.28 -42.02 -48.37
N GLU A 273 -18.63 -43.08 -48.84
CA GLU A 273 -18.21 -43.17 -50.25
C GLU A 273 -19.44 -43.09 -51.16
N LYS A 274 -20.45 -43.88 -50.85
CA LYS A 274 -21.72 -43.89 -51.60
C LYS A 274 -22.35 -42.51 -51.54
N ALA A 275 -22.05 -41.74 -50.49
CA ALA A 275 -22.52 -40.37 -50.38
C ALA A 275 -21.65 -39.31 -51.12
N GLY A 276 -20.50 -39.72 -51.65
CA GLY A 276 -19.69 -38.87 -52.52
C GLY A 276 -18.44 -38.28 -51.91
N ALA A 277 -17.97 -38.79 -50.79
CA ALA A 277 -16.75 -38.31 -50.26
C ALA A 277 -15.60 -38.45 -51.24
N HIS A 278 -14.71 -37.49 -51.25
CA HIS A 278 -13.49 -37.62 -52.04
C HIS A 278 -12.41 -38.22 -51.19
N ILE A 279 -12.48 -38.00 -49.88
CA ILE A 279 -11.51 -38.49 -48.92
C ILE A 279 -12.25 -38.97 -47.69
N ILE A 280 -11.75 -40.03 -47.05
CA ILE A 280 -12.30 -40.42 -45.75
C ILE A 280 -11.38 -40.00 -44.62
N ALA A 281 -11.96 -39.36 -43.62
CA ALA A 281 -11.19 -39.09 -42.41
C ALA A 281 -11.60 -39.96 -41.24
N VAL A 282 -10.62 -40.26 -40.36
CA VAL A 282 -10.94 -40.63 -38.95
C VAL A 282 -10.66 -39.46 -38.02
N ASP A 284 -10.36 -38.62 -34.50
CA ASP A 284 -10.18 -39.11 -33.14
C ASP A 284 -10.10 -37.86 -32.29
N MET A 285 -11.28 -37.26 -32.03
CA MET A 285 -11.33 -36.00 -31.36
C MET A 285 -10.96 -35.96 -29.90
N ALA A 286 -10.91 -37.14 -29.24
CA ALA A 286 -10.38 -37.23 -27.88
C ALA A 286 -9.05 -38.05 -27.84
N GLY A 287 -8.43 -38.36 -28.97
CA GLY A 287 -7.09 -39.09 -28.85
C GLY A 287 -7.19 -40.49 -28.21
N LEU A 288 -8.24 -41.23 -28.55
CA LEU A 288 -8.56 -42.49 -27.90
C LEU A 288 -7.96 -43.68 -28.66
N LEU A 289 -7.75 -43.51 -29.95
CA LEU A 289 -7.28 -44.63 -30.78
C LEU A 289 -5.90 -45.00 -30.32
N LYS A 290 -5.70 -46.27 -29.98
CA LYS A 290 -4.29 -46.77 -29.61
C LYS A 290 -3.60 -47.34 -30.74
N PRO A 291 -2.28 -47.45 -30.60
CA PRO A 291 -1.54 -47.91 -31.72
C PRO A 291 -2.01 -49.21 -32.29
N ALA A 292 -2.24 -50.22 -31.44
CA ALA A 292 -2.66 -51.54 -31.98
C ALA A 292 -3.96 -51.47 -32.70
N ALA A 293 -4.94 -50.71 -32.16
CA ALA A 293 -6.16 -50.50 -32.90
C ALA A 293 -5.88 -49.81 -34.27
N ALA A 294 -4.84 -48.98 -34.37
CA ALA A 294 -4.68 -48.22 -35.62
C ALA A 294 -4.29 -49.15 -36.72
N LYS A 295 -3.42 -50.09 -36.38
CA LYS A 295 -2.92 -51.14 -37.31
C LYS A 295 -4.04 -51.94 -37.98
N VAL A 296 -5.00 -52.36 -37.18
CA VAL A 296 -6.21 -53.03 -37.66
C VAL A 296 -7.20 -52.07 -38.37
N LEU A 297 -7.34 -50.85 -37.86
CA LEU A 297 -8.37 -49.96 -38.44
C LEU A 297 -7.99 -49.46 -39.80
N PHE A 298 -6.74 -49.08 -40.01
CA PHE A 298 -6.37 -48.48 -41.28
C PHE A 298 -6.12 -49.50 -42.40
N LYS A 299 -5.62 -50.66 -42.06
CA LYS A 299 -5.66 -51.77 -43.01
C LYS A 299 -7.10 -52.15 -43.39
N ALA A 300 -8.02 -52.23 -42.44
CA ALA A 300 -9.41 -52.57 -42.77
C ALA A 300 -10.10 -51.49 -43.60
N LEU A 301 -9.84 -50.23 -43.31
CA LEU A 301 -10.40 -49.11 -44.09
C LEU A 301 -9.89 -49.05 -45.53
N ARG A 302 -8.61 -49.25 -45.75
CA ARG A 302 -8.09 -49.19 -47.11
C ARG A 302 -8.49 -50.40 -47.97
N GLU A 303 -8.78 -51.51 -47.33
CA GLU A 303 -9.48 -52.61 -47.95
C GLU A 303 -11.01 -52.35 -48.11
N ALA A 304 -11.66 -51.59 -47.25
CA ALA A 304 -13.10 -51.44 -47.41
C ALA A 304 -13.46 -50.40 -48.44
N THR A 305 -12.53 -49.48 -48.74
CA THR A 305 -12.77 -48.39 -49.69
C THR A 305 -11.48 -47.99 -50.35
N GLY A 306 -11.58 -47.57 -51.61
CA GLY A 306 -10.40 -47.18 -52.37
C GLY A 306 -10.00 -45.73 -52.19
N LEU A 307 -10.86 -44.98 -51.53
CA LEU A 307 -10.64 -43.56 -51.26
C LEU A 307 -9.45 -43.41 -50.33
N PRO A 308 -8.76 -42.28 -50.35
CA PRO A 308 -7.70 -42.06 -49.35
C PRO A 308 -8.23 -41.84 -47.97
N ILE A 309 -7.38 -42.11 -47.01
CA ILE A 309 -7.74 -41.98 -45.60
C ILE A 309 -6.93 -40.92 -44.90
N HIS A 310 -7.58 -40.05 -44.14
CA HIS A 310 -6.89 -38.94 -43.47
C HIS A 310 -7.15 -39.09 -42.01
N PHE A 311 -6.11 -39.15 -41.18
CA PHE A 311 -6.23 -39.40 -39.69
C PHE A 311 -5.88 -38.18 -38.78
N HIS A 312 -6.85 -37.69 -38.04
CA HIS A 312 -6.71 -36.61 -37.00
C HIS A 312 -6.84 -37.23 -35.56
N THR A 313 -5.91 -36.92 -34.67
CA THR A 313 -6.06 -37.24 -33.23
C THR A 313 -5.44 -36.15 -32.32
N HIS A 314 -5.60 -36.26 -30.99
CA HIS A 314 -5.10 -35.29 -30.01
C HIS A 314 -4.14 -36.10 -29.12
N ASP A 315 -3.19 -35.44 -28.40
CA ASP A 315 -2.10 -36.12 -27.65
C ASP A 315 -2.40 -36.15 -26.16
N THR A 316 -3.64 -36.07 -25.76
CA THR A 316 -3.94 -36.00 -24.38
C THR A 316 -3.38 -37.16 -23.58
N SER A 317 -3.51 -38.35 -24.14
CA SER A 317 -2.96 -39.56 -23.57
C SER A 317 -1.41 -39.55 -23.40
N GLY A 318 -0.69 -38.78 -24.21
CA GLY A 318 0.76 -38.86 -24.21
C GLY A 318 1.42 -39.84 -25.15
N ILE A 319 0.65 -40.57 -25.95
CA ILE A 319 1.15 -41.58 -26.87
C ILE A 319 0.63 -41.48 -28.30
N ALA A 320 -0.18 -40.45 -28.58
CA ALA A 320 -0.67 -40.22 -29.93
C ALA A 320 0.45 -40.27 -31.03
N ALA A 321 1.65 -39.73 -30.84
CA ALA A 321 2.69 -40.03 -31.84
C ALA A 321 2.82 -41.53 -32.13
N ALA A 322 2.84 -42.40 -31.12
CA ALA A 322 2.89 -43.86 -31.38
C ALA A 322 1.74 -44.30 -32.30
N THR A 323 0.54 -43.77 -32.06
CA THR A 323 -0.62 -44.16 -32.83
C THR A 323 -0.51 -43.67 -34.29
N VAL A 324 -0.10 -42.43 -34.45
CA VAL A 324 0.13 -41.86 -35.77
C VAL A 324 1.18 -42.67 -36.53
N LEU A 325 2.26 -43.07 -35.88
CA LEU A 325 3.30 -43.76 -36.68
C LEU A 325 2.83 -45.15 -37.02
N ALA A 326 1.84 -45.63 -36.29
CA ALA A 326 1.31 -46.93 -36.56
C ALA A 326 0.38 -46.79 -37.75
N ALA A 327 -0.52 -45.80 -37.74
CA ALA A 327 -1.33 -45.49 -38.90
C ALA A 327 -0.45 -45.39 -40.15
N VAL A 328 0.66 -44.71 -39.99
CA VAL A 328 1.63 -44.59 -41.11
C VAL A 328 2.04 -45.95 -41.58
N GLU A 329 2.42 -46.83 -40.68
CA GLU A 329 3.00 -48.14 -41.07
C GLU A 329 1.90 -48.92 -41.80
N ALA A 330 0.66 -48.69 -41.41
CA ALA A 330 -0.47 -49.42 -41.93
C ALA A 330 -0.97 -48.89 -43.26
N GLY A 331 -0.37 -47.80 -43.76
CA GLY A 331 -0.70 -47.26 -45.10
C GLY A 331 -1.66 -46.06 -45.18
N VAL A 332 -1.85 -45.33 -44.08
CA VAL A 332 -2.76 -44.24 -44.14
C VAL A 332 -2.19 -43.21 -45.04
N ASP A 333 -3.06 -42.34 -45.56
CA ASP A 333 -2.62 -41.44 -46.65
C ASP A 333 -2.13 -40.09 -46.17
N ALA A 334 -2.80 -39.59 -45.16
CA ALA A 334 -2.54 -38.32 -44.54
C ALA A 334 -2.81 -38.43 -43.00
N VAL A 335 -2.07 -37.62 -42.23
CA VAL A 335 -2.10 -37.53 -40.78
C VAL A 335 -1.96 -36.04 -40.48
N ASP A 336 -2.64 -35.57 -39.42
CA ASP A 336 -2.58 -34.17 -38.97
C ASP A 336 -1.56 -34.07 -37.82
N ALA A 337 -0.83 -32.96 -37.75
CA ALA A 337 0.04 -32.70 -36.59
C ALA A 337 0.19 -31.20 -36.40
N ALA A 338 0.78 -30.81 -35.27
CA ALA A 338 0.91 -29.45 -34.91
C ALA A 338 2.33 -29.20 -34.64
N MET A 339 2.80 -28.03 -35.03
CA MET A 339 4.15 -27.56 -34.76
C MET A 339 4.55 -27.77 -33.32
N ASP A 340 5.82 -28.15 -33.15
CA ASP A 340 6.29 -28.53 -31.82
C ASP A 340 5.68 -27.56 -30.73
N ALA A 341 5.88 -26.25 -30.89
CA ALA A 341 5.59 -25.27 -29.85
C ALA A 341 4.09 -25.14 -29.50
N LEU A 342 3.24 -25.83 -30.24
CA LEU A 342 1.82 -25.92 -29.90
C LEU A 342 1.32 -27.36 -30.10
N SER A 343 2.17 -28.30 -29.75
CA SER A 343 1.82 -29.71 -29.80
C SER A 343 1.81 -30.27 -28.40
N GLY A 344 1.30 -31.48 -28.30
CA GLY A 344 1.38 -32.27 -27.10
C GLY A 344 0.11 -32.07 -26.35
N ASN A 345 -0.11 -32.87 -25.33
CA ASN A 345 -1.30 -32.68 -24.50
C ASN A 345 -2.52 -32.60 -25.33
N THR A 346 -3.42 -31.67 -25.03
CA THR A 346 -4.74 -31.65 -25.64
C THR A 346 -4.63 -31.26 -27.11
N SER A 347 -3.44 -30.86 -27.53
CA SER A 347 -3.25 -30.47 -28.92
C SER A 347 -3.03 -31.72 -29.74
N GLN A 348 -2.69 -31.55 -31.02
CA GLN A 348 -2.16 -32.67 -31.82
C GLN A 348 -0.76 -32.99 -31.37
N PRO A 349 -0.22 -34.10 -31.83
CA PRO A 349 1.11 -34.54 -31.48
C PRO A 349 2.19 -33.85 -32.28
N CYS A 350 3.44 -33.93 -31.81
CA CYS A 350 4.51 -33.07 -32.32
C CYS A 350 4.86 -33.42 -33.75
N LEU A 351 4.81 -32.42 -34.64
CA LEU A 351 5.13 -32.56 -36.06
C LEU A 351 6.63 -32.80 -36.37
N GLY A 352 7.52 -32.02 -35.77
CA GLY A 352 8.94 -32.19 -36.01
C GLY A 352 9.41 -33.61 -35.70
N SER A 353 9.03 -34.13 -34.51
CA SER A 353 9.41 -35.48 -34.06
C SER A 353 8.70 -36.57 -34.87
N ILE A 354 7.39 -36.45 -35.14
CA ILE A 354 6.87 -37.34 -36.17
C ILE A 354 7.69 -37.43 -37.49
N VAL A 355 8.18 -36.32 -38.02
CA VAL A 355 8.80 -36.29 -39.33
C VAL A 355 10.21 -36.88 -39.19
N GLU A 356 10.82 -36.48 -38.10
CA GLU A 356 12.12 -36.91 -37.74
C GLU A 356 12.15 -38.43 -37.60
N ALA A 357 11.07 -38.98 -37.07
CA ALA A 357 10.90 -40.43 -36.96
C ALA A 357 10.59 -41.10 -38.32
N LEU A 358 9.94 -40.40 -39.25
CA LEU A 358 9.76 -41.01 -40.60
C LEU A 358 10.95 -40.87 -41.50
N SER A 359 11.97 -40.22 -41.01
CA SER A 359 12.95 -39.68 -41.89
C SER A 359 13.84 -40.80 -42.38
N GLY A 360 14.01 -40.88 -43.70
CA GLY A 360 14.76 -41.95 -44.36
C GLY A 360 13.84 -43.16 -44.56
N SER A 361 12.63 -43.17 -44.01
CA SER A 361 11.77 -44.35 -44.20
C SER A 361 11.21 -44.35 -45.57
N GLU A 362 10.50 -45.41 -45.89
CA GLU A 362 9.89 -45.54 -47.20
C GLU A 362 8.87 -44.46 -47.40
N ARG A 363 8.15 -44.09 -46.35
CA ARG A 363 7.10 -43.15 -46.52
C ARG A 363 7.54 -41.79 -46.02
N ASP A 364 8.87 -41.61 -45.93
CA ASP A 364 9.39 -40.27 -45.67
C ASP A 364 8.55 -39.17 -46.36
N PRO A 365 8.00 -38.22 -45.60
CA PRO A 365 7.07 -37.23 -46.13
C PRO A 365 7.74 -36.06 -46.82
N GLY A 366 9.09 -36.02 -46.84
CA GLY A 366 9.83 -34.99 -47.54
C GLY A 366 9.62 -33.59 -46.94
N LEU A 367 9.81 -33.43 -45.64
CA LEU A 367 9.69 -32.12 -45.05
C LEU A 367 10.96 -31.82 -44.35
N ASP A 368 11.60 -30.73 -44.70
CA ASP A 368 12.88 -30.30 -44.11
C ASP A 368 12.66 -29.94 -42.65
N PRO A 369 13.22 -30.70 -41.71
CA PRO A 369 12.85 -30.40 -40.32
C PRO A 369 13.62 -29.17 -39.81
N ALA A 370 14.69 -28.78 -40.48
CA ALA A 370 15.34 -27.53 -40.09
C ALA A 370 14.26 -26.44 -40.16
N TRP A 371 13.58 -26.38 -41.30
CA TRP A 371 12.61 -25.36 -41.52
C TRP A 371 11.41 -25.55 -40.61
N ILE A 372 11.14 -26.79 -40.21
CA ILE A 372 10.09 -27.07 -39.27
C ILE A 372 10.36 -26.40 -37.91
N ARG A 373 11.63 -26.44 -37.53
CA ARG A 373 12.08 -25.91 -36.23
C ARG A 373 12.09 -24.39 -36.24
N ARG A 374 12.54 -23.80 -37.35
CA ARG A 374 12.52 -22.35 -37.54
C ARG A 374 11.11 -21.83 -37.44
N ILE A 375 10.17 -22.50 -38.09
CA ILE A 375 8.78 -22.11 -38.00
C ILE A 375 8.21 -22.37 -36.62
N SER A 376 8.66 -23.44 -35.95
CA SER A 376 8.16 -23.72 -34.59
C SER A 376 8.67 -22.63 -33.63
N PHE A 377 9.93 -22.27 -33.75
CA PHE A 377 10.48 -21.15 -32.99
C PHE A 377 9.67 -19.84 -33.13
N TYR A 378 9.29 -19.45 -34.36
CA TYR A 378 8.36 -18.33 -34.54
C TYR A 378 7.09 -18.55 -33.69
N TRP A 379 6.55 -19.77 -33.71
CA TRP A 379 5.25 -20.03 -33.03
C TRP A 379 5.37 -19.97 -31.54
N GLU A 380 6.55 -20.29 -31.06
CA GLU A 380 6.84 -20.26 -29.64
C GLU A 380 6.85 -18.80 -29.14
N ALA A 381 7.63 -17.96 -29.83
CA ALA A 381 7.59 -16.53 -29.59
C ALA A 381 6.15 -15.98 -29.74
N VAL A 382 5.41 -16.41 -30.75
CA VAL A 382 4.03 -15.97 -30.85
C VAL A 382 3.26 -16.40 -29.63
N ARG A 383 3.44 -17.65 -29.21
CA ARG A 383 2.69 -18.17 -28.09
C ARG A 383 2.94 -17.45 -26.79
N ASN A 384 4.15 -17.01 -26.52
CA ASN A 384 4.39 -16.29 -25.25
C ASN A 384 3.51 -15.05 -25.03
N GLN A 385 3.11 -14.43 -26.13
CA GLN A 385 2.22 -13.32 -26.10
C GLN A 385 0.85 -13.68 -25.51
N TYR A 386 0.45 -14.95 -25.59
CA TYR A 386 -0.90 -15.36 -25.15
C TYR A 386 -0.90 -15.98 -23.75
N ALA A 387 -0.01 -15.54 -22.89
CA ALA A 387 0.10 -16.11 -21.56
C ALA A 387 -1.22 -16.02 -20.78
N ALA A 388 -2.04 -15.02 -21.05
CA ALA A 388 -3.32 -14.90 -20.35
C ALA A 388 -4.25 -16.09 -20.53
N PHE A 389 -4.01 -16.86 -21.58
CA PHE A 389 -4.91 -17.91 -22.01
C PHE A 389 -4.34 -19.32 -21.85
N GLU A 390 -3.17 -19.44 -21.23
CA GLU A 390 -2.57 -20.73 -21.01
C GLU A 390 -3.41 -21.41 -19.94
N SER A 391 -3.57 -22.73 -20.05
CA SER A 391 -4.18 -23.55 -18.99
C SER A 391 -3.11 -24.06 -18.05
N ASP A 392 -3.54 -24.75 -16.98
CA ASP A 392 -2.57 -25.34 -15.99
C ASP A 392 -2.43 -26.86 -16.17
N LEU A 393 -2.76 -27.36 -17.35
CA LEU A 393 -2.52 -28.74 -17.69
C LEU A 393 -1.02 -29.05 -17.65
N LYS A 394 -0.60 -30.07 -16.91
CA LYS A 394 0.85 -30.34 -16.74
C LYS A 394 1.38 -31.41 -17.69
N GLY A 395 0.52 -32.31 -18.15
CA GLY A 395 0.96 -33.25 -19.20
C GLY A 395 -0.01 -34.37 -19.44
N PRO A 396 0.49 -35.50 -19.95
CA PRO A 396 -0.40 -36.63 -20.36
C PRO A 396 -1.28 -37.13 -19.27
N ALA A 397 -2.41 -37.72 -19.62
CA ALA A 397 -3.30 -38.21 -18.62
C ALA A 397 -4.01 -39.41 -19.20
N SER A 398 -3.84 -40.58 -18.59
CA SER A 398 -4.42 -41.80 -19.11
C SER A 398 -5.90 -41.85 -18.71
N GLU A 399 -6.25 -40.96 -17.82
CA GLU A 399 -7.60 -40.69 -17.50
C GLU A 399 -8.39 -40.38 -18.73
N VAL A 400 -7.79 -39.87 -19.79
CA VAL A 400 -8.62 -39.69 -21.02
C VAL A 400 -9.36 -40.93 -21.51
N TYR A 401 -8.85 -42.13 -21.24
CA TYR A 401 -9.56 -43.40 -21.74
C TYR A 401 -10.85 -43.69 -20.97
N LEU A 402 -10.97 -43.02 -19.85
CA LEU A 402 -12.05 -43.12 -18.97
C LEU A 402 -13.08 -42.04 -19.30
N HIS A 403 -12.71 -40.77 -19.27
CA HIS A 403 -13.72 -39.73 -19.56
C HIS A 403 -14.08 -39.51 -21.07
N GLU A 404 -13.11 -39.67 -21.96
CA GLU A 404 -13.29 -39.43 -23.38
C GLU A 404 -13.67 -38.03 -23.76
N MET A 405 -13.11 -37.05 -23.08
CA MET A 405 -13.39 -35.66 -23.39
C MET A 405 -12.52 -35.29 -24.59
N PRO A 406 -13.14 -34.78 -25.67
CA PRO A 406 -12.38 -34.23 -26.77
C PRO A 406 -11.26 -33.29 -26.32
N GLY A 407 -10.12 -33.32 -27.02
CA GLY A 407 -9.03 -32.41 -26.72
C GLY A 407 -9.46 -30.96 -26.56
N GLY A 408 -10.34 -30.48 -27.43
CA GLY A 408 -10.70 -29.06 -27.46
C GLY A 408 -11.79 -28.69 -26.47
N GLN A 409 -12.33 -29.69 -25.77
CA GLN A 409 -13.37 -29.38 -24.76
C GLN A 409 -12.71 -29.27 -23.41
N PHE A 410 -11.65 -30.02 -23.24
CA PHE A 410 -11.16 -30.40 -21.91
C PHE A 410 -10.97 -29.18 -21.01
N THR A 411 -10.17 -28.21 -21.45
CA THR A 411 -9.75 -27.06 -20.64
C THR A 411 -10.95 -26.17 -20.36
N ASN A 412 -11.71 -25.95 -21.40
CA ASN A 412 -12.98 -25.28 -21.29
C ASN A 412 -13.84 -25.86 -20.21
N LEU A 413 -13.94 -27.19 -20.22
CA LEU A 413 -14.84 -27.82 -19.26
C LEU A 413 -14.22 -27.69 -17.90
N LYS A 414 -12.90 -27.86 -17.82
CA LYS A 414 -12.25 -27.73 -16.52
C LYS A 414 -12.46 -26.31 -15.92
N GLU A 415 -12.53 -25.27 -16.77
CA GLU A 415 -12.77 -23.92 -16.27
C GLU A 415 -14.25 -23.72 -15.89
N GLN A 416 -15.14 -24.26 -16.70
CA GLN A 416 -16.53 -24.14 -16.37
C GLN A 416 -16.80 -24.79 -15.04
N ALA A 417 -16.15 -25.92 -14.77
CA ALA A 417 -16.28 -26.53 -13.45
C ALA A 417 -15.71 -25.65 -12.35
N ARG A 418 -14.57 -25.01 -12.61
CA ARG A 418 -14.01 -24.04 -11.62
C ARG A 418 -15.03 -22.93 -11.29
N SER A 419 -15.51 -22.32 -12.36
CA SER A 419 -16.60 -21.36 -12.39
C SER A 419 -17.67 -21.71 -11.40
N LEU A 420 -18.05 -22.99 -11.34
CA LEU A 420 -19.18 -23.45 -10.48
C LEU A 420 -18.75 -23.98 -9.11
N GLY A 421 -17.53 -23.69 -8.70
CA GLY A 421 -17.07 -24.12 -7.41
C GLY A 421 -16.63 -25.56 -7.35
N LEU A 422 -16.29 -26.16 -8.48
CA LEU A 422 -16.00 -27.57 -8.48
C LEU A 422 -14.54 -27.95 -8.77
N GLU A 423 -13.63 -27.00 -8.72
CA GLU A 423 -12.20 -27.25 -8.89
C GLU A 423 -11.71 -28.44 -8.05
N THR A 424 -11.97 -28.45 -6.76
CA THR A 424 -11.49 -29.57 -5.96
C THR A 424 -12.04 -30.90 -6.42
N ARG A 425 -13.13 -30.88 -7.17
CA ARG A 425 -13.79 -32.10 -7.63
C ARG A 425 -13.66 -32.41 -9.13
N TRP A 426 -12.73 -31.78 -9.81
CA TRP A 426 -12.56 -32.12 -11.19
C TRP A 426 -12.71 -33.63 -11.45
N HIS A 427 -11.96 -34.48 -10.76
CA HIS A 427 -12.01 -35.92 -11.01
C HIS A 427 -13.40 -36.56 -10.94
N GLN A 428 -14.30 -36.03 -10.09
CA GLN A 428 -15.69 -36.49 -10.03
C GLN A 428 -16.54 -36.02 -11.23
N VAL A 429 -16.11 -34.94 -11.86
CA VAL A 429 -16.77 -34.41 -13.05
C VAL A 429 -16.35 -35.28 -14.19
N ALA A 430 -15.09 -35.61 -14.25
CA ALA A 430 -14.61 -36.55 -15.27
C ALA A 430 -15.30 -37.94 -15.16
N GLN A 431 -15.53 -38.42 -13.93
CA GLN A 431 -16.25 -39.68 -13.70
C GLN A 431 -17.70 -39.46 -14.03
N ALA A 432 -18.31 -38.34 -13.61
CA ALA A 432 -19.73 -38.12 -13.99
C ALA A 432 -19.95 -37.98 -15.51
N TYR A 433 -18.89 -37.59 -16.22
CA TYR A 433 -18.96 -37.36 -17.62
C TYR A 433 -19.03 -38.74 -18.26
N ALA A 434 -18.12 -39.63 -17.87
CA ALA A 434 -18.18 -41.05 -18.28
C ALA A 434 -19.50 -41.67 -17.97
N ASP A 435 -19.97 -41.49 -16.75
CA ASP A 435 -21.28 -42.11 -16.39
C ASP A 435 -22.31 -41.54 -17.24
N ALA A 436 -22.29 -40.23 -17.55
CA ALA A 436 -23.40 -39.59 -18.32
C ALA A 436 -23.44 -40.15 -19.74
N ASN A 437 -22.23 -40.38 -20.25
CA ASN A 437 -22.02 -40.88 -21.58
C ASN A 437 -22.69 -42.22 -21.70
N GLN A 438 -22.51 -43.09 -20.71
CA GLN A 438 -23.15 -44.41 -20.73
C GLN A 438 -24.65 -44.16 -20.47
N MET A 439 -25.02 -43.25 -19.58
CA MET A 439 -26.48 -43.05 -19.37
C MET A 439 -27.09 -42.62 -20.71
N PHE A 440 -26.29 -42.02 -21.64
CA PHE A 440 -26.96 -41.52 -22.89
C PHE A 440 -27.10 -42.63 -23.94
N GLY A 441 -26.79 -43.85 -23.51
CA GLY A 441 -26.66 -44.94 -24.43
C GLY A 441 -25.25 -45.23 -24.95
N ASP A 442 -24.26 -44.44 -24.58
CA ASP A 442 -22.78 -44.60 -25.06
C ASP A 442 -22.60 -43.97 -26.46
N ILE A 443 -22.35 -42.67 -26.51
CA ILE A 443 -22.50 -41.89 -27.78
C ILE A 443 -21.24 -41.15 -28.17
N VAL A 444 -21.22 -40.72 -29.42
CA VAL A 444 -20.12 -39.97 -29.96
C VAL A 444 -20.20 -38.59 -29.33
N LYS A 445 -19.09 -38.22 -28.70
CA LYS A 445 -18.97 -36.95 -27.95
C LYS A 445 -18.00 -35.98 -28.68
N VAL A 446 -18.59 -34.99 -29.36
CA VAL A 446 -17.83 -34.03 -30.20
C VAL A 446 -18.74 -32.86 -30.48
N THR A 447 -18.15 -31.74 -30.90
CA THR A 447 -18.99 -30.56 -30.96
C THR A 447 -20.21 -30.80 -31.88
N PRO A 448 -21.41 -30.56 -31.38
CA PRO A 448 -21.90 -30.09 -30.11
C PRO A 448 -22.46 -31.14 -29.11
N SER A 449 -22.48 -32.43 -29.41
CA SER A 449 -22.95 -33.41 -28.43
C SER A 449 -22.06 -33.44 -27.18
N SER A 450 -20.77 -33.17 -27.34
CA SER A 450 -19.87 -33.21 -26.17
C SER A 450 -20.24 -32.24 -25.07
N LYS A 451 -20.82 -31.13 -25.45
CA LYS A 451 -21.16 -30.09 -24.53
C LYS A 451 -22.39 -30.49 -23.74
N VAL A 452 -23.28 -31.25 -24.39
CA VAL A 452 -24.43 -31.80 -23.75
C VAL A 452 -24.06 -32.69 -22.54
N VAL A 453 -23.08 -33.55 -22.77
CA VAL A 453 -22.66 -34.54 -21.81
C VAL A 453 -22.02 -33.75 -20.65
N GLY A 454 -21.32 -32.64 -20.98
CA GLY A 454 -20.62 -31.80 -20.00
C GLY A 454 -21.61 -31.09 -19.12
N ASP A 455 -22.66 -30.55 -19.73
CA ASP A 455 -23.67 -29.85 -18.94
C ASP A 455 -24.18 -30.91 -18.01
N MET A 456 -24.32 -32.15 -18.51
CA MET A 456 -24.94 -33.21 -17.73
CA MET A 456 -24.96 -33.20 -17.73
C MET A 456 -24.08 -33.55 -16.51
N ALA A 457 -22.76 -33.70 -16.73
CA ALA A 457 -21.82 -34.04 -15.71
C ALA A 457 -21.73 -32.99 -14.63
N LEU A 458 -21.60 -31.75 -15.07
CA LEU A 458 -21.57 -30.62 -14.14
C LEU A 458 -22.77 -30.66 -13.25
N MET A 459 -23.95 -30.88 -13.82
CA MET A 459 -25.17 -30.80 -12.97
C MET A 459 -25.19 -31.98 -11.95
N MET A 460 -24.82 -33.16 -12.40
CA MET A 460 -24.77 -34.34 -11.53
C MET A 460 -23.81 -34.13 -10.36
N VAL A 461 -22.67 -33.49 -10.62
CA VAL A 461 -21.73 -33.25 -9.56
C VAL A 461 -22.15 -32.12 -8.66
N SER A 462 -22.62 -31.00 -9.20
CA SER A 462 -23.13 -29.91 -8.35
C SER A 462 -24.21 -30.34 -7.46
N GLN A 463 -25.09 -31.14 -7.99
CA GLN A 463 -26.35 -31.44 -7.29
C GLN A 463 -26.22 -32.82 -6.67
N ASP A 464 -25.06 -33.46 -6.90
CA ASP A 464 -24.77 -34.73 -6.26
C ASP A 464 -25.72 -35.86 -6.66
N LEU A 465 -25.85 -36.11 -7.95
CA LEU A 465 -26.85 -37.08 -8.42
C LEU A 465 -26.10 -38.13 -9.16
N THR A 466 -26.31 -39.38 -8.76
CA THR A 466 -26.01 -40.57 -9.54
C THR A 466 -26.94 -40.64 -10.76
N VAL A 467 -26.54 -41.47 -11.68
CA VAL A 467 -27.37 -41.82 -12.80
C VAL A 467 -28.76 -42.36 -12.39
N ALA A 468 -28.78 -43.16 -11.33
CA ALA A 468 -29.98 -43.72 -10.81
C ALA A 468 -30.86 -42.60 -10.31
N ASP A 469 -30.27 -41.63 -9.61
CA ASP A 469 -31.08 -40.48 -9.14
C ASP A 469 -31.58 -39.76 -10.34
N VAL A 470 -30.74 -39.62 -11.34
CA VAL A 470 -31.13 -38.84 -12.53
C VAL A 470 -32.36 -39.40 -13.22
N VAL A 471 -32.54 -40.72 -13.21
CA VAL A 471 -33.70 -41.35 -13.88
C VAL A 471 -34.77 -41.80 -12.87
N SER A 472 -34.73 -41.27 -11.66
CA SER A 472 -35.46 -41.82 -10.60
C SER A 472 -36.88 -41.23 -10.65
N PRO A 473 -37.84 -42.07 -10.41
CA PRO A 473 -39.21 -41.65 -10.55
C PRO A 473 -39.56 -40.65 -9.46
N ASP A 474 -39.01 -40.81 -8.26
CA ASP A 474 -39.38 -39.93 -7.15
C ASP A 474 -38.47 -38.69 -7.04
N ARG A 475 -37.57 -38.44 -7.99
CA ARG A 475 -36.64 -37.34 -7.88
C ARG A 475 -36.82 -36.32 -9.02
N GLU A 476 -37.27 -35.12 -8.70
CA GLU A 476 -37.31 -34.07 -9.69
C GLU A 476 -35.90 -33.65 -10.20
N VAL A 477 -35.74 -33.49 -11.49
CA VAL A 477 -34.47 -33.04 -12.00
C VAL A 477 -34.81 -32.04 -13.04
N SER A 478 -34.20 -30.86 -13.04
CA SER A 478 -34.41 -29.95 -14.20
C SER A 478 -33.14 -30.12 -15.01
N PHE A 479 -33.29 -30.93 -16.04
CA PHE A 479 -32.32 -31.20 -17.02
C PHE A 479 -31.92 -29.93 -17.75
N PRO A 480 -30.63 -29.82 -18.12
CA PRO A 480 -30.14 -28.67 -18.89
C PRO A 480 -30.89 -28.55 -20.20
N GLU A 481 -30.90 -27.35 -20.83
CA GLU A 481 -31.58 -27.27 -22.11
C GLU A 481 -30.89 -28.09 -23.19
N SER A 482 -29.54 -28.12 -23.19
CA SER A 482 -28.90 -28.81 -24.24
C SER A 482 -29.27 -30.30 -24.14
N VAL A 483 -29.61 -30.80 -22.93
CA VAL A 483 -29.89 -32.21 -22.77
C VAL A 483 -31.29 -32.52 -23.22
N VAL A 484 -32.30 -31.71 -22.75
CA VAL A 484 -33.67 -31.84 -23.18
C VAL A 484 -33.73 -31.84 -24.69
N SER A 485 -33.00 -30.91 -25.29
CA SER A 485 -33.00 -30.67 -26.75
C SER A 485 -32.34 -31.79 -27.51
N MET A 486 -31.26 -32.32 -26.98
CA MET A 486 -30.65 -33.48 -27.59
C MET A 486 -31.67 -34.63 -27.53
N LEU A 487 -32.24 -34.88 -26.38
CA LEU A 487 -33.06 -36.07 -26.29
C LEU A 487 -34.32 -35.85 -27.12
N LYS A 488 -34.65 -34.58 -27.35
CA LYS A 488 -35.70 -34.27 -28.29
C LYS A 488 -35.40 -34.73 -29.73
N GLY A 489 -34.13 -34.70 -30.15
CA GLY A 489 -33.74 -35.06 -31.54
C GLY A 489 -32.98 -33.96 -32.34
N ASP A 490 -32.80 -32.78 -31.71
CA ASP A 490 -32.19 -31.61 -32.36
C ASP A 490 -30.80 -31.77 -32.84
N LEU A 491 -30.02 -32.68 -32.27
CA LEU A 491 -28.73 -32.94 -32.74
C LEU A 491 -28.79 -34.16 -33.65
N GLY A 492 -30.00 -34.71 -33.87
CA GLY A 492 -30.12 -35.97 -34.65
C GLY A 492 -30.19 -37.29 -33.83
N GLN A 493 -29.99 -38.40 -34.50
CA GLN A 493 -30.27 -39.72 -33.94
C GLN A 493 -29.02 -40.56 -33.88
N PRO A 494 -28.69 -41.12 -32.69
CA PRO A 494 -27.64 -42.09 -32.52
C PRO A 494 -28.14 -43.43 -33.02
N PRO A 495 -27.19 -44.33 -33.38
CA PRO A 495 -27.51 -45.61 -34.06
C PRO A 495 -28.64 -46.46 -33.41
N SER A 496 -28.75 -46.45 -32.09
CA SER A 496 -29.78 -47.29 -31.47
C SER A 496 -30.87 -46.49 -30.78
N GLY A 497 -31.07 -45.24 -31.23
CA GLY A 497 -32.01 -44.29 -30.60
C GLY A 497 -31.61 -43.75 -29.23
N TRP A 498 -32.50 -42.97 -28.64
CA TRP A 498 -32.26 -42.39 -27.30
C TRP A 498 -32.89 -43.32 -26.24
N PRO A 499 -32.28 -43.48 -25.04
CA PRO A 499 -32.95 -44.36 -24.05
C PRO A 499 -34.35 -43.86 -23.71
N GLU A 500 -35.35 -44.71 -23.85
CA GLU A 500 -36.70 -44.27 -23.65
C GLU A 500 -37.00 -43.61 -22.32
N ALA A 501 -36.58 -44.22 -21.21
CA ALA A 501 -37.03 -43.73 -19.90
C ALA A 501 -36.36 -42.41 -19.54
N LEU A 502 -35.04 -42.30 -19.72
CA LEU A 502 -34.39 -40.99 -19.58
C LEU A 502 -35.08 -39.87 -20.42
N GLN A 503 -35.18 -40.10 -21.74
CA GLN A 503 -35.94 -39.24 -22.65
C GLN A 503 -37.32 -38.88 -22.12
N LYS A 504 -38.12 -39.85 -21.71
CA LYS A 504 -39.52 -39.52 -21.31
C LYS A 504 -39.50 -38.59 -20.06
N LYS A 505 -38.52 -38.80 -19.18
CA LYS A 505 -38.39 -37.98 -17.96
C LYS A 505 -37.88 -36.57 -18.26
N ALA A 506 -36.82 -36.52 -19.06
CA ALA A 506 -36.27 -35.26 -19.53
C ALA A 506 -37.23 -34.33 -20.27
N LEU A 507 -38.30 -34.79 -20.95
CA LEU A 507 -39.08 -33.94 -21.88
C LEU A 507 -40.38 -33.45 -21.35
N LYS A 508 -40.80 -34.01 -20.24
CA LYS A 508 -41.85 -33.43 -19.49
C LYS A 508 -43.15 -33.29 -20.30
N GLY A 509 -43.39 -34.29 -21.16
CA GLY A 509 -44.58 -34.32 -22.02
C GLY A 509 -44.37 -33.81 -23.44
N GLU A 510 -43.14 -33.40 -23.80
CA GLU A 510 -42.91 -32.97 -25.16
C GLU A 510 -42.69 -34.22 -25.95
N LYS A 511 -43.10 -34.20 -27.20
CA LYS A 511 -42.89 -35.33 -28.10
C LYS A 511 -41.52 -35.29 -28.79
N PRO A 512 -40.73 -36.34 -28.68
CA PRO A 512 -39.51 -36.40 -29.46
C PRO A 512 -39.68 -36.64 -30.96
N TYR A 513 -38.64 -36.38 -31.76
CA TYR A 513 -38.69 -36.79 -33.17
C TYR A 513 -37.45 -37.55 -33.62
N THR A 514 -37.61 -38.35 -34.67
CA THR A 514 -36.50 -39.10 -35.20
C THR A 514 -36.08 -38.81 -36.66
N VAL A 515 -36.79 -37.92 -37.34
CA VAL A 515 -36.33 -37.30 -38.60
C VAL A 515 -35.05 -36.40 -38.38
N ARG A 516 -34.25 -36.26 -39.46
CA ARG A 516 -33.28 -35.15 -39.66
C ARG A 516 -33.87 -33.84 -39.12
N PRO A 517 -33.16 -33.18 -38.19
CA PRO A 517 -33.70 -31.94 -37.63
C PRO A 517 -33.96 -30.88 -38.68
N GLY A 518 -33.08 -30.83 -39.67
CA GLY A 518 -33.20 -29.83 -40.75
C GLY A 518 -34.40 -29.95 -41.65
N SER A 519 -35.00 -31.13 -41.72
CA SER A 519 -36.24 -31.32 -42.41
C SER A 519 -37.48 -30.72 -41.69
N LEU A 520 -37.34 -30.23 -40.46
CA LEU A 520 -38.46 -29.56 -39.78
C LEU A 520 -38.29 -28.06 -39.69
N LEU A 521 -37.15 -27.55 -40.17
CA LEU A 521 -36.84 -26.12 -40.05
C LEU A 521 -37.32 -25.31 -41.25
N LYS A 522 -37.95 -24.15 -41.00
CA LYS A 522 -38.27 -23.25 -42.10
C LYS A 522 -36.99 -23.00 -42.92
N GLU A 523 -37.08 -23.11 -44.22
CA GLU A 523 -36.12 -22.48 -45.12
C GLU A 523 -35.95 -21.03 -44.64
N ALA A 524 -34.72 -20.55 -44.60
CA ALA A 524 -34.50 -19.15 -44.25
C ALA A 524 -34.92 -18.29 -45.41
N ASP A 525 -35.72 -17.25 -45.16
CA ASP A 525 -36.04 -16.33 -46.22
C ASP A 525 -34.82 -15.41 -46.40
N LEU A 526 -33.88 -15.87 -47.25
CA LEU A 526 -32.61 -15.21 -47.45
C LEU A 526 -32.69 -13.73 -47.81
N ASP A 527 -33.54 -13.37 -48.74
CA ASP A 527 -33.60 -11.98 -49.21
C ASP A 527 -34.11 -11.05 -48.15
N ALA A 528 -35.00 -11.55 -47.31
CA ALA A 528 -35.57 -10.72 -46.24
C ALA A 528 -34.56 -10.53 -45.09
N GLU A 529 -33.95 -11.61 -44.63
CA GLU A 529 -33.01 -11.54 -43.54
C GLU A 529 -31.81 -10.64 -43.89
N ARG A 530 -31.47 -10.59 -45.18
CA ARG A 530 -30.44 -9.70 -45.62
C ARG A 530 -30.90 -8.25 -45.44
N LYS A 531 -32.16 -7.97 -45.75
CA LYS A 531 -32.68 -6.63 -45.53
C LYS A 531 -32.71 -6.28 -44.03
N VAL A 532 -32.81 -7.28 -43.15
CA VAL A 532 -32.76 -7.01 -41.71
C VAL A 532 -31.37 -6.48 -41.32
N ILE A 533 -30.34 -7.29 -41.48
CA ILE A 533 -29.02 -6.90 -41.06
C ILE A 533 -28.59 -5.63 -41.76
N GLU A 534 -29.03 -5.41 -43.00
CA GLU A 534 -28.69 -4.16 -43.70
C GLU A 534 -29.40 -2.92 -43.13
N LYS A 535 -30.63 -3.08 -42.64
CA LYS A 535 -31.34 -2.00 -41.94
C LYS A 535 -30.70 -1.74 -40.58
N LYS A 536 -30.29 -2.79 -39.87
CA LYS A 536 -29.70 -2.63 -38.52
C LYS A 536 -28.35 -1.91 -38.59
N LEU A 537 -27.62 -2.13 -39.67
CA LEU A 537 -26.29 -1.54 -39.83
C LEU A 537 -26.32 -0.32 -40.70
N GLU A 538 -27.48 0.02 -41.23
CA GLU A 538 -27.57 1.15 -42.19
C GLU A 538 -26.57 1.11 -43.35
N ARG A 539 -26.21 -0.05 -43.87
CA ARG A 539 -25.40 -0.15 -45.08
C ARG A 539 -25.58 -1.51 -45.74
N GLU A 540 -25.18 -1.66 -47.00
CA GLU A 540 -25.09 -2.98 -47.64
C GLU A 540 -23.98 -3.81 -47.02
N VAL A 541 -24.21 -5.11 -46.89
CA VAL A 541 -23.19 -6.01 -46.40
C VAL A 541 -22.69 -6.86 -47.57
N SER A 542 -21.58 -7.57 -47.40
CA SER A 542 -21.12 -8.48 -48.44
C SER A 542 -21.77 -9.84 -48.19
N ASP A 543 -21.62 -10.72 -49.17
CA ASP A 543 -22.10 -12.10 -49.05
C ASP A 543 -21.38 -12.85 -47.95
N PHE A 544 -20.10 -12.57 -47.77
CA PHE A 544 -19.35 -13.13 -46.63
C PHE A 544 -19.87 -12.64 -45.27
N GLU A 545 -20.14 -11.35 -45.16
CA GLU A 545 -20.70 -10.80 -43.94
C GLU A 545 -22.07 -11.41 -43.68
N PHE A 546 -22.84 -11.62 -44.73
CA PHE A 546 -24.19 -12.18 -44.55
C PHE A 546 -24.17 -13.64 -44.12
N ALA A 547 -23.21 -14.40 -44.59
CA ALA A 547 -23.06 -15.77 -44.13
C ALA A 547 -22.70 -15.83 -42.63
N SER A 548 -21.90 -14.86 -42.19
CA SER A 548 -21.54 -14.64 -40.79
C SER A 548 -22.78 -14.34 -39.98
N TYR A 549 -23.56 -13.39 -40.46
CA TYR A 549 -24.84 -13.07 -39.84
C TYR A 549 -25.72 -14.31 -39.74
N LEU A 550 -25.75 -15.13 -40.81
CA LEU A 550 -26.63 -16.27 -40.82
C LEU A 550 -26.20 -17.28 -39.82
N MET A 551 -24.90 -17.38 -39.55
CA MET A 551 -24.40 -18.32 -38.56
C MET A 551 -24.47 -17.77 -37.11
N TYR A 552 -24.21 -16.47 -36.97
CA TYR A 552 -24.00 -15.81 -35.67
C TYR A 552 -24.57 -14.39 -35.74
N PRO A 553 -25.92 -14.27 -35.73
CA PRO A 553 -26.57 -12.99 -35.87
C PRO A 553 -26.19 -11.98 -34.81
N LYS A 554 -26.13 -12.41 -33.56
CA LYS A 554 -25.92 -11.43 -32.48
C LYS A 554 -24.44 -11.08 -32.47
N VAL A 555 -23.63 -12.12 -32.47
CA VAL A 555 -22.21 -11.93 -32.42
C VAL A 555 -21.71 -11.11 -33.59
N PHE A 556 -22.20 -11.38 -34.80
CA PHE A 556 -21.78 -10.63 -35.98
C PHE A 556 -22.17 -9.15 -35.90
N THR A 557 -23.41 -8.90 -35.56
CA THR A 557 -23.90 -7.52 -35.32
C THR A 557 -23.02 -6.76 -34.29
N ASP A 558 -22.71 -7.38 -33.16
CA ASP A 558 -21.77 -6.78 -32.22
C ASP A 558 -20.42 -6.50 -32.87
N PHE A 559 -19.87 -7.49 -33.58
CA PHE A 559 -18.61 -7.29 -34.26
C PHE A 559 -18.68 -6.15 -35.27
N ALA A 560 -19.79 -5.97 -35.97
CA ALA A 560 -19.79 -4.92 -36.98
C ALA A 560 -19.82 -3.58 -36.33
N LEU A 561 -20.61 -3.45 -35.27
CA LEU A 561 -20.71 -2.19 -34.48
C LEU A 561 -19.33 -1.85 -33.89
N ALA A 562 -18.65 -2.83 -33.32
CA ALA A 562 -17.29 -2.62 -32.84
C ALA A 562 -16.31 -2.13 -33.94
N SER A 563 -16.24 -2.82 -35.06
CA SER A 563 -15.46 -2.37 -36.22
C SER A 563 -15.75 -0.95 -36.54
N ASP A 564 -17.01 -0.56 -36.47
CA ASP A 564 -17.37 0.83 -36.75
C ASP A 564 -16.71 1.81 -35.77
N THR A 565 -16.73 1.48 -34.48
CA THR A 565 -16.15 2.34 -33.47
C THR A 565 -14.61 2.28 -33.55
N TYR A 566 -14.05 1.07 -33.50
CA TYR A 566 -12.61 0.89 -33.32
C TYR A 566 -11.72 0.74 -34.55
N GLY A 567 -12.32 0.70 -35.74
CA GLY A 567 -11.52 0.55 -36.96
C GLY A 567 -10.95 -0.86 -37.09
N PRO A 568 -9.93 -1.03 -37.90
CA PRO A 568 -9.37 -2.32 -38.25
C PRO A 568 -8.36 -2.83 -37.24
N VAL A 569 -8.85 -3.08 -36.03
CA VAL A 569 -7.97 -3.48 -34.95
C VAL A 569 -7.16 -4.74 -35.22
N SER A 570 -7.48 -5.51 -36.24
CA SER A 570 -6.70 -6.74 -36.53
C SER A 570 -5.29 -6.43 -37.02
N VAL A 571 -5.06 -5.21 -37.46
CA VAL A 571 -3.75 -4.83 -37.92
C VAL A 571 -2.83 -4.48 -36.76
N LEU A 572 -3.34 -4.38 -35.53
CA LEU A 572 -2.45 -4.15 -34.37
C LEU A 572 -1.63 -5.42 -33.99
N PRO A 573 -0.36 -5.24 -33.65
CA PRO A 573 0.36 -6.37 -33.09
C PRO A 573 -0.28 -6.82 -31.80
N THR A 574 -0.11 -8.09 -31.46
CA THR A 574 -0.85 -8.67 -30.38
C THR A 574 -0.62 -8.02 -29.00
N PRO A 575 0.61 -7.60 -28.67
CA PRO A 575 0.67 -6.96 -27.32
C PRO A 575 -0.15 -5.71 -27.25
N ALA A 576 -0.11 -4.91 -28.29
CA ALA A 576 -0.90 -3.68 -28.35
C ALA A 576 -2.40 -3.99 -28.34
N TYR A 577 -2.84 -5.05 -29.03
CA TYR A 577 -4.26 -5.41 -29.02
C TYR A 577 -4.76 -5.72 -27.63
N PHE A 578 -3.96 -6.39 -26.81
CA PHE A 578 -4.42 -6.77 -25.46
C PHE A 578 -4.06 -5.83 -24.33
N TYR A 579 -2.99 -5.03 -24.50
CA TYR A 579 -2.51 -4.21 -23.37
C TYR A 579 -2.33 -2.72 -23.65
N GLY A 580 -2.48 -2.32 -24.91
CA GLY A 580 -2.38 -0.92 -25.24
C GLY A 580 -0.93 -0.52 -25.30
N LEU A 581 -0.64 0.72 -24.90
CA LEU A 581 0.72 1.25 -24.83
C LEU A 581 1.08 1.72 -23.44
N ALA A 582 2.27 1.31 -23.01
CA ALA A 582 2.83 1.79 -21.80
C ALA A 582 3.19 3.30 -21.95
N ASP A 583 3.53 3.96 -20.85
CA ASP A 583 3.90 5.36 -20.93
C ASP A 583 5.20 5.45 -21.70
N GLY A 584 5.23 6.37 -22.65
CA GLY A 584 6.42 6.59 -23.42
C GLY A 584 6.59 5.63 -24.57
N GLU A 585 5.69 4.65 -24.71
CA GLU A 585 5.92 3.59 -25.69
C GLU A 585 5.70 4.03 -27.16
N GLU A 586 6.59 3.57 -28.03
CA GLU A 586 6.50 3.78 -29.49
C GLU A 586 6.03 2.54 -30.22
N LEU A 587 4.93 2.66 -30.95
CA LEU A 587 4.34 1.55 -31.69
C LEU A 587 4.25 1.89 -33.18
N PHE A 588 4.49 0.87 -34.04
CA PHE A 588 4.46 1.02 -35.52
C PHE A 588 3.25 0.27 -35.96
N ALA A 589 2.43 0.81 -36.85
CA ALA A 589 1.23 0.10 -37.27
C ALA A 589 0.75 0.46 -38.68
N ASP A 590 0.49 -0.60 -39.45
CA ASP A 590 0.10 -0.53 -40.83
C ASP A 590 -1.39 -0.67 -40.94
N ILE A 591 -2.08 0.43 -41.24
CA ILE A 591 -3.47 0.33 -41.67
C ILE A 591 -3.54 -0.04 -43.17
N GLU A 592 -2.50 0.32 -43.93
CA GLU A 592 -2.31 -0.10 -45.32
C GLU A 592 -0.84 -0.43 -45.61
N LYS A 593 -0.60 -0.99 -46.79
CA LYS A 593 0.76 -1.38 -47.24
C LYS A 593 1.76 -0.21 -47.20
N GLY A 594 1.47 0.83 -47.97
CA GLY A 594 2.34 2.00 -48.01
C GLY A 594 2.27 2.97 -46.83
N LYS A 595 1.35 2.75 -45.87
CA LYS A 595 1.18 3.71 -44.75
C LYS A 595 1.41 3.05 -43.38
N THR A 596 2.58 3.30 -42.80
CA THR A 596 2.88 2.89 -41.42
C THR A 596 2.82 4.07 -40.43
N LEU A 597 1.75 4.08 -39.63
CA LEU A 597 1.56 4.99 -38.49
C LEU A 597 2.64 4.75 -37.41
N VAL A 598 3.26 5.83 -36.92
CA VAL A 598 4.10 5.79 -35.67
C VAL A 598 3.34 6.43 -34.49
N ILE A 599 3.03 5.63 -33.47
CA ILE A 599 2.17 6.09 -32.37
C ILE A 599 2.93 6.09 -31.07
N VAL A 600 2.93 7.22 -30.37
CA VAL A 600 3.58 7.33 -29.09
C VAL A 600 2.55 7.73 -28.05
N ASN A 601 2.57 7.01 -26.92
CA ASN A 601 1.85 7.41 -25.71
C ASN A 601 2.69 8.39 -24.93
N GLN A 602 2.29 9.64 -24.95
CA GLN A 602 3.12 10.68 -24.29
C GLN A 602 2.70 10.99 -22.86
N ALA A 603 1.43 10.79 -22.58
CA ALA A 603 0.88 11.10 -21.29
C ALA A 603 -0.52 10.62 -21.29
N VAL A 604 -1.03 10.43 -20.10
CA VAL A 604 -2.41 10.05 -19.87
C VAL A 604 -2.92 10.93 -18.76
N SER A 605 -4.15 11.44 -18.87
CA SER A 605 -4.65 12.35 -17.85
C SER A 605 -5.36 11.64 -16.68
N ALA A 606 -5.54 12.38 -15.59
CA ALA A 606 -6.45 11.99 -14.52
C ALA A 606 -7.85 11.94 -15.10
N THR A 607 -8.76 11.32 -14.35
CA THR A 607 -10.12 11.13 -14.84
C THR A 607 -10.86 12.42 -14.63
N ASP A 608 -11.41 12.97 -15.71
CA ASP A 608 -12.08 14.28 -15.61
C ASP A 608 -13.44 14.14 -14.96
N SER A 609 -14.04 15.29 -14.72
CA SER A 609 -15.37 15.41 -14.12
C SER A 609 -16.50 14.72 -14.95
N GLN A 610 -16.28 14.50 -16.24
CA GLN A 610 -17.24 13.76 -17.05
C GLN A 610 -16.97 12.27 -17.00
N GLY A 611 -16.10 11.84 -16.09
CA GLY A 611 -15.68 10.44 -16.04
C GLY A 611 -14.92 9.97 -17.28
N MET A 612 -14.37 10.89 -18.07
CA MET A 612 -13.47 10.56 -19.19
C MET A 612 -12.01 10.70 -18.77
N VAL A 613 -11.15 10.00 -19.49
CA VAL A 613 -9.71 10.11 -19.40
C VAL A 613 -9.22 10.50 -20.79
N THR A 614 -8.29 11.42 -20.88
CA THR A 614 -7.74 11.87 -22.16
C THR A 614 -6.35 11.32 -22.34
N VAL A 615 -6.15 10.46 -23.32
CA VAL A 615 -4.82 9.99 -23.69
C VAL A 615 -4.19 10.91 -24.74
N PHE A 616 -2.95 11.30 -24.49
CA PHE A 616 -2.22 12.24 -25.32
C PHE A 616 -1.26 11.50 -26.22
N PHE A 617 -1.63 11.32 -27.49
CA PHE A 617 -0.79 10.60 -28.45
C PHE A 617 -0.01 11.52 -29.39
N GLU A 618 1.13 11.03 -29.88
CA GLU A 618 1.78 11.59 -31.05
C GLU A 618 1.55 10.58 -32.18
N LEU A 619 0.91 11.02 -33.27
CA LEU A 619 0.74 10.24 -34.52
C LEU A 619 1.65 10.88 -35.56
N ASN A 620 2.66 10.13 -35.98
CA ASN A 620 3.59 10.58 -37.01
C ASN A 620 4.14 11.98 -36.81
N GLY A 621 4.59 12.25 -35.59
CA GLY A 621 5.07 13.57 -35.17
C GLY A 621 3.99 14.62 -34.85
N GLN A 622 2.72 14.33 -35.04
CA GLN A 622 1.62 15.30 -34.80
C GLN A 622 0.84 14.94 -33.52
N PRO A 623 0.38 15.96 -32.78
CA PRO A 623 -0.34 15.69 -31.53
C PRO A 623 -1.80 15.33 -31.77
N ARG A 624 -2.24 14.26 -31.14
CA ARG A 624 -3.64 13.84 -31.15
C ARG A 624 -4.09 13.55 -29.72
N ARG A 625 -5.29 13.96 -29.36
CA ARG A 625 -5.80 13.70 -28.03
C ARG A 625 -7.10 12.96 -28.08
N ILE A 626 -7.11 11.76 -27.51
CA ILE A 626 -8.29 10.95 -27.52
C ILE A 626 -8.88 10.78 -26.14
N LYS A 627 -10.15 11.19 -25.98
CA LYS A 627 -10.92 10.94 -24.76
C LYS A 627 -11.62 9.58 -24.83
N VAL A 628 -11.58 8.85 -23.71
CA VAL A 628 -12.31 7.59 -23.58
C VAL A 628 -12.86 7.56 -22.18
N PRO A 629 -13.82 6.65 -21.90
CA PRO A 629 -14.39 6.62 -20.54
C PRO A 629 -13.56 5.85 -19.54
N ASP A 630 -13.57 6.30 -18.30
CA ASP A 630 -13.03 5.50 -17.18
C ASP A 630 -14.06 4.43 -16.79
N ARG A 631 -13.89 3.20 -17.18
CA ARG A 631 -14.95 2.19 -16.94
C ARG A 631 -14.93 1.56 -15.55
N ALA A 632 -14.08 2.04 -14.65
CA ALA A 632 -13.87 1.34 -13.38
C ALA A 632 -15.03 1.54 -12.40
N ASP B 36 6.91 34.58 -23.46
CA ASP B 36 8.17 34.44 -22.63
C ASP B 36 8.06 34.80 -21.15
N ARG B 37 7.32 35.84 -20.78
CA ARG B 37 7.02 36.01 -19.35
C ARG B 37 6.13 34.84 -18.91
N ALA B 38 5.12 34.57 -19.74
CA ALA B 38 4.22 33.47 -19.50
C ALA B 38 4.93 32.12 -19.68
N THR B 39 5.86 31.98 -20.62
CA THR B 39 6.60 30.73 -20.69
C THR B 39 7.35 30.47 -19.38
N LYS B 40 7.87 31.53 -18.77
CA LYS B 40 8.64 31.39 -17.53
C LYS B 40 7.75 30.97 -16.38
N LEU B 41 6.55 31.53 -16.35
CA LEU B 41 5.62 31.23 -15.27
C LEU B 41 5.11 29.83 -15.33
N LEU B 42 4.96 29.31 -16.55
CA LEU B 42 4.55 27.94 -16.77
C LEU B 42 5.62 26.98 -16.30
N THR B 43 6.89 27.33 -16.54
CA THR B 43 8.04 26.51 -16.12
C THR B 43 8.13 26.44 -14.62
N TYR B 44 7.95 27.56 -13.94
CA TYR B 44 7.85 27.53 -12.49
C TYR B 44 6.75 26.59 -12.05
N LEU B 45 5.53 26.83 -12.52
CA LEU B 45 4.36 26.00 -12.17
C LEU B 45 4.57 24.53 -12.46
N ALA B 46 5.31 24.22 -13.51
CA ALA B 46 5.53 22.82 -13.84
C ALA B 46 6.43 22.26 -12.80
N ASP B 47 7.47 23.02 -12.46
CA ASP B 47 8.48 22.55 -11.52
C ASP B 47 7.82 22.23 -10.22
N VAL B 48 7.08 23.20 -9.69
CA VAL B 48 6.58 23.06 -8.34
C VAL B 48 5.49 21.97 -8.31
N THR B 49 4.70 21.88 -9.35
CA THR B 49 3.71 20.83 -9.44
C THR B 49 4.27 19.44 -9.45
N VAL B 50 5.28 19.18 -10.26
CA VAL B 50 5.96 17.89 -10.18
C VAL B 50 6.83 17.68 -8.96
N ASN B 51 7.60 18.70 -8.63
CA ASN B 51 8.66 18.56 -7.65
C ASN B 51 8.41 19.10 -6.26
N GLY B 52 7.35 19.87 -6.11
CA GLY B 52 7.03 20.49 -4.83
C GLY B 52 7.84 21.76 -4.62
N HIS B 53 7.47 22.51 -3.60
CA HIS B 53 8.30 23.64 -3.14
C HIS B 53 9.14 23.17 -1.96
N PRO B 54 10.45 23.45 -1.96
CA PRO B 54 11.32 23.03 -0.83
C PRO B 54 10.77 23.42 0.54
N GLU B 55 10.23 24.62 0.66
CA GLU B 55 9.75 25.08 1.95
C GLU B 55 8.45 24.42 2.46
N ALA B 56 7.82 23.60 1.62
CA ALA B 56 6.47 23.19 1.88
C ALA B 56 6.28 21.73 1.77
N LYS B 57 7.09 21.08 0.94
CA LYS B 57 6.82 19.72 0.50
C LYS B 57 6.64 18.84 1.72
N ASP B 58 7.47 19.05 2.73
CA ASP B 58 7.50 18.07 3.81
C ASP B 58 6.83 18.52 5.10
N ARG B 59 6.13 19.65 5.06
CA ARG B 59 5.37 20.11 6.24
C ARG B 59 3.88 19.95 5.93
N PRO B 60 3.01 20.34 6.88
CA PRO B 60 1.57 20.16 6.69
C PRO B 60 0.97 20.97 5.53
N LYS B 61 -0.11 20.45 4.98
CA LYS B 61 -0.81 21.11 3.90
C LYS B 61 -2.08 21.70 4.50
N PRO B 62 -2.60 22.79 3.91
CA PRO B 62 -3.85 23.44 4.36
C PRO B 62 -5.02 22.55 4.06
N LEU B 63 -6.22 22.85 4.57
CA LEU B 63 -7.39 22.05 4.20
C LEU B 63 -7.66 22.09 2.68
N GLU B 64 -8.10 20.96 2.14
CA GLU B 64 -8.46 20.86 0.71
C GLU B 64 -9.70 21.73 0.42
N ASN B 65 -10.65 21.80 1.37
CA ASN B 65 -11.92 22.52 1.17
C ASN B 65 -11.69 24.01 0.91
N ALA B 66 -11.22 24.72 1.95
CA ALA B 66 -10.52 26.01 1.79
C ALA B 66 -11.28 27.09 1.01
N ALA B 67 -11.89 28.02 1.75
CA ALA B 67 -12.36 29.25 1.15
C ALA B 67 -11.13 30.15 0.85
N ARG B 68 -10.88 30.45 -0.44
CA ARG B 68 -9.97 31.52 -0.83
C ARG B 68 -10.28 32.84 -0.05
N PRO B 69 -9.24 33.66 0.18
CA PRO B 69 -9.48 34.96 0.78
C PRO B 69 -10.24 35.85 -0.19
N VAL B 70 -11.23 36.55 0.34
CA VAL B 70 -12.04 37.46 -0.41
C VAL B 70 -11.78 38.88 0.07
N VAL B 71 -11.20 39.72 -0.79
CA VAL B 71 -11.02 41.15 -0.51
C VAL B 71 -12.42 41.73 -0.22
N PRO B 72 -12.59 42.47 0.89
CA PRO B 72 -13.97 42.94 1.20
C PRO B 72 -14.50 44.02 0.26
N TYR B 73 -15.81 44.03 0.04
CA TYR B 73 -16.45 45.04 -0.81
C TYR B 73 -16.12 46.47 -0.36
N ALA B 74 -15.74 47.33 -1.31
CA ALA B 74 -15.58 48.75 -1.03
C ALA B 74 -16.85 49.48 -1.45
N ASN B 75 -17.56 50.07 -0.47
CA ASN B 75 -18.75 50.91 -0.75
C ASN B 75 -18.49 51.96 -1.85
N GLY B 76 -17.21 52.33 -2.03
CA GLY B 76 -16.75 52.93 -3.29
C GLY B 76 -16.28 54.37 -3.22
N ASN B 77 -16.23 54.95 -2.03
CA ASN B 77 -15.88 56.38 -1.91
C ASN B 77 -14.35 56.64 -2.15
N GLY B 78 -13.98 57.93 -2.26
CA GLY B 78 -12.56 58.30 -2.23
C GLY B 78 -11.92 58.04 -0.85
N VAL B 79 -10.60 58.20 -0.75
CA VAL B 79 -9.93 57.93 0.51
C VAL B 79 -9.80 59.24 1.27
N LYS B 80 -10.10 59.22 2.57
CA LYS B 80 -9.85 60.40 3.40
C LYS B 80 -8.33 60.57 3.58
N ASP B 81 -7.86 61.81 3.44
CA ASP B 81 -6.50 62.16 3.80
C ASP B 81 -6.20 61.60 5.15
N GLY B 82 -4.99 61.09 5.36
CA GLY B 82 -4.59 60.68 6.70
C GLY B 82 -3.18 61.09 7.03
N THR B 83 -2.51 60.28 7.82
CA THR B 83 -1.22 60.72 8.38
C THR B 83 -0.15 60.94 7.33
N LYS B 84 -0.27 60.26 6.21
CA LYS B 84 0.56 60.57 5.08
C LYS B 84 0.44 62.02 4.64
N GLN B 85 -0.76 62.47 4.37
CA GLN B 85 -0.93 63.86 3.93
C GLN B 85 -0.37 64.80 5.00
N LEU B 86 -0.64 64.57 6.29
CA LEU B 86 -0.05 65.44 7.32
C LEU B 86 1.48 65.45 7.28
N LEU B 87 2.13 64.31 7.25
CA LEU B 87 3.58 64.35 7.17
C LEU B 87 4.09 65.17 5.99
N ASP B 88 3.53 64.93 4.81
CA ASP B 88 3.95 65.69 3.60
C ASP B 88 3.74 67.18 3.83
N THR B 89 2.66 67.56 4.50
CA THR B 89 2.37 68.96 4.76
C THR B 89 3.31 69.55 5.82
N LEU B 90 3.46 68.87 6.94
CA LEU B 90 4.17 69.42 8.12
C LEU B 90 5.69 69.16 8.20
N GLY B 91 6.18 68.12 7.54
CA GLY B 91 7.54 67.63 7.84
C GLY B 91 7.56 66.91 9.17
N PRO B 92 8.64 66.21 9.46
CA PRO B 92 8.65 65.32 10.61
C PRO B 92 8.52 66.03 11.93
N LYS B 93 9.32 67.07 12.15
CA LYS B 93 9.40 67.74 13.42
C LYS B 93 8.00 68.21 13.80
N LYS B 94 7.33 68.95 12.92
CA LYS B 94 5.98 69.41 13.20
C LYS B 94 4.98 68.21 13.30
N PHE B 95 5.15 67.18 12.47
CA PHE B 95 4.29 66.00 12.64
C PHE B 95 4.36 65.35 14.05
N GLY B 96 5.57 65.25 14.61
CA GLY B 96 5.74 64.70 15.93
C GLY B 96 5.11 65.56 16.98
N GLU B 97 5.21 66.86 16.79
CA GLU B 97 4.55 67.77 17.70
C GLU B 97 3.04 67.60 17.66
N TRP B 98 2.49 67.37 16.45
CA TRP B 98 1.08 67.01 16.26
C TRP B 98 0.72 65.67 16.97
N MET B 99 1.56 64.62 16.90
CA MET B 99 1.31 63.35 17.67
C MET B 99 1.17 63.59 19.16
N ARG B 100 2.17 64.34 19.60
CA ARG B 100 2.29 64.69 20.98
C ARG B 100 0.97 65.29 21.38
N ASN B 101 0.54 66.36 20.74
CA ASN B 101 -0.72 67.00 21.19
C ASN B 101 -1.99 66.19 21.02
N GLU B 102 -1.93 65.17 20.17
CA GLU B 102 -3.08 64.41 19.80
C GLU B 102 -3.52 63.59 21.03
N LYS B 103 -4.77 63.87 21.42
CA LYS B 103 -5.54 63.28 22.50
C LYS B 103 -5.79 61.77 22.32
N ARG B 104 -6.43 61.37 21.25
CA ARG B 104 -6.67 59.96 20.97
C ARG B 104 -5.35 59.20 20.89
N VAL B 105 -5.40 57.94 21.30
CA VAL B 105 -4.27 57.08 21.08
C VAL B 105 -4.27 56.69 19.59
N LEU B 106 -3.08 56.64 19.01
CA LEU B 106 -2.90 56.45 17.60
C LEU B 106 -2.44 55.00 17.48
N LEU B 107 -2.90 54.30 16.45
CA LEU B 107 -2.58 52.88 16.30
C LEU B 107 -1.67 52.57 15.11
N THR B 108 -0.65 51.75 15.34
CA THR B 108 0.08 51.11 14.25
C THR B 108 -0.34 49.64 14.07
N ASP B 109 -0.68 49.21 12.88
CA ASP B 109 -1.02 47.80 12.62
C ASP B 109 0.24 47.10 12.11
N THR B 110 0.63 46.02 12.81
CA THR B 110 1.85 45.26 12.56
C THR B 110 1.62 44.00 11.76
N THR B 111 0.38 43.80 11.32
CA THR B 111 0.02 42.52 10.68
C THR B 111 0.87 42.21 9.43
N MET B 112 1.26 43.26 8.70
CA MET B 112 1.93 43.09 7.45
C MET B 112 3.42 42.80 7.64
N ARG B 113 3.91 42.93 8.88
CA ARG B 113 5.33 42.64 9.23
C ARG B 113 5.61 41.86 10.59
N ASP B 114 5.51 42.47 11.76
CA ASP B 114 5.88 41.75 12.98
C ASP B 114 4.99 40.52 13.18
N GLY B 115 3.71 40.69 12.88
CA GLY B 115 2.69 39.65 12.94
C GLY B 115 2.96 38.28 12.35
N HIS B 116 3.35 38.26 11.08
CA HIS B 116 3.68 37.01 10.43
C HIS B 116 5.16 36.64 10.60
N GLN B 117 6.00 37.64 10.82
CA GLN B 117 7.39 37.34 11.24
C GLN B 117 7.34 36.49 12.52
N SER B 118 6.46 36.84 13.43
CA SER B 118 6.35 36.11 14.67
C SER B 118 5.67 34.80 14.48
N LEU B 119 4.52 34.78 13.82
CA LEU B 119 3.69 33.57 13.78
C LEU B 119 3.95 32.61 12.63
N LEU B 120 4.48 33.11 11.52
CA LEU B 120 4.55 32.31 10.31
C LEU B 120 5.93 32.36 9.65
N ALA B 121 6.95 32.59 10.45
CA ALA B 121 8.32 32.64 9.96
C ALA B 121 8.50 33.63 8.79
N THR B 122 7.78 34.74 8.83
CA THR B 122 7.94 35.79 7.83
C THR B 122 7.64 35.35 6.37
N ARG B 123 6.84 34.31 6.21
CA ARG B 123 6.54 33.73 4.91
C ARG B 123 5.30 34.30 4.16
N MET B 124 4.58 35.24 4.75
CA MET B 124 3.48 35.87 4.07
C MET B 124 3.96 36.53 2.76
N ARG B 125 3.15 36.44 1.71
CA ARG B 125 3.57 36.91 0.40
C ARG B 125 2.92 38.20 -0.01
N THR B 126 3.64 38.90 -0.88
CA THR B 126 3.22 40.16 -1.49
C THR B 126 1.80 40.06 -1.97
N TYR B 127 1.47 38.94 -2.59
CA TYR B 127 0.18 38.81 -3.21
C TYR B 127 -0.92 39.01 -2.19
N ASP B 128 -0.75 38.49 -0.98
CA ASP B 128 -1.83 38.49 0.02
C ASP B 128 -1.75 39.80 0.77
N ILE B 129 -0.56 40.36 0.81
CA ILE B 129 -0.38 41.61 1.49
C ILE B 129 -0.92 42.84 0.71
N ALA B 130 -0.63 42.96 -0.56
CA ALA B 130 -1.06 44.13 -1.35
C ALA B 130 -2.55 44.18 -1.57
N ARG B 131 -3.15 43.02 -1.67
CA ARG B 131 -4.53 42.94 -1.99
C ARG B 131 -5.39 43.57 -0.94
N ILE B 132 -4.88 43.70 0.27
CA ILE B 132 -5.70 44.27 1.32
C ILE B 132 -5.41 45.78 1.62
N ALA B 133 -4.31 46.30 1.08
CA ALA B 133 -3.88 47.70 1.28
C ALA B 133 -4.98 48.70 1.05
N GLY B 134 -5.61 48.65 -0.10
CA GLY B 134 -6.73 49.56 -0.40
C GLY B 134 -7.88 49.54 0.60
N THR B 135 -8.12 48.40 1.21
CA THR B 135 -9.23 48.27 2.17
C THR B 135 -8.90 48.97 3.50
N TYR B 136 -7.65 48.80 3.95
CA TYR B 136 -7.12 49.58 5.05
C TYR B 136 -7.33 51.05 4.70
N SER B 137 -6.84 51.41 3.51
CA SER B 137 -6.93 52.79 3.07
C SER B 137 -8.35 53.37 3.15
N HIS B 138 -9.35 52.66 2.66
CA HIS B 138 -10.72 53.20 2.66
C HIS B 138 -11.39 53.07 4.00
N ALA B 139 -11.04 52.06 4.74
CA ALA B 139 -11.88 51.67 5.85
C ALA B 139 -11.30 52.08 7.20
N LEU B 140 -9.99 52.11 7.30
CA LEU B 140 -9.38 52.62 8.53
C LEU B 140 -8.43 53.80 8.24
N PRO B 141 -8.96 54.92 7.70
CA PRO B 141 -8.10 56.05 7.39
C PRO B 141 -7.50 56.75 8.61
N ASN B 142 -7.97 56.44 9.83
CA ASN B 142 -7.36 57.01 11.05
C ASN B 142 -6.09 56.32 11.56
N LEU B 143 -5.68 55.18 11.01
CA LEU B 143 -4.43 54.53 11.50
C LEU B 143 -3.22 55.46 11.42
N LEU B 144 -2.36 55.45 12.44
CA LEU B 144 -1.13 56.21 12.33
C LEU B 144 -0.26 55.68 11.18
N SER B 145 -0.15 54.36 11.14
CA SER B 145 0.72 53.73 10.19
C SER B 145 0.46 52.24 10.05
N LEU B 146 1.12 51.66 9.03
CA LEU B 146 1.16 50.23 8.84
C LEU B 146 2.59 49.77 8.85
N GLU B 147 2.93 48.89 9.76
CA GLU B 147 4.21 48.34 9.74
C GLU B 147 4.14 47.26 8.68
N CYS B 148 4.94 47.38 7.62
CA CYS B 148 4.86 46.48 6.49
C CYS B 148 6.17 46.24 5.79
N TRP B 149 7.28 46.62 6.40
CA TRP B 149 8.56 46.53 5.72
C TRP B 149 9.67 46.38 6.74
N GLY B 150 10.82 45.97 6.24
CA GLY B 150 11.97 45.75 7.08
C GLY B 150 11.79 44.55 7.95
N GLY B 151 12.50 44.54 9.08
CA GLY B 151 12.60 43.34 9.88
C GLY B 151 13.12 42.22 9.00
N ALA B 152 12.52 41.04 9.13
CA ALA B 152 13.02 39.86 8.37
C ALA B 152 12.52 39.80 6.91
N THR B 153 11.51 40.62 6.57
CA THR B 153 10.89 40.55 5.23
C THR B 153 11.83 40.81 4.05
N PHE B 154 12.87 41.60 4.27
CA PHE B 154 13.70 41.95 3.16
C PHE B 154 14.47 40.69 2.66
N ASP B 155 15.15 40.02 3.59
CA ASP B 155 15.77 38.73 3.36
C ASP B 155 14.76 37.67 2.91
N VAL B 156 13.75 37.45 3.74
CA VAL B 156 12.89 36.28 3.57
C VAL B 156 12.19 36.37 2.22
N SER B 157 11.84 37.57 1.79
CA SER B 157 10.99 37.73 0.59
C SER B 157 11.76 37.12 -0.56
N MET B 158 12.99 37.57 -0.69
CA MET B 158 13.88 37.08 -1.69
C MET B 158 14.21 35.64 -1.42
N ARG B 159 14.59 35.31 -0.17
CA ARG B 159 15.25 34.01 0.08
C ARG B 159 14.30 32.83 -0.08
N PHE B 160 13.10 32.94 0.48
CA PHE B 160 12.16 31.82 0.54
C PHE B 160 10.85 32.03 -0.27
N LEU B 161 10.61 33.23 -0.80
CA LEU B 161 9.37 33.51 -1.53
C LEU B 161 9.61 33.96 -2.96
N THR B 162 10.86 34.01 -3.37
CA THR B 162 11.22 34.34 -4.77
C THR B 162 10.64 35.67 -5.26
N GLU B 163 10.55 36.67 -4.36
CA GLU B 163 9.95 37.96 -4.67
C GLU B 163 10.77 39.17 -4.16
N ASP B 164 10.60 40.29 -4.88
CA ASP B 164 11.22 41.58 -4.63
C ASP B 164 10.46 42.39 -3.52
N PRO B 165 11.14 42.69 -2.42
CA PRO B 165 10.50 43.46 -1.40
C PRO B 165 10.23 44.93 -1.80
N TRP B 166 10.95 45.45 -2.78
CA TRP B 166 10.65 46.79 -3.29
C TRP B 166 9.29 46.76 -4.03
N GLU B 167 9.11 45.77 -4.89
CA GLU B 167 7.87 45.60 -5.58
C GLU B 167 6.77 45.60 -4.52
N ARG B 168 7.01 44.86 -3.43
CA ARG B 168 5.99 44.75 -2.39
C ARG B 168 5.72 46.09 -1.75
N LEU B 169 6.79 46.81 -1.45
CA LEU B 169 6.62 48.17 -0.86
C LEU B 169 5.82 49.09 -1.79
N ALA B 170 6.20 49.11 -3.07
CA ALA B 170 5.52 49.91 -4.09
C ALA B 170 4.01 49.64 -4.22
N LEU B 171 3.65 48.34 -4.18
CA LEU B 171 2.25 47.92 -4.28
C LEU B 171 1.46 48.41 -3.05
N ILE B 172 2.08 48.39 -1.86
CA ILE B 172 1.42 48.90 -0.66
C ILE B 172 1.32 50.42 -0.74
N ARG B 173 2.41 51.08 -1.12
CA ARG B 173 2.36 52.54 -1.38
C ARG B 173 1.19 52.91 -2.32
N GLU B 174 1.05 52.18 -3.40
CA GLU B 174 0.03 52.47 -4.38
C GLU B 174 -1.41 52.37 -3.77
N GLY B 175 -1.69 51.34 -2.99
CA GLY B 175 -3.02 51.11 -2.44
C GLY B 175 -3.36 51.90 -1.20
N ALA B 176 -2.35 52.37 -0.44
CA ALA B 176 -2.61 53.18 0.75
C ALA B 176 -1.88 54.52 0.64
N PRO B 177 -2.43 55.45 -0.18
CA PRO B 177 -1.73 56.73 -0.36
C PRO B 177 -1.90 57.69 0.81
N ASN B 178 -2.79 57.36 1.75
CA ASN B 178 -3.19 58.25 2.84
C ASN B 178 -2.60 57.89 4.23
N LEU B 179 -2.02 56.71 4.34
CA LEU B 179 -1.44 56.19 5.61
C LEU B 179 0.07 56.12 5.55
N LEU B 180 0.73 56.30 6.68
CA LEU B 180 2.19 56.22 6.73
C LEU B 180 2.64 54.75 6.63
N LEU B 181 3.70 54.53 5.90
CA LEU B 181 4.28 53.22 5.77
C LEU B 181 5.49 53.16 6.67
N GLN B 182 5.52 52.14 7.53
CA GLN B 182 6.51 52.04 8.59
C GLN B 182 7.42 50.81 8.40
N MET B 183 8.71 50.98 8.65
CA MET B 183 9.62 49.83 8.61
C MET B 183 10.28 49.65 9.96
N LEU B 184 10.63 48.44 10.29
CA LEU B 184 11.56 48.26 11.37
C LEU B 184 12.95 48.23 10.73
N LEU B 185 13.82 49.16 11.13
CA LEU B 185 15.21 49.23 10.68
C LEU B 185 16.18 48.96 11.85
N ARG B 186 17.24 48.20 11.57
CA ARG B 186 18.17 47.74 12.59
C ARG B 186 19.41 48.58 12.77
N GLY B 187 19.24 49.90 12.96
CA GLY B 187 20.39 50.81 13.24
C GLY B 187 21.46 50.51 12.23
N ALA B 188 22.68 50.22 12.67
CA ALA B 188 23.80 49.86 11.76
C ALA B 188 23.74 48.46 11.14
N ASN B 189 22.85 47.59 11.65
CA ASN B 189 22.65 46.27 11.06
C ASN B 189 21.75 46.30 9.81
N GLY B 190 21.38 47.50 9.36
CA GLY B 190 20.50 47.67 8.19
C GLY B 190 19.23 46.86 8.33
N VAL B 191 18.91 46.13 7.27
CA VAL B 191 18.01 44.96 7.30
C VAL B 191 18.84 43.67 7.21
N GLY B 192 20.07 43.71 7.68
CA GLY B 192 20.93 42.51 7.82
C GLY B 192 21.14 42.07 9.27
N TYR B 193 22.20 41.29 9.49
CA TYR B 193 22.50 40.70 10.80
C TYR B 193 23.85 41.18 11.38
N THR B 194 24.44 42.19 10.77
CA THR B 194 25.80 42.61 11.15
C THR B 194 26.02 44.07 10.76
N ASN B 195 26.79 44.80 11.57
CA ASN B 195 27.11 46.19 11.26
C ASN B 195 27.79 46.31 9.86
N TYR B 196 27.16 47.16 9.04
CA TYR B 196 27.63 47.48 7.69
C TYR B 196 28.44 48.76 7.70
N PRO B 197 29.12 49.06 6.58
CA PRO B 197 29.81 50.34 6.56
C PRO B 197 28.84 51.52 6.45
N ASP B 198 29.25 52.67 6.97
CA ASP B 198 28.48 53.92 6.92
C ASP B 198 27.78 54.26 5.60
N ASN B 199 28.52 54.28 4.49
CA ASN B 199 27.93 54.71 3.20
C ASN B 199 26.79 53.74 2.75
N VAL B 200 26.94 52.48 3.12
CA VAL B 200 25.96 51.47 2.79
C VAL B 200 24.72 51.70 3.60
N VAL B 201 24.88 52.04 4.88
CA VAL B 201 23.72 52.40 5.67
C VAL B 201 23.01 53.62 5.06
N LYS B 202 23.76 54.62 4.63
CA LYS B 202 23.13 55.83 4.11
C LYS B 202 22.35 55.53 2.81
N TYR B 203 22.91 54.72 1.95
CA TYR B 203 22.36 54.49 0.63
C TYR B 203 21.08 53.71 0.75
N PHE B 204 21.13 52.73 1.63
CA PHE B 204 19.93 51.95 1.90
C PHE B 204 18.80 52.82 2.37
N VAL B 205 19.07 53.61 3.41
CA VAL B 205 18.05 54.49 3.96
C VAL B 205 17.47 55.39 2.88
N ARG B 206 18.36 55.89 2.00
CA ARG B 206 17.93 56.79 0.93
C ARG B 206 16.93 56.09 -0.03
N GLN B 207 17.15 54.81 -0.31
CA GLN B 207 16.28 54.08 -1.23
C GLN B 207 14.95 53.76 -0.59
N ALA B 208 14.99 53.38 0.68
CA ALA B 208 13.80 53.07 1.43
C ALA B 208 12.84 54.24 1.43
N ALA B 209 13.37 55.45 1.55
CA ALA B 209 12.52 56.63 1.51
C ALA B 209 11.98 56.80 0.10
N LYS B 210 12.86 56.70 -0.90
CA LYS B 210 12.47 56.87 -2.30
C LYS B 210 11.39 55.89 -2.62
N GLY B 211 11.48 54.70 -2.02
CA GLY B 211 10.63 53.57 -2.31
C GLY B 211 9.30 53.60 -1.59
N GLY B 212 9.14 54.49 -0.60
CA GLY B 212 7.84 54.64 0.04
C GLY B 212 7.74 54.54 1.55
N ILE B 213 8.87 54.39 2.21
CA ILE B 213 8.92 54.46 3.67
C ILE B 213 8.81 55.93 4.17
N ASP B 214 7.90 56.14 5.12
CA ASP B 214 7.63 57.43 5.71
C ASP B 214 8.15 57.50 7.12
N LEU B 215 8.02 56.38 7.82
CA LEU B 215 8.37 56.27 9.22
C LEU B 215 9.38 55.15 9.49
N PHE B 216 10.60 55.48 9.87
CA PHE B 216 11.57 54.46 10.22
C PHE B 216 11.62 54.25 11.73
N ARG B 217 11.25 53.05 12.21
CA ARG B 217 11.55 52.67 13.59
C ARG B 217 12.95 52.04 13.63
N VAL B 218 13.84 52.74 14.29
CA VAL B 218 15.23 52.46 14.19
C VAL B 218 15.70 52.06 15.58
N PHE B 219 16.42 50.94 15.64
CA PHE B 219 16.86 50.42 16.93
C PHE B 219 18.24 49.84 16.88
N ASP B 220 18.89 49.80 18.04
CA ASP B 220 20.22 49.16 18.17
C ASP B 220 20.12 48.03 19.17
N CYS B 221 20.65 46.86 18.79
CA CYS B 221 20.57 45.65 19.61
C CYS B 221 21.20 45.72 21.00
N LEU B 222 22.02 46.73 21.27
CA LEU B 222 22.55 46.96 22.62
C LEU B 222 22.12 48.32 23.22
N ASN B 223 21.10 48.99 22.64
CA ASN B 223 20.75 50.38 23.00
C ASN B 223 21.98 51.32 23.11
N TRP B 224 22.95 51.14 22.21
CA TRP B 224 24.10 52.01 22.12
C TRP B 224 23.82 53.19 21.16
N VAL B 225 23.43 54.32 21.75
CA VAL B 225 23.03 55.52 21.03
C VAL B 225 24.00 55.95 19.95
N GLU B 226 25.29 55.90 20.28
CA GLU B 226 26.37 56.27 19.35
C GLU B 226 26.28 55.46 18.08
N ASN B 227 25.88 54.21 18.20
CA ASN B 227 25.78 53.38 17.01
C ASN B 227 24.46 53.60 16.24
N MET B 228 23.60 54.48 16.75
CA MET B 228 22.39 54.81 16.03
C MET B 228 22.48 56.11 15.24
N ARG B 229 23.55 56.89 15.40
CA ARG B 229 23.55 58.25 14.88
C ARG B 229 23.55 58.28 13.37
N VAL B 230 24.34 57.41 12.75
CA VAL B 230 24.51 57.47 11.29
C VAL B 230 23.16 57.19 10.61
N SER B 231 22.43 56.23 11.17
CA SER B 231 21.05 55.97 10.77
C SER B 231 20.15 57.15 11.01
N MET B 232 20.20 57.67 12.23
CA MET B 232 19.27 58.73 12.59
C MET B 232 19.51 59.93 11.66
N ASP B 233 20.76 60.29 11.45
CA ASP B 233 21.06 61.41 10.56
C ASP B 233 20.52 61.18 9.13
N ALA B 234 20.58 59.95 8.66
CA ALA B 234 20.21 59.67 7.28
C ALA B 234 18.70 59.76 7.12
N ILE B 235 17.96 59.28 8.11
CA ILE B 235 16.52 59.38 8.09
C ILE B 235 16.13 60.85 8.04
N ALA B 236 16.69 61.62 8.96
CA ALA B 236 16.51 63.09 9.02
C ALA B 236 16.77 63.78 7.68
N GLU B 237 17.87 63.44 7.03
CA GLU B 237 18.29 64.06 5.78
C GLU B 237 17.30 63.75 4.63
N GLU B 238 16.62 62.61 4.70
CA GLU B 238 15.59 62.24 3.72
C GLU B 238 14.26 62.85 4.14
N ASN B 239 14.28 63.50 5.29
CA ASN B 239 13.14 64.25 5.73
C ASN B 239 11.92 63.36 6.03
N LYS B 240 12.23 62.17 6.53
CA LYS B 240 11.26 61.18 6.97
C LYS B 240 11.21 61.13 8.49
N LEU B 241 10.41 60.22 9.02
CA LEU B 241 10.27 60.14 10.47
C LEU B 241 11.27 59.22 10.99
N CYS B 242 11.88 59.65 12.09
CA CYS B 242 12.90 58.91 12.78
C CYS B 242 12.34 58.65 14.14
N GLU B 243 11.81 57.42 14.30
CA GLU B 243 11.29 56.96 15.56
C GLU B 243 12.43 56.12 16.16
N ALA B 244 13.26 56.76 16.99
CA ALA B 244 14.34 56.07 17.67
C ALA B 244 13.82 55.25 18.81
N ALA B 245 14.17 53.97 18.79
CA ALA B 245 13.66 53.00 19.77
C ALA B 245 14.58 52.82 20.95
N ILE B 246 14.01 52.63 22.14
CA ILE B 246 14.71 52.10 23.30
C ILE B 246 14.15 50.71 23.55
N CYS B 247 15.03 49.71 23.56
CA CYS B 247 14.62 48.33 23.73
C CYS B 247 14.39 48.09 25.22
N TYR B 248 13.27 47.48 25.57
CA TYR B 248 12.99 47.20 26.99
C TYR B 248 13.47 45.80 27.38
N THR B 249 14.09 45.69 28.54
CA THR B 249 14.55 44.42 29.09
C THR B 249 14.55 44.56 30.60
N GLY B 250 14.61 43.44 31.30
CA GLY B 250 14.51 43.43 32.75
C GLY B 250 13.15 43.79 33.30
N ASP B 251 13.22 44.53 34.40
CA ASP B 251 12.06 44.94 35.17
C ASP B 251 12.49 46.14 36.01
N ILE B 252 12.04 47.34 35.61
CA ILE B 252 12.32 48.58 36.34
C ILE B 252 11.75 48.61 37.75
N LEU B 253 10.73 47.82 38.04
CA LEU B 253 10.19 47.76 39.39
C LEU B 253 10.83 46.68 40.28
N ASN B 254 11.74 45.89 39.72
CA ASN B 254 12.51 44.91 40.51
C ASN B 254 13.83 45.49 40.99
N SER B 255 13.83 46.02 42.21
CA SER B 255 14.99 46.76 42.72
C SER B 255 16.23 45.86 42.85
N ALA B 256 15.99 44.55 42.99
CA ALA B 256 17.05 43.54 42.98
C ALA B 256 17.65 43.28 41.59
N ARG B 257 17.15 43.97 40.57
CA ARG B 257 17.82 44.00 39.29
C ARG B 257 18.03 45.45 38.86
N PRO B 258 19.11 46.10 39.30
CA PRO B 258 19.21 47.58 39.23
C PRO B 258 19.66 48.21 37.89
N LYS B 259 20.22 47.42 37.01
CA LYS B 259 20.94 47.93 35.83
C LYS B 259 20.01 48.53 34.80
N TYR B 260 18.80 47.96 34.70
CA TYR B 260 17.78 48.37 33.76
C TYR B 260 16.64 48.99 34.54
N ASP B 261 16.96 50.11 35.19
CA ASP B 261 16.02 50.82 36.05
C ASP B 261 15.32 51.98 35.30
N LEU B 262 14.35 52.62 35.96
CA LEU B 262 13.62 53.72 35.35
C LEU B 262 14.52 54.75 34.66
N LYS B 263 15.55 55.22 35.34
CA LYS B 263 16.34 56.33 34.81
C LYS B 263 17.25 55.92 33.64
N TYR B 264 17.51 54.62 33.51
CA TYR B 264 18.23 54.09 32.34
C TYR B 264 17.43 54.43 31.09
N TYR B 265 16.12 54.22 31.19
CA TYR B 265 15.21 54.51 30.10
C TYR B 265 14.99 55.99 29.86
N THR B 266 14.80 56.77 30.91
CA THR B 266 14.45 58.17 30.69
C THR B 266 15.67 58.94 30.19
N ASN B 267 16.87 58.48 30.55
CA ASN B 267 18.11 59.13 30.11
C ASN B 267 18.39 58.86 28.65
N LEU B 268 18.07 57.63 28.27
CA LEU B 268 18.23 57.21 26.91
C LEU B 268 17.26 58.02 26.04
N ALA B 269 16.01 58.18 26.47
CA ALA B 269 15.06 59.02 25.76
C ALA B 269 15.65 60.39 25.45
N VAL B 270 16.31 60.98 26.47
CA VAL B 270 16.88 62.30 26.36
C VAL B 270 18.04 62.28 25.40
N GLU B 271 18.94 61.29 25.49
CA GLU B 271 20.09 61.23 24.55
C GLU B 271 19.55 61.11 23.12
N LEU B 272 18.52 60.31 22.94
CA LEU B 272 17.90 60.18 21.62
C LEU B 272 17.21 61.48 21.14
N GLU B 273 16.46 62.18 22.00
CA GLU B 273 16.05 63.55 21.64
C GLU B 273 17.21 64.43 21.14
N LYS B 274 18.29 64.56 21.90
CA LYS B 274 19.43 65.39 21.46
C LYS B 274 20.07 64.86 20.16
N ALA B 275 19.88 63.59 19.83
CA ALA B 275 20.45 63.07 18.58
C ALA B 275 19.51 63.25 17.40
N GLY B 276 18.31 63.78 17.69
CA GLY B 276 17.36 64.30 16.69
C GLY B 276 16.28 63.33 16.30
N ALA B 277 15.89 62.47 17.23
CA ALA B 277 14.71 61.66 16.99
C ALA B 277 13.50 62.57 16.86
N HIS B 278 12.48 62.12 16.13
CA HIS B 278 11.18 62.82 16.06
C HIS B 278 10.21 62.16 17.00
N ILE B 279 10.36 60.83 17.17
CA ILE B 279 9.50 60.03 18.04
C ILE B 279 10.39 59.09 18.83
N ILE B 280 9.97 58.72 20.04
CA ILE B 280 10.73 57.74 20.80
C ILE B 280 9.87 56.51 20.91
N ALA B 281 10.42 55.36 20.58
CA ALA B 281 9.68 54.12 20.78
C ALA B 281 10.25 53.34 21.95
N VAL B 282 9.36 52.73 22.70
CA VAL B 282 9.78 51.66 23.57
C VAL B 282 9.44 50.37 22.86
N ASP B 284 9.50 46.62 23.20
CA ASP B 284 9.50 45.55 24.20
C ASP B 284 9.41 44.28 23.41
N MET B 285 10.56 43.90 22.85
CA MET B 285 10.63 42.80 21.88
C MET B 285 10.28 41.42 22.44
N ALA B 286 10.42 41.22 23.76
CA ALA B 286 10.02 39.96 24.39
C ALA B 286 8.75 40.03 25.23
N GLY B 287 8.00 41.13 25.11
CA GLY B 287 6.75 41.28 25.87
C GLY B 287 6.92 41.26 27.37
N LEU B 288 8.02 41.85 27.85
CA LEU B 288 8.44 41.77 29.27
C LEU B 288 7.84 42.87 30.17
N LEU B 289 7.37 43.95 29.56
CA LEU B 289 6.87 45.06 30.32
C LEU B 289 5.53 44.68 30.95
N LYS B 290 5.46 44.82 32.25
CA LYS B 290 4.24 44.54 32.95
C LYS B 290 3.49 45.82 33.09
N PRO B 291 2.19 45.73 33.38
CA PRO B 291 1.30 46.90 33.45
C PRO B 291 1.72 47.99 34.42
N ALA B 292 2.01 47.60 35.65
CA ALA B 292 2.40 48.52 36.67
C ALA B 292 3.64 49.30 36.25
N ALA B 293 4.59 48.64 35.59
CA ALA B 293 5.79 49.35 35.09
C ALA B 293 5.45 50.32 33.96
N ALA B 294 4.47 49.99 33.14
CA ALA B 294 4.09 50.89 32.04
C ALA B 294 3.49 52.19 32.59
N LYS B 295 2.66 52.03 33.59
CA LYS B 295 2.08 53.19 34.26
C LYS B 295 3.12 54.20 34.75
N VAL B 296 4.18 53.69 35.36
CA VAL B 296 5.31 54.47 35.81
C VAL B 296 6.21 54.92 34.65
N LEU B 297 6.50 54.03 33.72
CA LEU B 297 7.45 54.33 32.62
C LEU B 297 7.00 55.42 31.63
N PHE B 298 5.75 55.34 31.20
CA PHE B 298 5.24 56.22 30.16
C PHE B 298 4.93 57.61 30.72
N LYS B 299 4.48 57.64 31.97
CA LYS B 299 4.38 58.90 32.72
C LYS B 299 5.76 59.54 32.84
N ALA B 300 6.77 58.79 33.22
CA ALA B 300 8.13 59.33 33.28
C ALA B 300 8.68 59.75 31.92
N LEU B 301 8.47 58.93 30.90
CA LEU B 301 8.93 59.27 29.57
C LEU B 301 8.36 60.59 29.07
N ARG B 302 7.06 60.79 29.27
CA ARG B 302 6.42 62.01 28.79
C ARG B 302 6.96 63.26 29.54
N GLU B 303 7.23 63.11 30.83
CA GLU B 303 7.85 64.20 31.59
C GLU B 303 9.29 64.40 31.18
N ALA B 304 10.01 63.36 30.82
CA ALA B 304 11.46 63.47 30.57
C ALA B 304 11.84 64.01 29.21
N THR B 305 11.00 63.81 28.21
CA THR B 305 11.27 64.33 26.88
C THR B 305 9.99 64.92 26.33
N GLY B 306 10.11 65.93 25.48
CA GLY B 306 8.95 66.50 24.81
C GLY B 306 8.48 65.72 23.59
N LEU B 307 9.24 64.70 23.17
CA LEU B 307 8.91 63.95 21.95
C LEU B 307 7.74 63.03 22.20
N PRO B 308 6.98 62.71 21.15
CA PRO B 308 5.89 61.74 21.35
C PRO B 308 6.44 60.39 21.60
N ILE B 309 5.67 59.53 22.28
CA ILE B 309 6.14 58.17 22.64
C ILE B 309 5.31 57.08 21.97
N HIS B 310 5.98 56.05 21.46
CA HIS B 310 5.32 54.97 20.67
C HIS B 310 5.68 53.59 21.25
N PHE B 311 4.67 52.79 21.61
CA PHE B 311 4.90 51.55 22.36
C PHE B 311 4.69 50.22 21.61
N HIS B 312 5.75 49.43 21.44
CA HIS B 312 5.65 48.15 20.73
C HIS B 312 5.97 47.04 21.67
N THR B 313 5.15 45.99 21.64
CA THR B 313 5.30 44.83 22.50
C THR B 313 4.79 43.58 21.85
N HIS B 314 5.06 42.45 22.49
CA HIS B 314 4.62 41.17 22.00
C HIS B 314 3.68 40.62 23.02
N ASP B 315 3.07 39.48 22.72
CA ASP B 315 2.09 38.92 23.72
C ASP B 315 2.42 37.48 24.29
N THR B 316 3.69 37.11 24.23
CA THR B 316 4.17 35.81 24.68
C THR B 316 3.60 35.47 26.07
N SER B 317 3.59 36.49 26.96
CA SER B 317 3.04 36.37 28.33
C SER B 317 1.56 36.03 28.40
N GLY B 318 0.81 36.50 27.42
CA GLY B 318 -0.64 36.44 27.47
C GLY B 318 -1.31 37.53 28.28
N ILE B 319 -0.55 38.59 28.59
CA ILE B 319 -1.05 39.74 29.28
C ILE B 319 -0.68 41.06 28.63
N ALA B 320 -0.06 41.06 27.45
CA ALA B 320 0.39 42.34 26.88
C ALA B 320 -0.72 43.39 26.57
N ALA B 321 -1.97 42.98 26.45
CA ALA B 321 -3.06 44.00 26.24
C ALA B 321 -3.21 44.86 27.47
N ALA B 322 -3.23 44.19 28.61
CA ALA B 322 -3.22 44.84 29.91
C ALA B 322 -2.09 45.88 29.98
N THR B 323 -0.91 45.52 29.48
CA THR B 323 0.20 46.48 29.38
C THR B 323 -0.12 47.64 28.42
N VAL B 324 -0.50 47.34 27.17
CA VAL B 324 -0.91 48.37 26.22
C VAL B 324 -1.99 49.32 26.83
N LEU B 325 -3.01 48.76 27.45
CA LEU B 325 -4.06 49.60 28.01
C LEU B 325 -3.58 50.46 29.15
N ALA B 326 -2.71 49.93 29.99
CA ALA B 326 -2.04 50.76 30.99
C ALA B 326 -1.20 51.88 30.38
N ALA B 327 -0.54 51.63 29.24
CA ALA B 327 0.26 52.68 28.57
C ALA B 327 -0.64 53.77 28.02
N VAL B 328 -1.81 53.39 27.51
CA VAL B 328 -2.76 54.37 26.99
C VAL B 328 -3.25 55.26 28.13
N GLU B 329 -3.55 54.66 29.27
CA GLU B 329 -4.10 55.37 30.44
C GLU B 329 -3.07 56.36 31.04
N ALA B 330 -1.80 56.00 30.93
CA ALA B 330 -0.69 56.84 31.37
C ALA B 330 -0.21 57.83 30.32
N GLY B 331 -0.95 57.94 29.22
CA GLY B 331 -0.74 58.99 28.26
C GLY B 331 0.14 58.76 27.05
N VAL B 332 0.46 57.50 26.71
CA VAL B 332 1.40 57.21 25.59
C VAL B 332 0.74 57.69 24.29
N ASP B 333 1.51 58.06 23.29
CA ASP B 333 0.87 58.65 22.07
C ASP B 333 0.39 57.62 21.05
N ALA B 334 1.16 56.55 20.92
CA ALA B 334 0.85 55.54 19.92
C ALA B 334 1.27 54.14 20.40
N VAL B 335 0.52 53.13 19.96
CA VAL B 335 0.73 51.74 20.37
C VAL B 335 0.63 50.88 19.13
N ASP B 336 1.26 49.73 19.15
CA ASP B 336 1.26 48.79 18.02
C ASP B 336 0.31 47.65 18.31
N ALA B 337 -0.39 47.19 17.28
CA ALA B 337 -1.19 45.96 17.44
C ALA B 337 -1.30 45.16 16.15
N ALA B 338 -1.79 43.94 16.27
CA ALA B 338 -1.93 43.03 15.18
C ALA B 338 -3.39 42.67 15.00
N MET B 339 -3.82 42.51 13.76
CA MET B 339 -5.16 42.05 13.45
C MET B 339 -5.53 40.79 14.21
N ASP B 340 -6.74 40.67 14.72
CA ASP B 340 -7.07 39.52 15.60
C ASP B 340 -6.43 38.18 15.12
N ALA B 341 -6.68 37.86 13.87
CA ALA B 341 -6.32 36.59 13.25
C ALA B 341 -4.83 36.29 13.17
N LEU B 342 -4.00 37.31 13.43
CA LEU B 342 -2.57 37.18 13.55
C LEU B 342 -2.02 37.79 14.86
N SER B 343 -2.85 37.74 15.91
CA SER B 343 -2.48 38.29 17.21
C SER B 343 -2.34 37.20 18.28
N GLY B 344 -1.79 37.58 19.42
CA GLY B 344 -1.65 36.70 20.54
C GLY B 344 -0.32 36.02 20.53
N ASN B 345 0.00 35.30 21.59
CA ASN B 345 1.21 34.52 21.64
C ASN B 345 2.45 35.35 21.34
N THR B 346 3.24 34.90 20.38
CA THR B 346 4.41 35.61 20.01
C THR B 346 4.16 36.86 19.20
N SER B 347 2.96 37.06 18.71
CA SER B 347 2.70 38.30 17.94
C SER B 347 2.38 39.45 18.89
N GLN B 348 1.88 40.55 18.33
CA GLN B 348 1.32 41.66 19.11
C GLN B 348 -0.01 41.23 19.65
N PRO B 349 -0.52 41.96 20.65
CA PRO B 349 -1.84 41.64 21.18
C PRO B 349 -2.91 42.10 20.21
N CYS B 350 -4.14 41.79 20.53
CA CYS B 350 -5.25 41.85 19.58
C CYS B 350 -5.87 43.23 19.38
N LEU B 351 -5.83 43.74 18.15
CA LEU B 351 -6.16 45.10 17.82
C LEU B 351 -7.64 45.31 18.04
N GLY B 352 -8.43 44.47 17.42
CA GLY B 352 -9.86 44.49 17.62
C GLY B 352 -10.31 44.62 19.04
N SER B 353 -9.69 43.89 19.95
CA SER B 353 -10.12 43.87 21.36
C SER B 353 -9.60 45.08 22.13
N ILE B 354 -8.35 45.46 21.85
CA ILE B 354 -7.84 46.72 22.38
C ILE B 354 -8.69 47.96 22.00
N VAL B 355 -9.06 48.05 20.74
CA VAL B 355 -9.87 49.13 20.23
C VAL B 355 -11.23 49.06 20.90
N GLU B 356 -11.71 47.85 21.11
CA GLU B 356 -13.00 47.69 21.76
C GLU B 356 -12.92 48.12 23.23
N ALA B 357 -11.75 47.92 23.85
CA ALA B 357 -11.59 48.32 25.24
C ALA B 357 -11.59 49.81 25.37
N LEU B 358 -11.06 50.48 24.33
CA LEU B 358 -10.90 51.91 24.35
C LEU B 358 -12.09 52.65 23.83
N SER B 359 -13.06 51.92 23.31
CA SER B 359 -14.22 52.50 22.66
C SER B 359 -15.16 53.25 23.65
N GLY B 360 -15.48 54.51 23.33
CA GLY B 360 -16.28 55.37 24.20
C GLY B 360 -15.41 56.06 25.25
N SER B 361 -14.09 55.84 25.22
CA SER B 361 -13.21 56.38 26.29
C SER B 361 -12.64 57.70 25.83
N GLU B 362 -12.31 58.54 26.81
CA GLU B 362 -11.67 59.81 26.55
C GLU B 362 -10.68 59.67 25.38
N ARG B 363 -9.81 58.66 25.37
CA ARG B 363 -8.78 58.52 24.31
C ARG B 363 -9.13 57.55 23.19
N ASP B 364 -10.42 57.21 23.09
CA ASP B 364 -10.99 56.41 21.99
C ASP B 364 -10.35 56.68 20.63
N PRO B 365 -9.69 55.66 20.03
CA PRO B 365 -8.91 55.79 18.78
C PRO B 365 -9.65 56.08 17.48
N GLY B 366 -11.01 56.05 17.47
CA GLY B 366 -11.86 56.25 16.26
C GLY B 366 -11.61 55.25 15.10
N LEU B 367 -11.67 53.96 15.41
CA LEU B 367 -11.55 52.94 14.42
C LEU B 367 -12.77 52.08 14.46
N ASP B 368 -13.42 51.99 13.32
CA ASP B 368 -14.58 51.16 13.12
C ASP B 368 -14.28 49.66 13.37
N PRO B 369 -14.76 49.14 14.52
CA PRO B 369 -14.42 47.78 14.89
C PRO B 369 -14.97 46.78 13.87
N ALA B 370 -16.06 47.12 13.21
CA ALA B 370 -16.67 46.19 12.25
C ALA B 370 -15.73 46.01 11.07
N TRP B 371 -15.11 47.11 10.67
CA TRP B 371 -14.13 46.99 9.62
C TRP B 371 -12.86 46.28 10.10
N ILE B 372 -12.47 46.49 11.36
CA ILE B 372 -11.40 45.72 11.95
C ILE B 372 -11.71 44.20 11.75
N ARG B 373 -12.95 43.81 12.00
CA ARG B 373 -13.33 42.41 11.89
C ARG B 373 -13.38 41.88 10.45
N ARG B 374 -14.01 42.62 9.53
CA ARG B 374 -13.97 42.22 8.12
C ARG B 374 -12.51 42.02 7.69
N ILE B 375 -11.61 42.93 8.07
CA ILE B 375 -10.18 42.78 7.66
C ILE B 375 -9.48 41.61 8.33
N SER B 376 -9.75 41.36 9.59
CA SER B 376 -9.25 40.17 10.29
C SER B 376 -9.71 38.86 9.62
N PHE B 377 -10.99 38.79 9.33
CA PHE B 377 -11.54 37.65 8.61
C PHE B 377 -10.80 37.36 7.27
N TYR B 378 -10.40 38.41 6.56
CA TYR B 378 -9.59 38.23 5.36
C TYR B 378 -8.22 37.60 5.71
N TRP B 379 -7.56 38.18 6.73
CA TRP B 379 -6.27 37.68 7.22
C TRP B 379 -6.37 36.23 7.75
N GLU B 380 -7.51 35.89 8.36
CA GLU B 380 -7.75 34.54 8.83
C GLU B 380 -7.77 33.60 7.63
N ALA B 381 -8.57 33.92 6.62
CA ALA B 381 -8.56 33.13 5.40
C ALA B 381 -7.18 33.14 4.74
N VAL B 382 -6.47 34.27 4.76
CA VAL B 382 -5.12 34.27 4.17
C VAL B 382 -4.15 33.31 4.90
N ARG B 383 -4.17 33.38 6.23
CA ARG B 383 -3.36 32.56 7.12
C ARG B 383 -3.47 31.06 6.93
N ASN B 384 -4.68 30.57 6.75
CA ASN B 384 -4.87 29.14 6.47
C ASN B 384 -4.05 28.60 5.31
N GLN B 385 -3.72 29.43 4.33
CA GLN B 385 -2.87 29.02 3.22
C GLN B 385 -1.45 28.66 3.65
N TYR B 386 -0.99 29.17 4.79
CA TYR B 386 0.41 29.05 5.22
C TYR B 386 0.54 28.03 6.39
N ALA B 387 -0.41 27.09 6.51
CA ALA B 387 -0.30 25.94 7.42
C ALA B 387 1.09 25.30 7.52
N ALA B 388 1.83 25.27 6.43
CA ALA B 388 3.17 24.66 6.45
C ALA B 388 4.09 25.27 7.49
N PHE B 389 3.81 26.53 7.86
CA PHE B 389 4.69 27.34 8.68
C PHE B 389 4.06 27.65 10.04
N GLU B 390 2.92 27.04 10.34
CA GLU B 390 2.38 27.16 11.68
C GLU B 390 3.36 26.46 12.65
N SER B 391 3.47 27.00 13.85
CA SER B 391 4.29 26.40 14.88
C SER B 391 3.38 25.61 15.82
N ASP B 392 3.95 25.02 16.87
CA ASP B 392 3.17 24.12 17.75
C ASP B 392 2.76 24.75 19.09
N LEU B 393 2.92 26.06 19.22
CA LEU B 393 2.59 26.80 20.44
C LEU B 393 1.11 26.84 20.78
N LYS B 394 0.77 26.46 22.00
CA LYS B 394 -0.62 26.32 22.42
C LYS B 394 -1.11 27.59 23.07
N GLY B 395 -0.21 28.39 23.59
CA GLY B 395 -0.63 29.59 24.30
C GLY B 395 0.39 30.33 25.16
N PRO B 396 -0.11 31.13 26.07
CA PRO B 396 0.72 32.04 26.87
C PRO B 396 1.73 31.31 27.74
N ALA B 397 2.89 31.92 27.95
CA ALA B 397 3.94 31.37 28.81
C ALA B 397 4.55 32.45 29.72
N SER B 398 4.30 32.34 31.03
CA SER B 398 5.02 33.15 32.00
C SER B 398 6.50 32.83 32.01
N GLU B 399 6.89 31.74 31.39
CA GLU B 399 8.29 31.39 31.22
C GLU B 399 9.12 32.50 30.53
N VAL B 400 8.46 33.32 29.71
CA VAL B 400 9.09 34.46 29.07
C VAL B 400 9.78 35.45 30.01
N TYR B 401 9.22 35.69 31.18
CA TYR B 401 9.95 36.50 32.20
C TYR B 401 11.27 35.85 32.68
N LEU B 402 11.47 34.56 32.42
CA LEU B 402 12.69 33.91 32.86
C LEU B 402 13.73 34.02 31.77
N HIS B 403 13.38 33.62 30.54
CA HIS B 403 14.38 33.53 29.47
C HIS B 403 14.53 34.78 28.62
N GLU B 404 13.51 35.60 28.58
CA GLU B 404 13.62 36.84 27.83
C GLU B 404 13.90 36.65 26.33
N MET B 405 13.39 35.56 25.75
CA MET B 405 13.51 35.33 24.30
C MET B 405 12.52 36.22 23.53
N PRO B 406 13.01 37.04 22.59
CA PRO B 406 12.13 37.90 21.77
C PRO B 406 11.07 37.10 21.07
N GLY B 407 9.91 37.69 20.86
CA GLY B 407 8.80 37.02 20.16
C GLY B 407 9.08 36.56 18.74
N GLY B 408 9.87 37.30 17.97
CA GLY B 408 10.20 36.91 16.60
C GLY B 408 11.29 35.84 16.53
N GLN B 409 11.89 35.52 17.66
CA GLN B 409 12.86 34.47 17.78
C GLN B 409 12.22 33.20 18.31
N PHE B 410 11.26 33.30 19.22
CA PHE B 410 10.95 32.13 20.09
C PHE B 410 10.89 30.78 19.33
N THR B 411 10.19 30.84 18.21
CA THR B 411 9.81 29.68 17.45
C THR B 411 10.95 29.22 16.57
N ASN B 412 11.61 30.17 15.93
CA ASN B 412 12.80 29.91 15.16
C ASN B 412 13.90 29.17 15.94
N LEU B 413 14.13 29.62 17.17
CA LEU B 413 15.11 28.98 18.03
C LEU B 413 14.64 27.59 18.41
N LYS B 414 13.34 27.42 18.59
CA LYS B 414 12.80 26.12 18.97
C LYS B 414 12.92 25.11 17.83
N GLU B 415 12.66 25.58 16.60
CA GLU B 415 12.92 24.80 15.37
C GLU B 415 14.37 24.34 15.31
N GLN B 416 15.29 25.29 15.41
CA GLN B 416 16.72 25.03 15.51
C GLN B 416 17.06 23.92 16.52
N ALA B 417 16.47 24.00 17.70
CA ALA B 417 16.70 23.04 18.78
C ALA B 417 16.19 21.64 18.45
N ARG B 418 15.03 21.57 17.80
CA ARG B 418 14.49 20.30 17.29
C ARG B 418 15.51 19.75 16.29
N SER B 419 15.84 20.60 15.32
CA SER B 419 16.83 20.33 14.27
C SER B 419 18.20 19.83 14.73
N LEU B 420 18.58 20.17 15.96
CA LEU B 420 19.84 19.67 16.59
C LEU B 420 19.60 18.47 17.48
N GLY B 421 18.35 18.02 17.56
CA GLY B 421 18.03 16.82 18.34
C GLY B 421 17.82 17.13 19.81
N LEU B 422 17.19 18.28 20.09
CA LEU B 422 16.98 18.76 21.47
C LEU B 422 15.54 19.19 21.84
N GLU B 423 14.53 18.76 21.07
CA GLU B 423 13.10 18.92 21.41
C GLU B 423 12.77 18.53 22.86
N THR B 424 13.34 17.43 23.33
CA THR B 424 12.93 16.85 24.61
C THR B 424 13.49 17.61 25.79
N ARG B 425 14.36 18.58 25.53
CA ARG B 425 14.99 19.34 26.61
C ARG B 425 14.73 20.84 26.46
N TRP B 426 13.80 21.23 25.57
CA TRP B 426 13.51 22.63 25.25
C TRP B 426 13.67 23.58 26.44
N HIS B 427 13.28 23.10 27.62
CA HIS B 427 13.35 23.94 28.80
C HIS B 427 14.76 24.13 29.28
N GLN B 428 15.62 23.12 29.05
CA GLN B 428 17.05 23.25 29.39
C GLN B 428 17.69 24.37 28.54
N VAL B 429 17.32 24.41 27.26
CA VAL B 429 17.75 25.48 26.37
C VAL B 429 17.23 26.81 26.90
N ALA B 430 15.96 26.84 27.28
CA ALA B 430 15.38 28.08 27.80
C ALA B 430 16.08 28.55 29.08
N GLN B 431 16.44 27.62 29.97
CA GLN B 431 17.23 28.00 31.13
C GLN B 431 18.61 28.46 30.67
N ALA B 432 19.21 27.74 29.72
CA ALA B 432 20.57 28.05 29.23
C ALA B 432 20.66 29.43 28.57
N TYR B 433 19.58 29.81 27.88
CA TYR B 433 19.48 31.15 27.28
C TYR B 433 19.53 32.18 28.40
N ALA B 434 18.87 31.89 29.52
CA ALA B 434 18.82 32.85 30.61
C ALA B 434 20.18 32.89 31.25
N ASP B 435 20.76 31.73 31.49
CA ASP B 435 22.13 31.63 32.02
C ASP B 435 23.18 32.35 31.14
N ALA B 436 23.10 32.18 29.83
CA ALA B 436 24.11 32.76 28.96
C ALA B 436 23.97 34.28 28.94
N ASN B 437 22.72 34.75 28.98
CA ASN B 437 22.47 36.16 29.22
C ASN B 437 23.27 36.76 30.38
N GLN B 438 23.21 36.10 31.53
CA GLN B 438 23.85 36.60 32.74
C GLN B 438 25.36 36.50 32.61
N MET B 439 25.80 35.61 31.74
CA MET B 439 27.22 35.41 31.49
C MET B 439 27.77 36.60 30.68
N PHE B 440 27.06 36.99 29.63
CA PHE B 440 27.42 38.18 28.83
C PHE B 440 27.23 39.54 29.59
N GLY B 441 26.69 39.50 30.81
CA GLY B 441 26.61 40.68 31.65
C GLY B 441 25.23 41.30 31.70
N ASP B 442 24.20 40.53 31.40
CA ASP B 442 22.80 40.99 31.34
C ASP B 442 22.54 42.05 30.24
N ILE B 443 22.35 41.55 29.01
CA ILE B 443 22.29 42.43 27.85
C ILE B 443 20.92 42.46 27.25
N VAL B 444 20.78 43.41 26.34
CA VAL B 444 19.60 43.58 25.51
C VAL B 444 19.69 42.53 24.42
N LYS B 445 18.61 41.78 24.24
CA LYS B 445 18.55 40.60 23.37
C LYS B 445 17.50 40.84 22.33
N VAL B 446 18.00 41.21 21.16
CA VAL B 446 17.11 41.58 20.07
C VAL B 446 17.92 41.48 18.78
N THR B 447 17.26 41.33 17.64
CA THR B 447 18.01 41.03 16.45
C THR B 447 18.97 42.16 16.24
N PRO B 448 20.27 41.85 16.02
CA PRO B 448 20.83 40.48 15.95
C PRO B 448 21.47 39.92 17.24
N SER B 449 21.32 40.56 18.40
CA SER B 449 22.11 40.12 19.58
C SER B 449 21.55 38.79 20.14
N SER B 450 20.22 38.68 20.04
CA SER B 450 19.47 37.50 20.46
C SER B 450 19.85 36.22 19.70
N LYS B 451 20.09 36.32 18.39
CA LYS B 451 20.65 35.19 17.59
C LYS B 451 21.95 34.67 18.18
N VAL B 452 22.74 35.58 18.76
CA VAL B 452 24.06 35.21 19.37
C VAL B 452 23.88 34.46 20.69
N VAL B 453 22.86 34.82 21.45
CA VAL B 453 22.63 34.19 22.75
C VAL B 453 22.01 32.83 22.49
N GLY B 454 21.11 32.79 21.51
CA GLY B 454 20.52 31.54 21.04
C GLY B 454 21.59 30.51 20.81
N ASP B 455 22.43 30.77 19.81
CA ASP B 455 23.57 29.92 19.50
C ASP B 455 24.33 29.45 20.74
N MET B 456 24.58 30.36 21.69
CA MET B 456 25.39 30.00 22.86
CA MET B 456 25.38 30.03 22.90
C MET B 456 24.59 29.14 23.84
N ALA B 457 23.28 29.30 23.83
CA ALA B 457 22.41 28.50 24.66
C ALA B 457 22.34 27.10 24.10
N LEU B 458 22.22 27.01 22.78
CA LEU B 458 22.17 25.73 22.05
C LEU B 458 23.45 24.92 22.24
N MET B 459 24.60 25.57 22.09
CA MET B 459 25.88 24.93 22.30
C MET B 459 25.97 24.37 23.73
N MET B 460 25.50 25.15 24.70
CA MET B 460 25.58 24.75 26.12
C MET B 460 24.83 23.45 26.46
N VAL B 461 23.62 23.32 25.89
CA VAL B 461 22.80 22.11 26.05
C VAL B 461 23.39 20.89 25.32
N SER B 462 23.63 21.04 24.00
CA SER B 462 24.24 19.97 23.20
C SER B 462 25.40 19.40 23.93
N GLN B 463 26.38 20.24 24.22
CA GLN B 463 27.63 19.80 24.83
C GLN B 463 27.67 19.93 26.36
N ASP B 464 26.51 20.05 27.01
CA ASP B 464 26.40 19.87 28.47
C ASP B 464 27.36 20.72 29.34
N LEU B 465 27.45 22.02 29.02
CA LEU B 465 28.35 22.93 29.73
C LEU B 465 27.55 23.79 30.70
N THR B 466 28.10 23.97 31.90
CA THR B 466 27.51 24.90 32.86
C THR B 466 28.00 26.30 32.47
N VAL B 467 27.54 27.30 33.21
CA VAL B 467 28.14 28.63 33.11
C VAL B 467 29.64 28.49 33.43
N ALA B 468 29.95 27.84 34.56
CA ALA B 468 31.34 27.65 35.05
C ALA B 468 32.26 26.96 34.04
N ASP B 469 31.72 26.04 33.27
CA ASP B 469 32.46 25.37 32.19
C ASP B 469 32.92 26.36 31.13
N VAL B 470 32.04 27.27 30.70
CA VAL B 470 32.36 28.17 29.60
C VAL B 470 33.48 29.15 29.98
N VAL B 471 33.42 29.69 31.20
CA VAL B 471 34.54 30.46 31.77
C VAL B 471 35.59 29.59 32.48
N SER B 472 35.78 28.37 32.05
CA SER B 472 36.85 27.55 32.63
C SER B 472 38.16 27.80 31.89
N PRO B 473 39.21 28.25 32.60
CA PRO B 473 40.54 28.06 32.04
C PRO B 473 40.77 26.65 31.48
N ASP B 474 40.57 25.62 32.32
CA ASP B 474 40.94 24.24 31.97
C ASP B 474 39.94 23.51 31.06
N ARG B 475 39.48 24.16 29.99
CA ARG B 475 38.42 23.58 29.16
C ARG B 475 38.31 24.24 27.78
N GLU B 476 38.85 23.57 26.76
CA GLU B 476 38.76 24.04 25.37
C GLU B 476 37.30 24.18 25.00
N VAL B 477 36.95 25.30 24.38
CA VAL B 477 35.62 25.53 23.86
C VAL B 477 35.72 26.17 22.49
N SER B 478 34.98 25.63 21.52
CA SER B 478 34.99 26.16 20.17
C SER B 478 33.75 27.00 19.95
N PHE B 479 33.83 28.27 20.35
CA PHE B 479 32.67 29.15 20.33
C PHE B 479 32.09 29.29 18.91
N PRO B 480 30.77 29.55 18.81
CA PRO B 480 30.16 29.82 17.52
C PRO B 480 30.65 31.16 16.92
N GLU B 481 30.68 31.23 15.59
CA GLU B 481 31.27 32.36 14.89
C GLU B 481 30.51 33.65 15.09
N SER B 482 29.24 33.58 15.53
CA SER B 482 28.46 34.79 15.87
C SER B 482 28.76 35.34 17.26
N VAL B 483 29.31 34.52 18.14
CA VAL B 483 29.71 34.94 19.49
C VAL B 483 31.13 35.53 19.50
N VAL B 484 32.07 34.85 18.81
CA VAL B 484 33.42 35.38 18.61
C VAL B 484 33.27 36.82 18.07
N SER B 485 32.44 36.97 17.04
CA SER B 485 32.13 38.26 16.46
C SER B 485 31.63 39.30 17.49
N MET B 486 30.59 38.96 18.26
CA MET B 486 29.97 39.91 19.21
C MET B 486 30.96 40.39 20.23
N LEU B 487 31.75 39.46 20.72
CA LEU B 487 32.73 39.77 21.75
C LEU B 487 33.91 40.57 21.20
N LYS B 488 34.18 40.43 19.90
CA LYS B 488 35.24 41.18 19.23
C LYS B 488 34.92 42.66 19.25
N GLY B 489 33.62 42.97 19.19
CA GLY B 489 33.11 44.34 19.03
C GLY B 489 32.17 44.53 17.84
N ASP B 490 31.95 43.46 17.08
CA ASP B 490 31.31 43.53 15.77
C ASP B 490 29.85 43.98 15.82
N LEU B 491 29.19 43.83 16.97
CA LEU B 491 27.82 44.39 17.14
C LEU B 491 27.83 45.68 17.97
N GLY B 492 29.00 46.13 18.40
CA GLY B 492 29.10 47.32 19.23
C GLY B 492 29.38 46.97 20.67
N GLN B 493 28.90 47.81 21.58
CA GLN B 493 29.24 47.73 23.00
C GLN B 493 28.04 47.91 23.91
N PRO B 494 27.92 47.03 24.94
CA PRO B 494 26.96 47.24 26.02
C PRO B 494 27.48 48.23 27.06
N PRO B 495 26.58 48.75 27.89
CA PRO B 495 26.89 49.87 28.77
C PRO B 495 28.22 49.80 29.56
N SER B 496 28.62 48.64 30.06
CA SER B 496 29.88 48.58 30.84
C SER B 496 30.94 47.69 30.21
N GLY B 497 30.82 47.43 28.91
CA GLY B 497 31.79 46.60 28.19
C GLY B 497 31.58 45.11 28.42
N TRP B 498 32.18 44.27 27.58
CA TRP B 498 32.01 42.82 27.67
C TRP B 498 32.88 42.30 28.79
N PRO B 499 32.48 41.20 29.47
CA PRO B 499 33.28 40.58 30.56
C PRO B 499 34.68 40.08 30.14
N GLU B 500 35.69 40.47 30.91
CA GLU B 500 37.08 40.24 30.53
C GLU B 500 37.34 38.82 30.00
N ALA B 501 37.25 37.85 30.91
CA ALA B 501 37.72 36.48 30.65
C ALA B 501 36.89 35.76 29.58
N LEU B 502 35.58 35.83 29.65
CA LEU B 502 34.79 35.19 28.63
C LEU B 502 35.38 35.57 27.26
N GLN B 503 35.58 36.88 27.10
CA GLN B 503 36.11 37.49 25.89
C GLN B 503 37.58 37.11 25.60
N LYS B 504 38.42 37.07 26.62
CA LYS B 504 39.82 36.62 26.42
C LYS B 504 39.83 35.24 25.76
N LYS B 505 39.08 34.31 26.36
CA LYS B 505 39.11 32.90 26.00
C LYS B 505 38.43 32.62 24.68
N ALA B 506 37.60 33.54 24.23
CA ALA B 506 36.87 33.34 23.02
C ALA B 506 37.71 33.69 21.79
N LEU B 507 38.42 34.82 21.84
CA LEU B 507 39.10 35.34 20.66
C LEU B 507 40.47 34.66 20.45
N LYS B 508 40.87 33.80 21.39
CA LYS B 508 42.03 32.94 21.18
C LYS B 508 43.22 33.74 20.63
N GLY B 509 43.40 34.96 21.12
CA GLY B 509 44.50 35.81 20.66
C GLY B 509 44.08 37.12 20.02
N GLU B 510 43.02 37.11 19.20
CA GLU B 510 42.66 38.35 18.48
C GLU B 510 42.32 39.49 19.47
N LYS B 511 42.79 40.70 19.16
CA LYS B 511 42.55 41.85 20.02
C LYS B 511 41.11 42.31 19.75
N PRO B 512 40.37 42.71 20.81
CA PRO B 512 39.05 43.28 20.58
C PRO B 512 39.15 44.77 20.23
N TYR B 513 38.03 45.38 19.86
CA TYR B 513 37.91 46.82 19.86
C TYR B 513 36.61 47.21 20.55
N THR B 514 36.61 48.43 21.05
CA THR B 514 35.49 49.04 21.75
C THR B 514 34.88 50.19 20.98
N VAL B 515 35.40 50.47 19.79
CA VAL B 515 34.90 51.58 18.98
C VAL B 515 33.63 51.18 18.20
N ARG B 516 33.04 52.17 17.56
CA ARG B 516 31.91 51.97 16.68
C ARG B 516 32.40 51.23 15.44
N PRO B 517 31.85 50.02 15.14
CA PRO B 517 32.35 49.28 13.99
C PRO B 517 32.45 50.07 12.71
N GLY B 518 31.42 50.89 12.44
CA GLY B 518 31.35 51.72 11.24
C GLY B 518 32.55 52.62 11.01
N SER B 519 33.13 53.13 12.09
CA SER B 519 34.34 53.94 12.03
C SER B 519 35.59 53.16 11.64
N LEU B 520 35.54 51.83 11.69
CA LEU B 520 36.68 51.03 11.29
C LEU B 520 36.56 50.42 9.92
N LEU B 521 35.46 50.67 9.23
CA LEU B 521 35.16 49.92 8.04
C LEU B 521 35.29 50.72 6.79
N LYS B 522 35.96 50.18 5.80
CA LYS B 522 36.16 50.91 4.58
C LYS B 522 34.82 51.24 3.96
N GLU B 523 34.67 52.46 3.51
CA GLU B 523 33.47 52.82 2.81
C GLU B 523 33.55 52.11 1.50
N ALA B 524 32.46 51.52 1.06
CA ALA B 524 32.48 50.68 -0.12
C ALA B 524 32.64 51.50 -1.35
N ASP B 525 33.13 50.88 -2.42
CA ASP B 525 33.19 51.58 -3.67
C ASP B 525 31.92 51.34 -4.49
N LEU B 526 30.95 52.20 -4.28
CA LEU B 526 29.61 52.06 -4.86
C LEU B 526 29.56 52.10 -6.39
N ASP B 527 30.44 52.86 -7.05
CA ASP B 527 30.60 52.72 -8.51
C ASP B 527 31.17 51.35 -8.89
N ALA B 528 32.13 50.86 -8.12
CA ALA B 528 32.87 49.64 -8.47
C ALA B 528 32.00 48.41 -8.31
N GLU B 529 31.25 48.37 -7.22
CA GLU B 529 30.47 47.18 -6.90
C GLU B 529 29.25 47.06 -7.83
N ARG B 530 28.59 48.17 -8.10
CA ARG B 530 27.64 48.24 -9.22
C ARG B 530 28.20 47.54 -10.46
N LYS B 531 29.42 47.82 -10.87
CA LYS B 531 30.01 47.04 -11.99
C LYS B 531 30.13 45.51 -11.71
N VAL B 532 30.42 45.12 -10.47
CA VAL B 532 30.51 43.70 -10.12
C VAL B 532 29.18 43.01 -10.44
N ILE B 533 28.14 43.33 -9.65
CA ILE B 533 26.81 42.73 -9.84
C ILE B 533 26.31 42.93 -11.28
N GLU B 534 26.52 44.12 -11.88
CA GLU B 534 26.02 44.36 -13.23
C GLU B 534 26.74 43.51 -14.28
N LYS B 535 28.05 43.31 -14.13
CA LYS B 535 28.76 42.30 -14.93
C LYS B 535 28.25 40.87 -14.67
N LYS B 536 27.94 40.56 -13.40
CA LYS B 536 27.49 39.19 -13.04
C LYS B 536 26.17 38.85 -13.73
N LEU B 537 25.18 39.77 -13.63
CA LEU B 537 23.85 39.59 -14.26
C LEU B 537 23.77 39.99 -15.75
N GLU B 538 24.89 40.42 -16.32
CA GLU B 538 24.96 40.82 -17.71
C GLU B 538 23.94 41.90 -18.05
N ARG B 539 23.62 42.72 -17.06
CA ARG B 539 22.60 43.74 -17.23
C ARG B 539 22.72 44.83 -16.19
N GLU B 540 22.30 46.03 -16.56
CA GLU B 540 22.17 47.11 -15.61
C GLU B 540 21.13 46.72 -14.54
N VAL B 541 21.21 47.38 -13.39
CA VAL B 541 20.25 47.17 -12.30
C VAL B 541 19.76 48.51 -11.78
N SER B 542 18.67 48.48 -11.00
CA SER B 542 18.13 49.68 -10.41
C SER B 542 18.91 50.01 -9.12
N ASP B 543 18.89 51.28 -8.73
CA ASP B 543 19.35 51.73 -7.41
C ASP B 543 18.77 50.83 -6.30
N PHE B 544 17.48 50.55 -6.41
CA PHE B 544 16.76 49.70 -5.46
C PHE B 544 17.33 48.31 -5.38
N GLU B 545 17.59 47.74 -6.56
CA GLU B 545 18.20 46.42 -6.63
C GLU B 545 19.60 46.47 -6.01
N PHE B 546 20.37 47.50 -6.38
CA PHE B 546 21.73 47.68 -5.90
C PHE B 546 21.78 47.78 -4.36
N ALA B 547 20.79 48.42 -3.75
CA ALA B 547 20.73 48.46 -2.29
C ALA B 547 20.62 47.05 -1.71
N SER B 548 19.85 46.21 -2.41
CA SER B 548 19.60 44.85 -1.97
C SER B 548 20.87 44.04 -2.02
N TYR B 549 21.64 44.21 -3.09
CA TYR B 549 22.92 43.52 -3.25
C TYR B 549 23.97 44.05 -2.28
N LEU B 550 23.80 45.25 -1.76
CA LEU B 550 24.71 45.74 -0.74
C LEU B 550 24.33 45.15 0.60
N MET B 551 23.03 44.95 0.83
CA MET B 551 22.60 44.30 2.05
C MET B 551 22.86 42.79 1.95
N TYR B 552 22.64 42.21 0.77
CA TYR B 552 22.65 40.76 0.61
C TYR B 552 23.14 40.32 -0.79
N PRO B 553 24.44 40.44 -1.03
CA PRO B 553 25.00 40.10 -2.33
C PRO B 553 24.57 38.71 -2.80
N LYS B 554 24.69 37.70 -1.93
CA LYS B 554 24.43 36.33 -2.37
C LYS B 554 22.94 36.07 -2.59
N VAL B 555 22.15 36.44 -1.60
CA VAL B 555 20.72 36.18 -1.67
C VAL B 555 20.13 36.93 -2.85
N PHE B 556 20.50 38.20 -3.03
CA PHE B 556 19.95 38.96 -4.16
C PHE B 556 20.45 38.40 -5.50
N THR B 557 21.71 38.01 -5.55
CA THR B 557 22.22 37.47 -6.78
C THR B 557 21.45 36.20 -7.14
N ASP B 558 21.16 35.37 -6.13
CA ASP B 558 20.35 34.14 -6.37
C ASP B 558 18.96 34.48 -6.88
N PHE B 559 18.28 35.37 -6.16
CA PHE B 559 16.93 35.75 -6.52
C PHE B 559 16.85 36.35 -7.93
N ALA B 560 17.85 37.12 -8.32
CA ALA B 560 17.83 37.78 -9.63
C ALA B 560 17.89 36.76 -10.74
N LEU B 561 18.57 35.64 -10.49
CA LEU B 561 18.66 34.52 -11.43
C LEU B 561 17.38 33.66 -11.43
N ALA B 562 16.88 33.33 -10.25
CA ALA B 562 15.51 32.79 -10.15
C ALA B 562 14.51 33.59 -10.98
N SER B 563 14.59 34.92 -10.90
CA SER B 563 13.67 35.77 -11.63
C SER B 563 13.82 35.67 -13.15
N ASP B 564 15.05 35.52 -13.61
CA ASP B 564 15.30 35.36 -15.02
C ASP B 564 14.80 34.01 -15.51
N THR B 565 14.69 33.03 -14.63
CA THR B 565 14.21 31.70 -15.05
C THR B 565 12.70 31.64 -14.96
N TYR B 566 12.16 32.04 -13.82
CA TYR B 566 10.79 31.74 -13.48
C TYR B 566 9.82 32.90 -13.65
N GLY B 567 10.36 34.11 -13.89
CA GLY B 567 9.53 35.27 -14.20
C GLY B 567 8.81 35.78 -12.96
N PRO B 568 7.78 36.60 -13.13
CA PRO B 568 7.10 37.32 -12.05
C PRO B 568 6.22 36.39 -11.16
N VAL B 569 6.85 35.43 -10.51
CA VAL B 569 6.10 34.48 -9.72
C VAL B 569 5.34 35.11 -8.56
N SER B 570 5.63 36.34 -8.17
CA SER B 570 4.87 36.99 -7.11
C SER B 570 3.41 37.24 -7.49
N VAL B 571 3.10 37.24 -8.78
CA VAL B 571 1.72 37.44 -9.24
C VAL B 571 0.84 36.20 -9.05
N LEU B 572 1.43 35.03 -8.82
CA LEU B 572 0.64 33.84 -8.60
C LEU B 572 -0.03 33.90 -7.25
N PRO B 573 -1.26 33.44 -7.17
CA PRO B 573 -1.83 33.22 -5.85
C PRO B 573 -1.00 32.19 -5.08
N THR B 574 -1.14 32.22 -3.76
CA THR B 574 -0.26 31.48 -2.83
C THR B 574 -0.36 29.94 -2.93
N PRO B 575 -1.58 29.39 -3.00
CA PRO B 575 -1.62 27.93 -3.19
C PRO B 575 -0.81 27.48 -4.37
N ALA B 576 -0.92 28.20 -5.46
CA ALA B 576 -0.22 27.84 -6.63
C ALA B 576 1.24 28.10 -6.47
N TYR B 577 1.64 29.20 -5.85
CA TYR B 577 3.06 29.41 -5.57
C TYR B 577 3.69 28.25 -4.82
N PHE B 578 3.01 27.75 -3.79
CA PHE B 578 3.58 26.67 -2.97
C PHE B 578 3.30 25.27 -3.49
N TYR B 579 2.15 25.05 -4.13
CA TYR B 579 1.78 23.68 -4.50
C TYR B 579 1.61 23.35 -6.00
N GLY B 580 1.63 24.35 -6.87
CA GLY B 580 1.46 24.13 -8.30
C GLY B 580 0.00 23.94 -8.60
N LEU B 581 -0.32 23.04 -9.51
CA LEU B 581 -1.71 22.85 -9.89
C LEU B 581 -2.15 21.38 -9.86
N ALA B 582 -3.29 21.10 -9.23
CA ALA B 582 -3.88 19.77 -9.29
C ALA B 582 -4.22 19.43 -10.71
N ASP B 583 -4.26 18.14 -10.99
CA ASP B 583 -4.70 17.61 -12.26
C ASP B 583 -6.00 18.25 -12.72
N GLY B 584 -6.00 18.79 -13.92
CA GLY B 584 -7.19 19.44 -14.45
C GLY B 584 -7.57 20.79 -13.88
N GLU B 585 -6.81 21.30 -12.92
CA GLU B 585 -7.10 22.61 -12.27
C GLU B 585 -6.91 23.81 -13.22
N GLU B 586 -7.86 24.74 -13.14
CA GLU B 586 -7.83 26.00 -13.92
C GLU B 586 -7.36 27.13 -13.02
N LEU B 587 -6.36 27.86 -13.47
CA LEU B 587 -5.84 29.02 -12.76
C LEU B 587 -5.92 30.33 -13.58
N PHE B 588 -6.27 31.43 -12.91
CA PHE B 588 -6.28 32.76 -13.51
C PHE B 588 -5.11 33.51 -12.86
N ALA B 589 -4.17 33.96 -13.69
CA ALA B 589 -2.98 34.63 -13.19
C ALA B 589 -2.74 35.99 -13.89
N ASP B 590 -2.90 37.07 -13.13
CA ASP B 590 -2.73 38.42 -13.65
C ASP B 590 -1.23 38.73 -13.78
N ILE B 591 -0.69 38.54 -14.97
CA ILE B 591 0.73 38.82 -15.20
C ILE B 591 1.08 40.32 -15.13
N GLU B 592 0.14 41.16 -15.57
CA GLU B 592 0.31 42.62 -15.59
C GLU B 592 -1.03 43.16 -15.15
N LYS B 593 -1.07 44.46 -14.87
CA LYS B 593 -2.32 45.14 -14.59
C LYS B 593 -3.42 44.68 -15.55
N GLY B 594 -3.19 44.79 -16.85
CA GLY B 594 -4.25 44.49 -17.83
C GLY B 594 -4.56 43.03 -18.19
N LYS B 595 -3.57 42.14 -18.04
CA LYS B 595 -3.48 40.89 -18.83
C LYS B 595 -3.56 39.63 -17.95
N THR B 596 -4.64 38.89 -18.14
CA THR B 596 -4.90 37.69 -17.37
C THR B 596 -4.68 36.43 -18.21
N LEU B 597 -3.69 35.63 -17.78
CA LEU B 597 -3.48 34.30 -18.33
C LEU B 597 -4.43 33.29 -17.69
N VAL B 598 -5.14 32.51 -18.51
CA VAL B 598 -5.90 31.37 -18.05
C VAL B 598 -5.04 30.14 -18.28
N ILE B 599 -4.77 29.41 -17.19
CA ILE B 599 -3.86 28.24 -17.24
C ILE B 599 -4.53 26.98 -16.69
N VAL B 600 -4.50 25.92 -17.51
CA VAL B 600 -5.04 24.61 -17.14
C VAL B 600 -3.96 23.52 -17.22
N ASN B 601 -3.82 22.79 -16.10
CA ASN B 601 -3.06 21.54 -16.06
C ASN B 601 -3.88 20.36 -16.58
N GLN B 602 -3.56 19.91 -17.79
CA GLN B 602 -4.35 18.87 -18.43
C GLN B 602 -3.75 17.48 -18.25
N ALA B 603 -2.44 17.43 -18.08
CA ALA B 603 -1.79 16.17 -17.88
C ALA B 603 -0.32 16.32 -17.60
N VAL B 604 0.22 15.30 -16.96
CA VAL B 604 1.61 15.21 -16.57
C VAL B 604 2.10 13.85 -17.00
N SER B 605 3.14 13.79 -17.82
CA SER B 605 3.73 12.53 -18.24
C SER B 605 4.48 11.78 -17.14
N ALA B 606 4.67 10.50 -17.35
CA ALA B 606 5.67 9.78 -16.56
C ALA B 606 7.07 10.39 -16.85
N THR B 607 8.05 9.97 -16.05
CA THR B 607 9.42 10.45 -16.21
C THR B 607 10.11 9.72 -17.34
N ASP B 608 10.67 10.50 -18.27
CA ASP B 608 11.25 9.93 -19.48
C ASP B 608 12.72 9.55 -19.24
N SER B 609 13.34 8.92 -20.23
CA SER B 609 14.68 8.40 -20.06
C SER B 609 15.76 9.48 -19.87
N GLN B 610 15.43 10.74 -20.03
CA GLN B 610 16.42 11.79 -19.73
C GLN B 610 16.22 12.41 -18.33
N GLY B 611 15.41 11.75 -17.51
CA GLY B 611 15.08 12.22 -16.17
C GLY B 611 14.19 13.43 -16.18
N MET B 612 13.48 13.70 -17.28
CA MET B 612 12.57 14.88 -17.40
C MET B 612 11.10 14.47 -17.38
N VAL B 613 10.24 15.43 -17.03
CA VAL B 613 8.79 15.28 -17.01
C VAL B 613 8.11 16.40 -17.79
N THR B 614 7.18 16.08 -18.66
CA THR B 614 6.47 17.05 -19.47
C THR B 614 5.13 17.30 -18.84
N VAL B 615 4.82 18.56 -18.57
CA VAL B 615 3.50 19.00 -18.16
C VAL B 615 2.78 19.66 -19.34
N PHE B 616 1.52 19.28 -19.52
CA PHE B 616 0.67 19.68 -20.63
C PHE B 616 -0.35 20.72 -20.14
N PHE B 617 -0.08 21.97 -20.46
CA PHE B 617 -0.95 23.07 -20.12
C PHE B 617 -1.81 23.51 -21.30
N GLU B 618 -2.98 24.07 -20.99
CA GLU B 618 -3.68 24.98 -21.92
C GLU B 618 -3.37 26.40 -21.42
N LEU B 619 -2.79 27.23 -22.28
CA LEU B 619 -2.61 28.68 -22.02
C LEU B 619 -3.53 29.53 -22.88
N ASN B 620 -4.52 30.14 -22.23
CA ASN B 620 -5.54 30.91 -22.95
C ASN B 620 -6.12 30.14 -24.13
N GLY B 621 -6.32 28.84 -23.96
CA GLY B 621 -6.96 28.00 -24.96
C GLY B 621 -6.03 27.29 -25.93
N GLN B 622 -4.73 27.58 -25.85
CA GLN B 622 -3.72 26.95 -26.69
C GLN B 622 -2.87 25.92 -25.94
N PRO B 623 -2.58 24.78 -26.57
CA PRO B 623 -1.76 23.74 -25.96
C PRO B 623 -0.30 24.19 -25.74
N ARG B 624 0.21 23.97 -24.53
CA ARG B 624 1.62 24.22 -24.26
C ARG B 624 2.26 23.05 -23.51
N ARG B 625 3.55 22.84 -23.76
CA ARG B 625 4.29 21.71 -23.22
C ARG B 625 5.61 22.19 -22.59
N ILE B 626 5.70 21.97 -21.28
CA ILE B 626 6.84 22.39 -20.54
C ILE B 626 7.53 21.20 -19.93
N LYS B 627 8.80 21.03 -20.26
CA LYS B 627 9.69 20.04 -19.66
C LYS B 627 10.45 20.61 -18.46
N VAL B 628 10.45 19.87 -17.35
CA VAL B 628 11.18 20.21 -16.15
C VAL B 628 11.80 18.93 -15.64
N PRO B 629 12.86 19.03 -14.85
CA PRO B 629 13.50 17.83 -14.32
C PRO B 629 12.72 17.17 -13.19
N ASP B 630 12.81 15.84 -13.10
CA ASP B 630 12.28 15.09 -11.94
C ASP B 630 13.35 15.07 -10.87
N ARG B 631 13.19 15.93 -9.85
CA ARG B 631 14.27 16.19 -8.88
C ARG B 631 14.36 15.19 -7.73
N ALA B 632 13.51 14.15 -7.73
CA ALA B 632 13.63 13.05 -6.74
C ALA B 632 14.95 12.25 -6.90
N ASP C 36 11.42 -31.26 23.69
CA ASP C 36 12.74 -31.02 23.04
C ASP C 36 12.79 -31.52 21.60
N ARG C 37 12.62 -32.83 21.36
CA ARG C 37 12.50 -33.32 19.97
C ARG C 37 11.48 -32.41 19.27
N ALA C 38 10.36 -32.17 19.95
CA ALA C 38 9.33 -31.24 19.47
C ALA C 38 9.79 -29.79 19.45
N THR C 39 10.50 -29.36 20.49
CA THR C 39 11.00 -27.98 20.61
C THR C 39 11.80 -27.57 19.38
N LYS C 40 12.72 -28.45 18.97
CA LYS C 40 13.55 -28.24 17.79
C LYS C 40 12.74 -27.95 16.52
N LEU C 41 11.72 -28.76 16.26
CA LEU C 41 10.87 -28.56 15.08
C LEU C 41 10.14 -27.24 15.14
N LEU C 42 9.61 -26.92 16.31
CA LEU C 42 8.92 -25.66 16.49
C LEU C 42 9.82 -24.51 16.13
N THR C 43 11.10 -24.62 16.43
CA THR C 43 12.08 -23.60 16.07
C THR C 43 12.18 -23.47 14.55
N TYR C 44 12.11 -24.60 13.83
CA TYR C 44 12.15 -24.59 12.37
C TYR C 44 10.92 -23.88 11.83
N LEU C 45 9.76 -24.33 12.29
CA LEU C 45 8.50 -23.73 11.86
C LEU C 45 8.48 -22.24 12.08
N ALA C 46 9.16 -21.79 13.11
CA ALA C 46 9.25 -20.36 13.38
C ALA C 46 10.22 -19.68 12.41
N ASP C 47 11.39 -20.28 12.21
CA ASP C 47 12.39 -19.66 11.35
C ASP C 47 11.87 -19.52 9.91
N VAL C 48 11.16 -20.52 9.43
CA VAL C 48 10.67 -20.46 8.07
C VAL C 48 9.35 -19.70 7.96
N THR C 49 8.55 -19.74 9.00
CA THR C 49 7.35 -18.95 8.96
C THR C 49 7.73 -17.51 8.89
N VAL C 50 8.68 -17.11 9.70
CA VAL C 50 9.20 -15.77 9.63
C VAL C 50 10.06 -15.43 8.44
N ASN C 51 11.00 -16.29 8.09
CA ASN C 51 11.97 -15.91 7.07
C ASN C 51 11.82 -16.48 5.69
N GLY C 52 10.85 -17.36 5.53
CA GLY C 52 10.65 -18.10 4.30
C GLY C 52 11.68 -19.21 4.24
N HIS C 53 11.60 -20.00 3.17
CA HIS C 53 12.60 -21.00 2.87
C HIS C 53 13.47 -20.44 1.73
N PRO C 54 14.82 -20.54 1.86
CA PRO C 54 15.69 -19.92 0.86
C PRO C 54 15.45 -20.42 -0.56
N GLU C 55 15.27 -21.73 -0.74
CA GLU C 55 14.94 -22.29 -2.06
C GLU C 55 13.55 -21.97 -2.56
N ALA C 56 12.71 -21.27 -1.77
CA ALA C 56 11.31 -21.06 -2.14
C ALA C 56 10.80 -19.67 -2.12
N LYS C 57 11.40 -18.80 -1.32
CA LYS C 57 10.76 -17.54 -0.98
C LYS C 57 10.67 -16.55 -2.13
N ASP C 58 11.40 -16.75 -3.23
CA ASP C 58 11.33 -15.76 -4.34
C ASP C 58 10.63 -16.27 -5.61
N ARG C 59 10.07 -17.48 -5.52
CA ARG C 59 9.49 -18.19 -6.67
C ARG C 59 7.99 -18.38 -6.49
N PRO C 60 7.32 -19.04 -7.44
CA PRO C 60 5.86 -19.05 -7.33
C PRO C 60 5.30 -19.95 -6.23
N LYS C 61 4.19 -19.49 -5.65
CA LYS C 61 3.49 -20.20 -4.60
C LYS C 61 2.43 -21.12 -5.20
N PRO C 62 1.97 -22.10 -4.42
CA PRO C 62 0.84 -22.92 -4.84
C PRO C 62 -0.47 -22.21 -4.58
N LEU C 63 -1.52 -22.62 -5.29
CA LEU C 63 -2.86 -22.05 -5.13
C LEU C 63 -3.40 -22.20 -3.69
N GLU C 64 -3.58 -21.09 -2.95
CA GLU C 64 -3.91 -21.10 -1.47
C GLU C 64 -4.98 -22.17 -1.10
N ASN C 65 -5.90 -22.33 -2.04
CA ASN C 65 -6.70 -23.53 -2.30
C ASN C 65 -5.95 -24.86 -2.14
N ALA C 67 -6.24 -28.40 -1.90
CA ALA C 67 -6.35 -29.88 -1.73
C ALA C 67 -5.05 -30.59 -1.27
N ARG C 68 -4.90 -30.80 0.04
CA ARG C 68 -3.89 -31.77 0.57
C ARG C 68 -3.96 -33.13 -0.18
N PRO C 69 -2.81 -33.79 -0.38
CA PRO C 69 -2.84 -35.14 -0.94
C PRO C 69 -3.49 -36.13 0.04
N VAL C 70 -4.20 -37.10 -0.51
CA VAL C 70 -4.86 -38.11 0.27
C VAL C 70 -4.33 -39.44 -0.16
N VAL C 71 -3.71 -40.14 0.78
CA VAL C 71 -3.31 -41.49 0.52
C VAL C 71 -4.58 -42.26 0.22
N PRO C 72 -4.65 -42.97 -0.91
CA PRO C 72 -5.86 -43.71 -1.20
C PRO C 72 -6.21 -44.78 -0.20
N TYR C 73 -7.47 -45.14 -0.15
CA TYR C 73 -8.02 -46.02 0.85
C TYR C 73 -7.46 -47.42 0.83
N ALA C 74 -7.14 -47.91 2.01
CA ALA C 74 -6.58 -49.24 2.16
C ALA C 74 -7.58 -50.28 1.71
N ASN C 75 -7.11 -51.28 0.98
CA ASN C 75 -7.98 -52.29 0.42
C ASN C 75 -8.15 -53.47 1.37
N GLY C 76 -7.56 -53.35 2.54
CA GLY C 76 -7.66 -54.35 3.57
C GLY C 76 -6.70 -55.52 3.47
N ASN C 77 -6.54 -56.09 2.28
CA ASN C 77 -5.66 -57.26 2.22
C ASN C 77 -4.26 -57.02 2.84
N GLY C 78 -3.57 -58.11 3.19
CA GLY C 78 -2.11 -58.13 3.23
C GLY C 78 -1.48 -57.91 1.83
N VAL C 79 -0.17 -58.11 1.75
CA VAL C 79 0.58 -57.77 0.54
C VAL C 79 1.06 -59.03 -0.16
N LYS C 80 0.79 -59.07 -1.46
CA LYS C 80 1.21 -60.17 -2.35
C LYS C 80 2.73 -60.14 -2.50
N ASP C 81 3.34 -61.30 -2.36
CA ASP C 81 4.73 -61.48 -2.73
C ASP C 81 4.94 -60.96 -4.15
N GLY C 82 6.04 -60.27 -4.42
CA GLY C 82 6.41 -59.92 -5.78
C GLY C 82 7.85 -60.23 -6.15
N THR C 83 8.41 -59.36 -6.97
CA THR C 83 9.78 -59.52 -7.47
C THR C 83 10.82 -59.60 -6.35
N LYS C 84 10.57 -58.92 -5.25
CA LYS C 84 11.48 -58.95 -4.12
C LYS C 84 11.63 -60.33 -3.55
N GLN C 85 10.54 -61.05 -3.39
CA GLN C 85 10.60 -62.37 -2.83
C GLN C 85 11.19 -63.41 -3.81
N LEU C 86 10.98 -63.11 -5.09
CA LEU C 86 11.46 -63.91 -6.19
C LEU C 86 13.01 -63.80 -6.30
N LEU C 87 13.48 -62.55 -6.30
CA LEU C 87 14.88 -62.30 -6.20
C LEU C 87 15.46 -63.05 -5.02
N ASP C 88 14.89 -62.90 -3.82
CA ASP C 88 15.44 -63.62 -2.67
C ASP C 88 15.50 -65.12 -2.90
N THR C 89 14.59 -65.67 -3.71
CA THR C 89 14.56 -67.13 -3.96
C THR C 89 15.57 -67.62 -5.03
N LEU C 90 15.68 -66.85 -6.11
CA LEU C 90 16.47 -67.19 -7.28
C LEU C 90 17.93 -66.72 -7.25
N GLY C 91 18.19 -65.56 -6.64
CA GLY C 91 19.45 -64.87 -6.81
C GLY C 91 19.44 -64.08 -8.09
N PRO C 92 20.40 -63.15 -8.23
CA PRO C 92 20.37 -62.25 -9.38
C PRO C 92 20.54 -62.90 -10.76
N LYS C 93 21.42 -63.90 -10.85
CA LYS C 93 21.63 -64.57 -12.14
C LYS C 93 20.35 -65.23 -12.65
N LYS C 94 19.81 -66.16 -11.89
CA LYS C 94 18.51 -66.78 -12.23
C LYS C 94 17.35 -65.82 -12.33
N PHE C 95 17.32 -64.78 -11.49
CA PHE C 95 16.23 -63.75 -11.60
C PHE C 95 16.27 -63.06 -12.94
N GLY C 96 17.48 -62.75 -13.38
CA GLY C 96 17.72 -62.18 -14.71
C GLY C 96 17.23 -63.12 -15.78
N GLU C 97 17.50 -64.42 -15.63
CA GLU C 97 16.92 -65.37 -16.57
C GLU C 97 15.38 -65.34 -16.54
N TRP C 98 14.79 -65.22 -15.35
CA TRP C 98 13.35 -65.25 -15.22
C TRP C 98 12.72 -64.07 -15.94
N MET C 99 13.36 -62.90 -15.94
CA MET C 99 12.82 -61.74 -16.75
C MET C 99 12.83 -62.03 -18.26
N ARG C 100 13.92 -62.69 -18.66
CA ARG C 100 14.14 -63.01 -20.05
C ARG C 100 12.98 -63.83 -20.51
N ASN C 101 12.65 -64.89 -19.78
CA ASN C 101 11.56 -65.80 -20.17
C ASN C 101 10.15 -65.24 -19.94
N GLU C 102 10.00 -64.17 -19.15
CA GLU C 102 8.67 -63.63 -18.99
C GLU C 102 8.21 -63.11 -20.33
N LYS C 103 6.93 -63.36 -20.56
CA LYS C 103 6.25 -62.99 -21.78
C LYS C 103 5.66 -61.58 -21.64
N ARG C 104 5.16 -61.26 -20.44
CA ARG C 104 4.62 -59.96 -20.19
C ARG C 104 5.77 -58.99 -20.06
N VAL C 105 5.75 -57.82 -20.71
CA VAL C 105 6.71 -56.80 -20.39
C VAL C 105 6.64 -56.43 -18.94
N LEU C 106 7.83 -56.32 -18.33
CA LEU C 106 7.92 -55.84 -16.96
C LEU C 106 8.13 -54.34 -16.93
N LEU C 107 7.73 -53.71 -15.82
CA LEU C 107 7.64 -52.24 -15.70
C LEU C 107 8.37 -51.75 -14.49
N THR C 108 9.07 -50.65 -14.68
CA THR C 108 9.78 -49.98 -13.62
C THR C 108 9.17 -48.62 -13.53
N ASP C 109 8.73 -48.18 -12.34
CA ASP C 109 8.06 -46.85 -12.12
C ASP C 109 9.13 -45.94 -11.64
N THR C 110 9.32 -44.80 -12.29
CA THR C 110 10.39 -43.86 -11.97
C THR C 110 9.92 -42.62 -11.23
N THR C 111 8.60 -42.51 -10.98
CA THR C 111 8.06 -41.28 -10.41
C THR C 111 8.90 -40.83 -9.21
N MET C 112 9.44 -41.78 -8.43
CA MET C 112 10.13 -41.43 -7.21
C MET C 112 11.61 -41.03 -7.39
N ARG C 113 12.13 -41.08 -8.63
CA ARG C 113 13.49 -40.59 -8.92
C ARG C 113 13.67 -39.77 -10.21
N ASP C 114 13.80 -40.37 -11.38
CA ASP C 114 14.13 -39.61 -12.57
C ASP C 114 13.04 -38.58 -12.78
N GLY C 115 11.81 -39.00 -12.48
CA GLY C 115 10.58 -38.21 -12.75
C GLY C 115 10.50 -36.81 -12.15
N HIS C 116 10.71 -36.69 -10.85
CA HIS C 116 10.83 -35.37 -10.21
C HIS C 116 12.23 -34.78 -10.36
N GLN C 117 13.24 -35.62 -10.52
CA GLN C 117 14.55 -35.09 -10.88
C GLN C 117 14.49 -34.31 -12.18
N SER C 118 13.66 -34.73 -13.11
CA SER C 118 13.59 -34.12 -14.42
C SER C 118 12.58 -32.99 -14.48
N LEU C 119 11.53 -33.00 -13.66
CA LEU C 119 10.48 -31.93 -13.76
C LEU C 119 10.52 -30.93 -12.61
N LEU C 120 11.20 -31.29 -11.53
CA LEU C 120 11.11 -30.52 -10.31
C LEU C 120 12.43 -30.31 -9.63
N ALA C 121 13.52 -30.32 -10.39
CA ALA C 121 14.86 -30.12 -9.82
C ALA C 121 15.25 -31.13 -8.75
N THR C 122 14.59 -32.27 -8.73
CA THR C 122 14.90 -33.38 -7.81
C THR C 122 14.47 -33.05 -6.39
N ARG C 123 13.37 -32.33 -6.25
CA ARG C 123 13.07 -31.68 -5.00
C ARG C 123 11.94 -32.32 -4.24
N MET C 124 11.55 -33.51 -4.65
CA MET C 124 10.47 -34.22 -4.02
C MET C 124 10.90 -34.72 -2.64
N ARG C 125 10.04 -34.51 -1.65
CA ARG C 125 10.34 -34.90 -0.27
C ARG C 125 10.00 -36.35 0.13
N THR C 126 10.69 -36.81 1.15
CA THR C 126 10.46 -38.13 1.73
C THR C 126 9.04 -38.26 2.21
N TYR C 127 8.50 -37.19 2.79
CA TYR C 127 7.17 -37.25 3.35
C TYR C 127 6.17 -37.74 2.28
N ASP C 128 6.31 -37.23 1.07
CA ASP C 128 5.32 -37.50 0.02
C ASP C 128 5.60 -38.81 -0.68
N ILE C 129 6.85 -39.23 -0.66
CA ILE C 129 7.25 -40.43 -1.34
C ILE C 129 6.96 -41.65 -0.47
N ALA C 130 7.37 -41.58 0.79
CA ALA C 130 7.17 -42.66 1.71
C ALA C 130 5.70 -43.05 1.91
N ARG C 131 4.84 -42.04 1.84
CA ARG C 131 3.47 -42.13 2.28
C ARG C 131 2.63 -42.92 1.32
N ILE C 132 3.13 -43.11 0.12
CA ILE C 132 2.40 -43.77 -0.97
C ILE C 132 3.02 -45.14 -1.26
N ALA C 133 4.19 -45.41 -0.69
CA ALA C 133 4.86 -46.71 -0.89
C ALA C 133 3.92 -47.84 -0.65
N GLY C 134 3.21 -47.81 0.46
CA GLY C 134 2.32 -48.92 0.86
C GLY C 134 1.20 -49.10 -0.14
N THR C 135 0.78 -48.01 -0.79
CA THR C 135 -0.27 -48.06 -1.78
C THR C 135 0.25 -48.79 -2.99
N TYR C 136 1.44 -48.44 -3.46
CA TYR C 136 2.07 -49.18 -4.57
C TYR C 136 2.16 -50.65 -4.22
N SER C 137 2.54 -50.91 -2.97
CA SER C 137 2.75 -52.28 -2.55
C SER C 137 1.52 -53.12 -2.62
N HIS C 138 0.40 -52.59 -2.15
CA HIS C 138 -0.90 -53.28 -2.17
C HIS C 138 -1.52 -53.31 -3.54
N ALA C 139 -1.42 -52.19 -4.26
CA ALA C 139 -2.20 -51.98 -5.51
C ALA C 139 -1.51 -52.34 -6.79
N LEU C 140 -0.19 -52.15 -6.87
CA LEU C 140 0.58 -52.65 -8.04
C LEU C 140 1.69 -53.70 -7.74
N PRO C 141 1.34 -54.86 -7.22
CA PRO C 141 2.35 -55.82 -6.78
C PRO C 141 3.13 -56.56 -7.90
N ASN C 142 2.61 -56.52 -9.13
CA ASN C 142 3.33 -56.86 -10.36
C ASN C 142 4.52 -56.05 -10.84
N LEU C 143 4.70 -54.86 -10.33
CA LEU C 143 5.80 -54.02 -10.82
C LEU C 143 7.14 -54.70 -10.70
N LEU C 144 8.03 -54.48 -11.65
CA LEU C 144 9.40 -55.05 -11.52
C LEU C 144 10.04 -54.38 -10.31
N SER C 145 10.07 -53.04 -10.39
CA SER C 145 10.82 -52.21 -9.46
C SER C 145 10.20 -50.81 -9.32
N LEU C 146 10.59 -50.12 -8.24
CA LEU C 146 10.39 -48.69 -8.08
C LEU C 146 11.78 -48.08 -8.19
N GLU C 147 11.99 -47.21 -9.17
CA GLU C 147 13.24 -46.51 -9.24
C GLU C 147 13.11 -45.39 -8.27
N CYS C 148 13.69 -45.52 -7.09
CA CYS C 148 13.47 -44.52 -6.07
C CYS C 148 14.70 -43.99 -5.39
N TRP C 149 15.88 -44.13 -5.99
CA TRP C 149 17.11 -43.75 -5.25
C TRP C 149 18.25 -43.47 -6.19
N GLY C 150 19.28 -42.80 -5.66
CA GLY C 150 20.46 -42.50 -6.44
C GLY C 150 20.13 -41.36 -7.36
N GLY C 151 20.96 -41.19 -8.38
CA GLY C 151 20.76 -40.06 -9.28
C GLY C 151 20.96 -38.84 -8.41
N ALA C 152 20.25 -37.76 -8.68
CA ALA C 152 20.49 -36.55 -7.93
C ALA C 152 19.91 -36.60 -6.51
N THR C 153 19.11 -37.61 -6.18
CA THR C 153 18.39 -37.61 -4.91
C THR C 153 19.25 -37.62 -3.63
N PHE C 154 20.38 -38.31 -3.67
CA PHE C 154 21.22 -38.42 -2.50
C PHE C 154 21.69 -37.03 -2.12
N ASP C 155 22.32 -36.37 -3.09
CA ASP C 155 22.84 -35.02 -2.90
C ASP C 155 21.73 -34.09 -2.38
N VAL C 156 20.75 -33.84 -3.25
CA VAL C 156 19.69 -32.86 -3.06
C VAL C 156 18.89 -33.05 -1.78
N SER C 157 18.60 -34.30 -1.41
CA SER C 157 17.87 -34.55 -0.15
C SER C 157 18.42 -33.81 1.07
N MET C 158 19.72 -33.93 1.28
CA MET C 158 20.36 -33.24 2.41
C MET C 158 20.61 -31.76 2.14
N ARG C 159 20.98 -31.46 0.90
CA ARG C 159 21.52 -30.15 0.55
C ARG C 159 20.43 -29.11 0.49
N PHE C 160 19.28 -29.46 -0.11
CA PHE C 160 18.18 -28.52 -0.22
C PHE C 160 16.91 -28.92 0.56
N LEU C 161 16.80 -30.19 0.97
CA LEU C 161 15.56 -30.69 1.61
C LEU C 161 15.71 -31.06 3.08
N THR C 162 16.90 -30.89 3.63
CA THR C 162 17.12 -31.09 5.07
C THR C 162 16.64 -32.45 5.57
N GLU C 163 16.83 -33.47 4.74
CA GLU C 163 16.45 -34.82 5.11
C GLU C 163 17.51 -35.82 4.67
N ASP C 164 17.50 -36.94 5.37
CA ASP C 164 18.43 -38.02 5.20
C ASP C 164 17.98 -38.93 4.05
N PRO C 165 18.87 -39.21 3.09
CA PRO C 165 18.45 -40.11 2.00
C PRO C 165 18.29 -41.55 2.44
N TRP C 166 19.04 -41.97 3.45
CA TRP C 166 18.99 -43.33 3.90
C TRP C 166 17.68 -43.62 4.64
N GLU C 167 17.23 -42.65 5.43
CA GLU C 167 15.88 -42.70 6.07
C GLU C 167 14.77 -42.84 5.01
N ARG C 168 14.89 -42.07 3.94
CA ARG C 168 13.93 -42.18 2.82
C ARG C 168 13.86 -43.60 2.32
N LEU C 169 15.01 -44.14 1.94
CA LEU C 169 15.11 -45.51 1.51
C LEU C 169 14.49 -46.46 2.52
N ALA C 170 14.90 -46.36 3.77
CA ALA C 170 14.40 -47.31 4.77
C ALA C 170 12.88 -47.26 4.85
N LEU C 171 12.27 -46.07 4.79
CA LEU C 171 10.80 -45.96 4.89
C LEU C 171 10.11 -46.54 3.66
N ILE C 172 10.73 -46.38 2.48
CA ILE C 172 10.19 -46.98 1.26
C ILE C 172 10.29 -48.50 1.36
N ARG C 173 11.45 -49.00 1.76
CA ARG C 173 11.65 -50.44 2.06
C ARG C 173 10.60 -51.01 2.98
N GLU C 174 10.26 -50.31 4.03
CA GLU C 174 9.23 -50.75 4.99
C GLU C 174 7.80 -50.70 4.35
N GLY C 175 7.53 -49.71 3.52
CA GLY C 175 6.21 -49.62 2.88
C GLY C 175 6.00 -50.68 1.82
N ALA C 176 7.06 -50.97 1.06
CA ALA C 176 6.95 -51.86 -0.09
C ALA C 176 7.91 -53.00 0.01
N PRO C 177 7.65 -53.95 0.92
CA PRO C 177 8.55 -55.08 1.15
C PRO C 177 8.46 -56.15 0.08
N ASN C 178 7.68 -55.92 -0.96
CA ASN C 178 7.41 -56.95 -1.97
C ASN C 178 7.89 -56.55 -3.35
N LEU C 179 8.43 -55.33 -3.46
CA LEU C 179 8.95 -54.81 -4.74
C LEU C 179 10.44 -54.55 -4.68
N LEU C 180 11.06 -54.55 -5.85
CA LEU C 180 12.49 -54.27 -5.98
C LEU C 180 12.61 -52.80 -5.95
N LEU C 181 13.57 -52.34 -5.16
CA LEU C 181 13.90 -50.96 -5.08
C LEU C 181 15.18 -50.75 -5.87
N GLN C 182 15.11 -49.83 -6.82
CA GLN C 182 16.13 -49.62 -7.84
C GLN C 182 16.85 -48.26 -7.72
N MET C 183 18.18 -48.26 -7.71
CA MET C 183 18.90 -47.00 -7.69
C MET C 183 19.59 -46.81 -9.02
N LEU C 184 19.84 -45.55 -9.37
CA LEU C 184 20.73 -45.20 -10.47
C LEU C 184 22.07 -44.84 -9.90
N LEU C 185 23.06 -45.62 -10.29
CA LEU C 185 24.40 -45.52 -9.79
C LEU C 185 25.38 -45.13 -10.90
N ARG C 186 25.95 -43.93 -10.78
CA ARG C 186 26.85 -43.39 -11.81
C ARG C 186 28.24 -44.03 -11.77
N GLY C 187 28.32 -45.35 -11.79
CA GLY C 187 29.60 -46.05 -11.96
C GLY C 187 30.69 -45.55 -11.05
N ALA C 188 31.85 -45.31 -11.60
CA ALA C 188 32.95 -44.81 -10.79
C ALA C 188 32.62 -43.47 -10.12
N ASN C 189 31.54 -42.82 -10.52
CA ASN C 189 31.21 -41.51 -9.95
C ASN C 189 30.26 -41.61 -8.73
N GLY C 190 29.84 -42.81 -8.36
CA GLY C 190 28.94 -42.99 -7.22
C GLY C 190 27.60 -42.25 -7.30
N VAL C 191 27.31 -41.45 -6.28
CA VAL C 191 26.21 -40.50 -6.32
C VAL C 191 26.74 -39.09 -6.53
N GLY C 192 27.98 -38.99 -7.00
CA GLY C 192 28.67 -37.71 -7.11
C GLY C 192 29.01 -37.39 -8.54
N TYR C 193 29.88 -36.38 -8.73
CA TYR C 193 30.19 -35.82 -10.04
C TYR C 193 31.64 -36.06 -10.48
N THR C 194 32.37 -36.86 -9.73
CA THR C 194 33.78 -37.08 -9.97
C THR C 194 34.13 -38.53 -9.63
N ASN C 195 35.14 -39.10 -10.30
CA ASN C 195 35.57 -40.48 -10.02
C ASN C 195 36.16 -40.52 -8.65
N TYR C 196 35.78 -41.54 -7.88
CA TYR C 196 36.17 -41.67 -6.48
C TYR C 196 37.20 -42.79 -6.43
N PRO C 197 37.86 -42.99 -5.27
CA PRO C 197 38.75 -44.15 -5.16
C PRO C 197 38.01 -45.51 -5.14
N ASP C 198 38.68 -46.56 -5.62
CA ASP C 198 38.12 -47.91 -5.71
C ASP C 198 37.49 -48.31 -4.37
N ASN C 199 38.21 -48.12 -3.28
CA ASN C 199 37.72 -48.50 -1.94
C ASN C 199 36.44 -47.74 -1.52
N VAL C 200 36.26 -46.50 -1.99
CA VAL C 200 35.10 -45.72 -1.60
C VAL C 200 33.90 -46.22 -2.36
N VAL C 201 34.06 -46.47 -3.67
CA VAL C 201 32.98 -47.08 -4.46
C VAL C 201 32.62 -48.42 -3.81
N LYS C 202 33.63 -49.21 -3.43
CA LYS C 202 33.43 -50.47 -2.72
C LYS C 202 32.51 -50.23 -1.53
N TYR C 203 32.89 -49.29 -0.68
CA TYR C 203 32.16 -49.00 0.54
C TYR C 203 30.73 -48.54 0.30
N PHE C 204 30.52 -47.63 -0.66
CA PHE C 204 29.19 -47.06 -0.85
C PHE C 204 28.20 -48.16 -1.28
N VAL C 205 28.56 -48.93 -2.29
CA VAL C 205 27.70 -50.01 -2.77
C VAL C 205 27.34 -50.93 -1.62
N ARG C 206 28.33 -51.33 -0.84
CA ARG C 206 28.06 -52.20 0.32
C ARG C 206 26.95 -51.59 1.17
N GLN C 207 27.00 -50.29 1.44
CA GLN C 207 25.96 -49.68 2.26
C GLN C 207 24.60 -49.54 1.55
N ALA C 208 24.62 -49.17 0.27
CA ALA C 208 23.41 -49.20 -0.56
C ALA C 208 22.59 -50.49 -0.39
N ALA C 209 23.28 -51.61 -0.49
CA ALA C 209 22.67 -52.94 -0.31
C ALA C 209 22.21 -53.15 1.12
N LYS C 210 23.00 -52.72 2.11
CA LYS C 210 22.55 -52.89 3.50
C LYS C 210 21.27 -52.07 3.66
N GLY C 211 21.20 -50.92 2.99
CA GLY C 211 20.10 -50.01 3.18
C GLY C 211 18.82 -50.33 2.45
N GLY C 212 18.84 -51.36 1.62
CA GLY C 212 17.63 -51.81 0.92
C GLY C 212 17.65 -51.81 -0.60
N ILE C 213 18.78 -51.48 -1.22
CA ILE C 213 18.80 -51.53 -2.67
C ILE C 213 18.95 -52.98 -3.15
N ASP C 214 18.06 -53.34 -4.07
CA ASP C 214 17.97 -54.65 -4.69
C ASP C 214 18.45 -54.60 -6.14
N LEU C 215 18.25 -53.47 -6.82
CA LEU C 215 18.58 -53.40 -8.24
C LEU C 215 19.43 -52.20 -8.62
N PHE C 216 20.69 -52.46 -8.98
CA PHE C 216 21.65 -51.40 -9.32
C PHE C 216 21.72 -51.17 -10.81
N ARG C 217 21.05 -50.13 -11.29
CA ARG C 217 21.28 -49.67 -12.65
C ARG C 217 22.55 -48.88 -12.68
N VAL C 218 23.58 -49.47 -13.27
CA VAL C 218 24.91 -48.86 -13.22
C VAL C 218 25.33 -48.49 -14.64
N PHE C 219 25.79 -47.25 -14.80
CA PHE C 219 26.24 -46.76 -16.10
C PHE C 219 27.56 -46.02 -15.97
N ASP C 220 28.16 -45.69 -17.09
CA ASP C 220 29.34 -44.86 -17.06
C ASP C 220 29.12 -43.77 -18.05
N CYS C 221 29.44 -42.54 -17.68
CA CYS C 221 29.16 -41.40 -18.58
C CYS C 221 29.82 -41.41 -20.00
N LEU C 222 30.83 -42.24 -20.23
CA LEU C 222 31.43 -42.43 -21.57
C LEU C 222 31.29 -43.87 -22.15
N ASN C 223 30.32 -44.65 -21.63
CA ASN C 223 30.21 -46.08 -21.94
C ASN C 223 31.62 -46.72 -21.94
N TRP C 224 32.36 -46.49 -20.84
CA TRP C 224 33.66 -47.08 -20.65
C TRP C 224 33.65 -48.30 -19.69
N VAL C 225 33.65 -49.48 -20.30
CA VAL C 225 33.53 -50.71 -19.55
C VAL C 225 34.64 -50.91 -18.51
N GLU C 226 35.90 -50.63 -18.86
CA GLU C 226 36.98 -50.71 -17.86
C GLU C 226 36.55 -50.04 -16.54
N ASN C 227 35.98 -48.83 -16.70
CA ASN C 227 35.56 -48.02 -15.57
C ASN C 227 34.24 -48.47 -14.88
N MET C 228 33.64 -49.53 -15.42
CA MET C 228 32.44 -50.08 -14.81
C MET C 228 32.68 -51.28 -13.89
N ARG C 229 33.86 -51.91 -13.98
CA ARG C 229 34.09 -53.22 -13.37
C ARG C 229 34.03 -53.23 -11.87
N VAL C 230 34.70 -52.24 -11.26
CA VAL C 230 34.68 -52.07 -9.82
C VAL C 230 33.24 -52.01 -9.26
N SER C 231 32.35 -51.27 -9.91
CA SER C 231 30.97 -51.16 -9.45
C SER C 231 30.29 -52.51 -9.57
N MET C 232 30.12 -52.95 -10.81
CA MET C 232 29.64 -54.27 -11.17
C MET C 232 30.10 -55.41 -10.22
N ASP C 233 31.41 -55.53 -10.00
CA ASP C 233 31.91 -56.58 -9.10
C ASP C 233 31.37 -56.33 -7.69
N ALA C 234 31.37 -55.08 -7.24
CA ALA C 234 30.83 -54.79 -5.91
C ALA C 234 29.29 -55.09 -5.88
N ILE C 235 28.60 -54.93 -6.98
CA ILE C 235 27.18 -55.29 -6.97
C ILE C 235 27.01 -56.79 -6.88
N ALA C 236 27.93 -57.56 -7.46
CA ALA C 236 27.79 -59.01 -7.42
C ALA C 236 28.29 -59.60 -6.11
N GLU C 237 29.21 -58.94 -5.43
CA GLU C 237 29.68 -59.41 -4.14
C GLU C 237 28.59 -59.18 -3.09
N GLU C 238 27.72 -58.19 -3.26
CA GLU C 238 26.56 -58.04 -2.38
C GLU C 238 25.40 -58.94 -2.79
N ASN C 239 25.51 -59.58 -3.95
CA ASN C 239 24.53 -60.52 -4.38
C ASN C 239 23.22 -59.80 -4.68
N LYS C 240 23.32 -58.62 -5.27
CA LYS C 240 22.20 -57.84 -5.70
C LYS C 240 22.20 -57.86 -7.22
N LEU C 241 21.16 -57.34 -7.83
CA LEU C 241 21.15 -57.23 -9.29
C LEU C 241 22.00 -56.07 -9.86
N CYS C 242 23.05 -56.43 -10.58
CA CYS C 242 23.78 -55.57 -11.50
C CYS C 242 23.13 -55.49 -12.90
N GLU C 243 22.45 -54.35 -13.16
CA GLU C 243 21.92 -53.97 -14.47
C GLU C 243 22.86 -52.96 -15.15
N ALA C 244 23.74 -53.51 -15.97
CA ALA C 244 24.82 -52.76 -16.56
C ALA C 244 24.25 -52.07 -17.78
N ALA C 245 24.33 -50.73 -17.78
CA ALA C 245 23.73 -49.97 -18.83
C ALA C 245 24.67 -49.49 -19.90
N ILE C 246 24.10 -49.36 -21.08
CA ILE C 246 24.66 -48.69 -22.22
C ILE C 246 23.86 -47.38 -22.48
N CYS C 247 24.48 -46.22 -22.26
CA CYS C 247 23.93 -44.99 -22.75
C CYS C 247 23.82 -44.93 -24.26
N TYR C 248 22.68 -44.41 -24.75
CA TYR C 248 22.41 -44.28 -26.16
C TYR C 248 22.51 -42.85 -26.67
N THR C 249 23.28 -42.65 -27.74
CA THR C 249 23.52 -41.34 -28.34
C THR C 249 23.57 -41.52 -29.87
N GLY C 250 23.49 -40.44 -30.62
CA GLY C 250 23.51 -40.56 -32.07
C GLY C 250 22.22 -41.14 -32.62
N ASP C 251 22.29 -41.83 -33.76
CA ASP C 251 21.13 -42.41 -34.47
C ASP C 251 21.55 -43.61 -35.33
N ILE C 252 21.24 -44.81 -34.86
CA ILE C 252 21.78 -45.99 -35.50
C ILE C 252 21.38 -46.21 -36.96
N LEU C 253 20.38 -45.52 -37.43
CA LEU C 253 19.91 -45.70 -38.80
C LEU C 253 20.36 -44.56 -39.70
N ASN C 254 21.22 -43.68 -39.20
CA ASN C 254 21.79 -42.61 -40.00
C ASN C 254 23.25 -43.00 -40.36
N SER C 255 23.46 -43.48 -41.59
CA SER C 255 24.85 -43.96 -42.03
C SER C 255 25.93 -42.88 -41.95
N ALA C 256 25.52 -41.63 -42.14
CA ALA C 256 26.39 -40.47 -42.01
C ALA C 256 26.85 -40.15 -40.56
N ARG C 257 26.60 -41.05 -39.62
CA ARG C 257 27.02 -40.83 -38.23
C ARG C 257 27.47 -42.15 -37.61
N PRO C 258 28.39 -42.84 -38.32
CA PRO C 258 28.66 -44.28 -38.24
C PRO C 258 29.47 -44.73 -37.03
N LYS C 259 29.91 -43.75 -36.23
CA LYS C 259 30.53 -44.04 -34.94
C LYS C 259 29.55 -44.81 -34.03
N TYR C 260 28.45 -44.16 -33.66
CA TYR C 260 27.41 -44.78 -32.81
C TYR C 260 26.43 -45.65 -33.61
N ASP C 261 26.97 -46.72 -34.22
CA ASP C 261 26.13 -47.73 -34.90
C ASP C 261 25.93 -49.01 -34.11
N LEU C 262 25.09 -49.86 -34.71
CA LEU C 262 24.59 -51.10 -34.11
C LEU C 262 25.72 -51.84 -33.47
N LYS C 263 26.76 -52.21 -34.26
CA LYS C 263 27.83 -52.97 -33.69
C LYS C 263 28.17 -52.30 -32.37
N TYR C 264 28.36 -50.94 -32.42
CA TYR C 264 28.83 -50.29 -31.19
C TYR C 264 28.00 -50.71 -29.98
N TYR C 265 26.64 -50.63 -30.08
CA TYR C 265 25.72 -51.08 -29.03
C TYR C 265 25.73 -52.57 -28.79
N THR C 266 25.49 -53.38 -29.81
CA THR C 266 25.67 -54.86 -29.61
C THR C 266 27.13 -55.34 -29.33
N ASN C 267 28.17 -54.52 -29.36
CA ASN C 267 29.51 -55.03 -28.90
C ASN C 267 29.66 -54.84 -27.40
N LEU C 268 29.06 -53.74 -26.93
CA LEU C 268 29.22 -53.31 -25.55
C LEU C 268 28.41 -54.27 -24.69
N ALA C 269 27.32 -54.74 -25.31
CA ALA C 269 26.40 -55.66 -24.67
C ALA C 269 27.17 -56.88 -24.31
N VAL C 270 27.75 -57.51 -25.33
CA VAL C 270 28.59 -58.72 -25.12
C VAL C 270 29.74 -58.48 -24.15
N GLU C 271 30.27 -57.27 -24.13
CA GLU C 271 31.29 -56.94 -23.14
C GLU C 271 30.74 -56.90 -21.72
N LEU C 272 29.56 -56.33 -21.54
CA LEU C 272 29.00 -56.16 -20.20
C LEU C 272 28.53 -57.50 -19.57
N GLU C 273 27.98 -58.38 -20.40
CA GLU C 273 27.69 -59.76 -19.99
C GLU C 273 28.98 -60.39 -19.50
N LYS C 274 30.04 -60.30 -20.28
CA LYS C 274 31.29 -60.97 -19.85
C LYS C 274 31.88 -60.29 -18.62
N ALA C 275 31.46 -59.05 -18.36
CA ALA C 275 31.85 -58.35 -17.13
C ALA C 275 31.05 -58.84 -15.93
N GLY C 276 30.07 -59.71 -16.19
CA GLY C 276 29.22 -60.34 -15.15
C GLY C 276 27.97 -59.54 -14.76
N ALA C 277 27.14 -59.20 -15.73
CA ALA C 277 25.94 -58.41 -15.50
C ALA C 277 24.80 -59.37 -15.39
N HIS C 278 23.69 -58.98 -14.78
CA HIS C 278 22.56 -59.84 -14.75
C HIS C 278 21.55 -59.35 -15.72
N ILE C 279 21.55 -58.05 -16.01
CA ILE C 279 20.60 -57.46 -16.94
C ILE C 279 21.37 -56.45 -17.77
N ILE C 280 20.90 -56.12 -18.98
CA ILE C 280 21.42 -55.00 -19.75
C ILE C 280 20.37 -53.93 -19.90
N ALA C 281 20.81 -52.70 -19.80
CA ALA C 281 19.91 -51.64 -19.97
C ALA C 281 20.37 -50.73 -21.11
N VAL C 282 19.39 -50.20 -21.85
CA VAL C 282 19.63 -49.02 -22.68
C VAL C 282 19.17 -47.80 -21.90
N ASP C 284 18.56 -44.28 -22.51
CA ASP C 284 18.38 -43.28 -23.56
C ASP C 284 18.13 -42.01 -22.78
N MET C 285 19.20 -41.50 -22.19
CA MET C 285 19.17 -40.43 -21.18
C MET C 285 18.59 -39.13 -21.62
N ALA C 286 18.51 -38.96 -22.95
CA ALA C 286 18.04 -37.77 -23.64
C ALA C 286 16.87 -37.96 -24.60
N GLY C 287 16.45 -39.20 -24.81
CA GLY C 287 15.21 -39.46 -25.58
C GLY C 287 15.45 -39.44 -27.08
N LEU C 288 16.62 -39.96 -27.49
CA LEU C 288 17.05 -39.94 -28.88
C LEU C 288 16.65 -41.20 -29.67
N LEU C 289 16.61 -42.35 -29.05
CA LEU C 289 16.17 -43.54 -29.73
C LEU C 289 14.71 -43.45 -30.32
N LYS C 290 14.60 -43.46 -31.65
CA LYS C 290 13.42 -43.48 -32.47
C LYS C 290 12.77 -44.85 -32.63
N PRO C 291 11.42 -44.89 -32.87
CA PRO C 291 10.76 -46.20 -33.01
C PRO C 291 11.39 -47.22 -34.04
N ALA C 292 11.74 -46.74 -35.22
CA ALA C 292 12.36 -47.59 -36.23
C ALA C 292 13.65 -48.11 -35.66
N ALA C 293 14.50 -47.21 -35.18
CA ALA C 293 15.64 -47.60 -34.28
C ALA C 293 15.36 -48.65 -33.18
N ALA C 294 14.37 -48.43 -32.32
CA ALA C 294 14.10 -49.42 -31.22
C ALA C 294 14.02 -50.85 -31.73
N LYS C 295 13.24 -50.93 -32.80
CA LYS C 295 12.82 -52.18 -33.38
C LYS C 295 14.04 -52.93 -33.87
N VAL C 296 14.85 -52.32 -34.68
CA VAL C 296 16.17 -52.93 -35.02
C VAL C 296 16.99 -53.22 -33.77
N LEU C 297 17.11 -52.24 -32.89
CA LEU C 297 18.10 -52.31 -31.78
C LEU C 297 17.92 -53.47 -30.87
N PHE C 298 16.69 -53.63 -30.45
CA PHE C 298 16.30 -54.59 -29.39
C PHE C 298 16.24 -56.04 -29.85
N LYS C 299 15.88 -56.21 -31.11
CA LYS C 299 16.05 -57.50 -31.76
C LYS C 299 17.54 -57.93 -31.70
N ALA C 300 18.41 -57.03 -32.15
CA ALA C 300 19.85 -57.38 -32.33
C ALA C 300 20.51 -57.53 -30.96
N LEU C 301 20.07 -56.70 -29.99
CA LEU C 301 20.59 -56.87 -28.60
C LEU C 301 20.36 -58.29 -28.10
N ARG C 302 19.08 -58.68 -28.16
CA ARG C 302 18.69 -60.01 -27.70
C ARG C 302 19.42 -61.22 -28.39
N GLU C 303 19.76 -61.05 -29.67
CA GLU C 303 20.52 -62.01 -30.46
C GLU C 303 21.97 -62.08 -29.98
N ALA C 304 22.61 -60.95 -29.71
CA ALA C 304 23.97 -60.86 -29.18
C ALA C 304 24.16 -61.44 -27.78
N THR C 305 23.18 -61.19 -26.90
CA THR C 305 23.24 -61.66 -25.51
C THR C 305 22.03 -62.45 -25.11
N GLY C 306 22.21 -63.44 -24.25
CA GLY C 306 21.05 -64.10 -23.63
C GLY C 306 20.43 -63.38 -22.45
N LEU C 307 21.04 -62.26 -22.03
CA LEU C 307 20.66 -61.58 -20.82
C LEU C 307 19.35 -60.85 -21.12
N PRO C 308 18.52 -60.62 -20.10
CA PRO C 308 17.34 -59.75 -20.37
C PRO C 308 17.79 -58.31 -20.64
N ILE C 309 16.93 -57.53 -21.24
CA ILE C 309 17.20 -56.14 -21.51
C ILE C 309 16.08 -55.25 -20.94
N HIS C 310 16.50 -54.05 -20.49
CA HIS C 310 15.67 -53.08 -19.78
C HIS C 310 15.81 -51.72 -20.44
N PHE C 311 14.74 -51.10 -20.89
CA PHE C 311 14.80 -49.84 -21.61
C PHE C 311 14.36 -48.58 -20.84
N HIS C 312 15.22 -47.57 -20.79
CA HIS C 312 14.92 -46.29 -20.10
C HIS C 312 15.00 -45.20 -21.10
N THR C 313 13.97 -44.35 -21.18
CA THR C 313 14.03 -43.18 -22.06
C THR C 313 13.35 -41.93 -21.45
N HIS C 314 13.51 -40.75 -22.06
CA HIS C 314 12.75 -39.57 -21.64
C HIS C 314 11.93 -39.11 -22.87
N ASP C 315 10.87 -38.33 -22.64
CA ASP C 315 9.87 -38.01 -23.65
C ASP C 315 10.00 -36.61 -24.19
N THR C 316 11.23 -36.10 -24.28
CA THR C 316 11.45 -34.69 -24.57
C THR C 316 11.01 -34.37 -25.99
N SER C 317 11.09 -35.38 -26.84
CA SER C 317 10.63 -35.30 -28.22
C SER C 317 9.12 -35.28 -28.38
N GLY C 318 8.43 -35.87 -27.44
CA GLY C 318 7.00 -36.05 -27.58
C GLY C 318 6.59 -37.34 -28.27
N ILE C 319 7.53 -38.24 -28.53
CA ILE C 319 7.21 -39.52 -29.17
C ILE C 319 7.77 -40.73 -28.43
N ALA C 320 8.54 -40.55 -27.37
CA ALA C 320 9.11 -41.69 -26.64
C ALA C 320 8.23 -42.88 -26.36
N ALA C 321 6.90 -42.69 -26.17
CA ALA C 321 6.01 -43.79 -25.94
C ALA C 321 6.01 -44.73 -27.15
N ALA C 322 6.07 -44.19 -28.35
CA ALA C 322 6.15 -44.99 -29.54
C ALA C 322 7.52 -45.73 -29.59
N THR C 323 8.60 -45.07 -29.15
CA THR C 323 9.88 -45.84 -29.00
C THR C 323 9.66 -46.98 -27.97
N VAL C 324 8.78 -46.76 -26.96
CA VAL C 324 8.72 -47.75 -25.87
C VAL C 324 7.88 -48.90 -26.40
N LEU C 325 6.78 -48.57 -27.07
CA LEU C 325 5.89 -49.59 -27.60
C LEU C 325 6.57 -50.41 -28.75
N ALA C 326 7.36 -49.72 -29.58
CA ALA C 326 8.32 -50.42 -30.56
C ALA C 326 9.11 -51.41 -29.84
N ALA C 327 9.81 -50.96 -28.82
CA ALA C 327 10.74 -51.85 -28.05
C ALA C 327 10.14 -53.14 -27.49
N VAL C 328 8.89 -53.02 -27.12
CA VAL C 328 8.12 -54.11 -26.60
C VAL C 328 7.81 -55.15 -27.69
N GLU C 329 7.31 -54.66 -28.83
CA GLU C 329 6.87 -55.47 -29.97
C GLU C 329 8.08 -56.25 -30.45
N ALA C 330 9.26 -55.73 -30.13
CA ALA C 330 10.48 -56.34 -30.42
C ALA C 330 11.08 -57.24 -29.35
N GLY C 331 10.32 -57.41 -28.27
CA GLY C 331 10.60 -58.39 -27.22
C GLY C 331 11.36 -57.90 -25.99
N VAL C 332 11.58 -56.59 -25.87
CA VAL C 332 12.29 -56.04 -24.71
C VAL C 332 11.68 -56.53 -23.44
N ASP C 333 12.55 -56.83 -22.49
CA ASP C 333 12.13 -57.50 -21.26
C ASP C 333 11.51 -56.60 -20.21
N ALA C 334 11.88 -55.34 -20.16
CA ALA C 334 11.47 -54.40 -19.14
C ALA C 334 11.63 -52.95 -19.62
N VAL C 335 10.66 -52.10 -19.29
CA VAL C 335 10.72 -50.69 -19.65
C VAL C 335 10.39 -49.78 -18.46
N ASP C 336 10.86 -48.53 -18.49
CA ASP C 336 10.62 -47.56 -17.46
C ASP C 336 9.53 -46.61 -17.91
N ALA C 337 8.70 -46.22 -16.95
CA ALA C 337 7.74 -45.14 -17.21
C ALA C 337 7.47 -44.40 -15.92
N ALA C 338 6.97 -43.18 -16.05
CA ALA C 338 6.60 -42.40 -14.88
C ALA C 338 5.09 -42.23 -14.76
N MET C 339 4.59 -42.01 -13.54
CA MET C 339 3.17 -41.84 -13.36
C MET C 339 2.70 -40.60 -14.09
N ASP C 340 1.48 -40.67 -14.60
CA ASP C 340 0.95 -39.70 -15.56
C ASP C 340 1.23 -38.27 -15.10
N ALA C 341 0.97 -37.97 -13.84
CA ALA C 341 1.10 -36.62 -13.33
C ALA C 341 2.54 -36.08 -13.33
N LEU C 342 3.55 -36.94 -13.40
CA LEU C 342 4.93 -36.52 -13.51
C LEU C 342 5.55 -37.13 -14.77
N SER C 343 4.75 -37.29 -15.83
CA SER C 343 5.27 -37.78 -17.11
C SER C 343 5.25 -36.71 -18.18
N GLY C 344 5.74 -37.02 -19.36
CA GLY C 344 5.84 -36.07 -20.42
C GLY C 344 7.15 -35.33 -20.46
N ASN C 345 7.39 -34.68 -21.57
CA ASN C 345 8.49 -33.79 -21.71
C ASN C 345 9.82 -34.38 -21.30
N THR C 346 10.52 -33.75 -20.36
CA THR C 346 11.81 -34.20 -19.95
C THR C 346 11.81 -35.39 -19.01
N SER C 347 10.64 -35.81 -18.58
CA SER C 347 10.48 -36.97 -17.73
C SER C 347 10.37 -38.20 -18.61
N GLN C 348 10.09 -39.37 -18.02
CA GLN C 348 9.70 -40.56 -18.80
C GLN C 348 8.32 -40.39 -19.43
N PRO C 349 8.02 -41.22 -20.44
CA PRO C 349 6.72 -41.16 -20.99
C PRO C 349 5.76 -41.78 -20.05
N CYS C 350 4.50 -41.62 -20.38
CA CYS C 350 3.40 -41.86 -19.53
C CYS C 350 3.09 -43.31 -19.26
N LEU C 351 3.39 -43.74 -18.04
CA LEU C 351 3.00 -45.08 -17.56
C LEU C 351 1.57 -45.48 -17.86
N GLY C 352 0.59 -44.69 -17.42
CA GLY C 352 -0.81 -45.12 -17.54
C GLY C 352 -1.23 -45.39 -18.96
N SER C 353 -0.76 -44.57 -19.90
CA SER C 353 -1.17 -44.77 -21.26
C SER C 353 -0.47 -45.94 -21.96
N ILE C 354 0.81 -46.11 -21.68
CA ILE C 354 1.60 -47.21 -22.16
C ILE C 354 0.99 -48.56 -21.74
N VAL C 355 0.74 -48.73 -20.46
CA VAL C 355 -0.05 -49.87 -19.98
C VAL C 355 -1.41 -50.01 -20.71
N GLU C 356 -2.03 -48.92 -20.98
CA GLU C 356 -3.36 -49.03 -21.60
C GLU C 356 -3.21 -49.46 -23.06
N ALA C 357 -2.11 -49.11 -23.67
CA ALA C 357 -1.82 -49.46 -25.02
C ALA C 357 -1.56 -50.97 -25.14
N LEU C 358 -1.06 -51.53 -24.05
CA LEU C 358 -0.78 -52.93 -23.96
C LEU C 358 -1.90 -53.81 -23.53
N SER C 359 -2.89 -53.19 -22.94
CA SER C 359 -3.87 -53.90 -22.24
C SER C 359 -4.54 -54.80 -23.21
N GLY C 360 -4.69 -56.09 -22.85
CA GLY C 360 -5.29 -57.09 -23.74
C GLY C 360 -4.29 -57.77 -24.69
N SER C 361 -3.09 -57.26 -24.84
CA SER C 361 -2.23 -57.81 -25.85
C SER C 361 -1.45 -59.00 -25.26
N GLU C 362 -0.70 -59.69 -26.07
CA GLU C 362 0.04 -60.87 -25.62
C GLU C 362 1.10 -60.55 -24.53
N ARG C 363 1.58 -59.32 -24.56
CA ARG C 363 2.61 -58.85 -23.66
C ARG C 363 2.12 -57.93 -22.53
N ASP C 364 0.78 -57.85 -22.43
CA ASP C 364 0.08 -57.14 -21.41
C ASP C 364 0.70 -57.27 -20.05
N PRO C 365 0.99 -56.17 -19.36
CA PRO C 365 1.75 -56.22 -18.11
C PRO C 365 1.01 -56.59 -16.86
N GLY C 366 -0.34 -56.60 -16.89
CA GLY C 366 -1.17 -56.94 -15.71
C GLY C 366 -1.18 -55.93 -14.56
N LEU C 367 -1.36 -54.65 -14.89
CA LEU C 367 -1.38 -53.57 -13.92
C LEU C 367 -2.73 -52.92 -13.99
N ASP C 368 -3.41 -52.78 -12.85
CA ASP C 368 -4.79 -52.31 -12.85
C ASP C 368 -4.90 -50.83 -13.18
N PRO C 369 -5.56 -50.51 -14.29
CA PRO C 369 -5.56 -49.09 -14.71
C PRO C 369 -6.29 -48.16 -13.77
N ALA C 370 -7.28 -48.63 -13.01
CA ALA C 370 -7.92 -47.75 -12.03
C ALA C 370 -6.95 -47.36 -10.89
N TRP C 371 -6.16 -48.31 -10.44
CA TRP C 371 -5.19 -48.00 -9.39
C TRP C 371 -4.07 -47.11 -9.85
N ILE C 372 -3.62 -47.29 -11.06
CA ILE C 372 -2.65 -46.34 -11.68
C ILE C 372 -3.18 -44.89 -11.63
N ARG C 373 -4.38 -44.68 -12.10
CA ARG C 373 -4.98 -43.36 -12.01
C ARG C 373 -5.08 -42.80 -10.54
N ARG C 374 -5.52 -43.65 -9.60
CA ARG C 374 -5.66 -43.24 -8.23
C ARG C 374 -4.34 -42.74 -7.73
N ILE C 375 -3.27 -43.48 -8.02
CA ILE C 375 -1.91 -43.10 -7.62
C ILE C 375 -1.42 -41.85 -8.34
N SER C 376 -1.82 -41.69 -9.60
CA SER C 376 -1.47 -40.53 -10.38
C SER C 376 -2.18 -39.30 -9.85
N PHE C 377 -3.43 -39.45 -9.43
CA PHE C 377 -4.19 -38.31 -8.84
C PHE C 377 -3.59 -37.87 -7.51
N TYR C 378 -2.89 -38.78 -6.87
CA TYR C 378 -2.10 -38.46 -5.71
C TYR C 378 -0.88 -37.68 -6.13
N TRP C 379 -0.13 -38.16 -7.11
CA TRP C 379 1.11 -37.47 -7.44
C TRP C 379 0.74 -36.09 -7.91
N GLU C 380 -0.44 -35.97 -8.51
CA GLU C 380 -0.92 -34.68 -9.01
C GLU C 380 -1.18 -33.70 -7.86
N ALA C 381 -1.83 -34.16 -6.81
CA ALA C 381 -2.00 -33.35 -5.67
C ALA C 381 -0.66 -33.12 -5.02
N VAL C 382 0.21 -34.12 -4.95
CA VAL C 382 1.54 -33.87 -4.48
C VAL C 382 2.21 -32.77 -5.26
N ARG C 383 2.24 -32.92 -6.58
CA ARG C 383 2.97 -32.01 -7.47
C ARG C 383 2.60 -30.55 -7.36
N ASN C 384 1.33 -30.25 -7.11
CA ASN C 384 0.91 -28.87 -6.93
C ASN C 384 1.59 -28.21 -5.71
N GLN C 385 1.99 -28.98 -4.71
CA GLN C 385 2.76 -28.44 -3.58
C GLN C 385 4.16 -27.92 -3.93
N TYR C 386 4.69 -28.26 -5.10
CA TYR C 386 6.04 -27.92 -5.52
C TYR C 386 6.07 -26.91 -6.66
N ALA C 387 5.06 -26.07 -6.73
CA ALA C 387 4.94 -25.04 -7.75
C ALA C 387 6.20 -24.18 -7.96
N ALA C 388 7.02 -24.08 -6.92
CA ALA C 388 8.19 -23.22 -6.87
C ALA C 388 9.31 -23.65 -7.81
N PHE C 389 9.25 -24.93 -8.18
CA PHE C 389 10.30 -25.63 -8.90
C PHE C 389 9.89 -26.07 -10.32
N GLU C 390 8.69 -25.65 -10.75
CA GLU C 390 8.25 -25.87 -12.15
C GLU C 390 9.08 -25.05 -13.15
N SER C 391 9.43 -25.66 -14.27
CA SER C 391 10.12 -25.02 -15.37
C SER C 391 9.07 -24.34 -16.18
N ASP C 392 9.43 -23.63 -17.25
CA ASP C 392 8.40 -23.00 -18.09
C ASP C 392 8.26 -23.75 -19.42
N LEU C 393 8.44 -25.05 -19.39
CA LEU C 393 8.51 -25.83 -20.59
C LEU C 393 7.12 -26.21 -21.03
N LYS C 394 6.79 -25.76 -22.23
CA LYS C 394 5.47 -25.87 -22.76
C LYS C 394 5.13 -27.19 -23.39
N GLY C 395 6.10 -28.00 -23.78
CA GLY C 395 5.76 -29.21 -24.50
C GLY C 395 6.92 -29.85 -25.25
N PRO C 396 6.61 -30.70 -26.22
CA PRO C 396 7.56 -31.43 -27.02
C PRO C 396 8.42 -30.54 -27.88
N ALA C 397 9.64 -30.99 -28.13
CA ALA C 397 10.61 -30.27 -28.94
C ALA C 397 11.48 -31.26 -29.68
N SER C 398 11.30 -31.30 -30.99
CA SER C 398 12.11 -32.07 -31.89
C SER C 398 13.56 -31.54 -31.92
N GLU C 399 13.80 -30.39 -31.32
CA GLU C 399 15.14 -29.80 -31.18
C GLU C 399 16.08 -30.71 -30.44
N VAL C 400 15.53 -31.56 -29.58
CA VAL C 400 16.33 -32.49 -28.85
C VAL C 400 17.23 -33.33 -29.80
N TYR C 401 16.77 -33.57 -31.03
CA TYR C 401 17.48 -34.45 -31.94
C TYR C 401 18.70 -33.75 -32.42
N LEU C 402 18.74 -32.42 -32.29
CA LEU C 402 19.88 -31.60 -32.64
C LEU C 402 20.83 -31.50 -31.46
N HIS C 403 20.41 -30.93 -30.34
CA HIS C 403 21.35 -30.71 -29.22
C HIS C 403 21.72 -31.94 -28.39
N GLU C 404 20.77 -32.79 -28.05
CA GLU C 404 21.06 -34.02 -27.27
C GLU C 404 21.25 -33.85 -25.76
N MET C 405 20.72 -32.78 -25.19
CA MET C 405 20.76 -32.57 -23.76
C MET C 405 19.92 -33.63 -23.10
N PRO C 406 20.41 -34.24 -22.02
CA PRO C 406 19.60 -35.18 -21.23
C PRO C 406 18.38 -34.52 -20.61
N GLY C 407 17.25 -35.22 -20.56
CA GLY C 407 16.04 -34.68 -19.97
C GLY C 407 16.32 -34.04 -18.63
N GLY C 408 17.03 -34.78 -17.78
CA GLY C 408 17.40 -34.32 -16.45
C GLY C 408 18.48 -33.25 -16.39
N GLN C 409 18.86 -32.73 -17.57
CA GLN C 409 19.67 -31.51 -17.68
C GLN C 409 18.78 -30.33 -18.05
N PHE C 410 17.96 -30.50 -19.09
CA PHE C 410 17.37 -29.37 -19.85
C PHE C 410 16.99 -28.10 -19.06
N THR C 411 16.29 -28.30 -17.95
CA THR C 411 15.79 -27.20 -17.15
C THR C 411 16.89 -26.53 -16.35
N ASN C 412 17.69 -27.38 -15.71
CA ASN C 412 18.93 -27.04 -15.01
C ASN C 412 19.80 -26.07 -15.81
N LEU C 413 19.89 -26.32 -17.10
CA LEU C 413 20.74 -25.55 -17.97
C LEU C 413 20.03 -24.31 -18.48
N LYS C 414 18.71 -24.35 -18.59
CA LYS C 414 17.96 -23.13 -18.92
C LYS C 414 18.00 -22.15 -17.73
N GLU C 415 18.05 -22.69 -16.51
CA GLU C 415 18.10 -21.88 -15.28
C GLU C 415 19.49 -21.28 -15.04
N GLN C 416 20.53 -22.09 -15.22
CA GLN C 416 21.91 -21.60 -15.11
C GLN C 416 22.20 -20.55 -16.22
N ALA C 417 21.50 -20.63 -17.34
CA ALA C 417 21.66 -19.65 -18.44
C ALA C 417 20.82 -18.38 -18.24
N ARG C 418 19.69 -18.50 -17.56
CA ARG C 418 18.94 -17.31 -17.15
C ARG C 418 19.81 -16.56 -16.14
N SER C 419 20.54 -17.35 -15.36
CA SER C 419 21.53 -16.88 -14.39
C SER C 419 22.87 -16.40 -15.01
N LEU C 420 22.99 -16.43 -16.33
CA LEU C 420 24.05 -15.71 -17.03
C LEU C 420 23.43 -14.72 -18.02
N GLY C 421 22.18 -14.34 -17.75
CA GLY C 421 21.52 -13.29 -18.53
C GLY C 421 21.26 -13.66 -19.99
N LEU C 422 21.20 -14.95 -20.26
CA LEU C 422 21.16 -15.44 -21.64
C LEU C 422 19.78 -15.91 -22.13
N GLU C 423 18.75 -15.83 -21.28
CA GLU C 423 17.42 -16.40 -21.60
C GLU C 423 16.91 -16.02 -22.99
N THR C 424 17.34 -14.85 -23.48
CA THR C 424 17.02 -14.40 -24.83
C THR C 424 17.92 -14.99 -25.93
N ARG C 425 18.89 -15.84 -25.58
CA ARG C 425 19.76 -16.50 -26.57
C ARG C 425 19.85 -18.02 -26.32
N TRP C 426 18.79 -18.59 -25.74
CA TRP C 426 18.78 -20.01 -25.45
C TRP C 426 19.00 -20.91 -26.66
N HIS C 427 18.58 -20.46 -27.84
CA HIS C 427 18.67 -21.31 -29.03
C HIS C 427 20.09 -21.28 -29.59
N GLN C 428 20.82 -20.20 -29.29
CA GLN C 428 22.26 -20.10 -29.62
C GLN C 428 23.08 -20.97 -28.65
N VAL C 429 22.55 -21.20 -27.45
CA VAL C 429 23.19 -22.09 -26.48
C VAL C 429 23.04 -23.56 -26.90
N ALA C 430 21.86 -23.93 -27.40
CA ALA C 430 21.62 -25.28 -27.90
C ALA C 430 22.49 -25.59 -29.12
N GLN C 431 22.75 -24.57 -29.94
CA GLN C 431 23.62 -24.74 -31.08
C GLN C 431 25.04 -24.94 -30.59
N ALA C 432 25.42 -24.21 -29.55
CA ALA C 432 26.73 -24.34 -28.93
C ALA C 432 26.95 -25.72 -28.30
N TYR C 433 25.93 -26.24 -27.64
CA TYR C 433 26.00 -27.58 -27.06
C TYR C 433 26.30 -28.58 -28.17
N ALA C 434 25.56 -28.51 -29.27
CA ALA C 434 25.82 -29.39 -30.42
C ALA C 434 27.21 -29.18 -31.00
N ASP C 435 27.58 -27.93 -31.31
CA ASP C 435 28.94 -27.62 -31.79
C ASP C 435 30.02 -28.09 -30.79
N ALA C 436 29.76 -27.97 -29.49
CA ALA C 436 30.74 -28.37 -28.47
C ALA C 436 30.98 -29.86 -28.44
N ASN C 437 29.94 -30.64 -28.68
CA ASN C 437 30.06 -32.10 -28.65
C ASN C 437 30.96 -32.60 -29.80
N GLN C 438 30.71 -31.93 -30.98
CA GLN C 438 31.49 -32.27 -32.16
C GLN C 438 32.94 -31.99 -31.86
N MET C 439 33.14 -30.87 -31.15
CA MET C 439 34.47 -30.45 -30.75
C MET C 439 35.16 -31.46 -29.84
N PHE C 440 34.42 -32.04 -28.88
CA PHE C 440 35.00 -32.99 -27.93
C PHE C 440 35.20 -34.43 -28.49
N GLY C 441 34.85 -34.58 -29.79
CA GLY C 441 35.04 -35.83 -30.51
C GLY C 441 33.74 -36.49 -30.95
N ASP C 442 32.60 -36.01 -30.39
CA ASP C 442 31.27 -36.63 -30.51
C ASP C 442 31.02 -37.66 -29.38
N ILE C 443 30.87 -37.17 -28.16
CA ILE C 443 30.82 -38.02 -26.99
C ILE C 443 29.43 -38.23 -26.40
N VAL C 444 29.37 -39.21 -25.52
CA VAL C 444 28.18 -39.54 -24.76
C VAL C 444 27.95 -38.47 -23.72
N LYS C 445 26.73 -37.96 -23.66
CA LYS C 445 26.42 -36.80 -22.85
C LYS C 445 25.39 -37.19 -21.81
N VAL C 446 25.89 -37.57 -20.65
CA VAL C 446 25.07 -38.03 -19.56
C VAL C 446 25.85 -37.67 -18.31
N THR C 447 25.22 -37.66 -17.13
CA THR C 447 25.90 -37.20 -15.94
C THR C 447 27.17 -37.99 -15.66
N PRO C 448 28.29 -37.30 -15.37
CA PRO C 448 28.51 -35.86 -15.32
C PRO C 448 29.16 -35.22 -16.58
N SER C 449 29.38 -35.98 -17.65
CA SER C 449 29.82 -35.38 -18.92
C SER C 449 28.85 -34.33 -19.43
N SER C 450 27.56 -34.56 -19.25
CA SER C 450 26.55 -33.59 -19.69
C SER C 450 26.83 -32.20 -19.10
N LYS C 451 27.15 -32.14 -17.79
CA LYS C 451 27.50 -30.86 -17.13
C LYS C 451 28.73 -30.25 -17.75
N VAL C 452 29.66 -31.10 -18.14
CA VAL C 452 30.91 -30.63 -18.70
C VAL C 452 30.64 -29.94 -20.03
N VAL C 453 29.81 -30.54 -20.85
CA VAL C 453 29.47 -29.93 -22.13
C VAL C 453 28.59 -28.70 -21.92
N GLY C 454 27.82 -28.69 -20.84
CA GLY C 454 26.98 -27.53 -20.51
C GLY C 454 27.87 -26.37 -20.17
N ASP C 455 28.80 -26.61 -19.26
CA ASP C 455 29.76 -25.58 -18.84
C ASP C 455 30.57 -24.97 -20.00
N MET C 456 30.91 -25.77 -21.01
CA MET C 456 31.65 -25.26 -22.16
CA MET C 456 31.65 -25.27 -22.17
C MET C 456 30.72 -24.43 -23.04
N ALA C 457 29.58 -25.03 -23.41
CA ALA C 457 28.60 -24.35 -24.24
C ALA C 457 28.24 -22.98 -23.68
N LEU C 458 27.91 -22.95 -22.39
CA LEU C 458 27.55 -21.69 -21.72
C LEU C 458 28.68 -20.63 -21.80
N MET C 459 29.93 -21.09 -21.74
CA MET C 459 31.04 -20.18 -21.92
C MET C 459 31.10 -19.66 -23.35
N MET C 460 30.82 -20.51 -24.33
CA MET C 460 30.94 -20.12 -25.74
C MET C 460 29.96 -19.02 -26.19
N VAL C 461 28.74 -19.03 -25.64
CA VAL C 461 27.73 -17.99 -25.94
C VAL C 461 28.19 -16.67 -25.31
N SER C 462 28.44 -16.70 -24.00
CA SER C 462 28.94 -15.53 -23.24
C SER C 462 30.16 -14.92 -23.91
N GLN C 463 31.27 -15.66 -23.93
CA GLN C 463 32.54 -15.12 -24.42
C GLN C 463 32.61 -15.07 -25.96
N ASP C 464 31.48 -15.38 -26.64
CA ASP C 464 31.40 -15.32 -28.10
C ASP C 464 32.53 -16.09 -28.78
N LEU C 465 32.45 -17.43 -28.72
CA LEU C 465 33.52 -18.26 -29.26
C LEU C 465 33.01 -19.32 -30.23
N THR C 466 33.45 -19.21 -31.47
CA THR C 466 33.23 -20.23 -32.48
C THR C 466 34.19 -21.37 -32.14
N VAL C 467 33.82 -22.62 -32.44
CA VAL C 467 34.67 -23.77 -32.15
C VAL C 467 36.04 -23.59 -32.80
N ALA C 468 36.05 -22.90 -33.95
CA ALA C 468 37.28 -22.51 -34.61
C ALA C 468 38.10 -21.53 -33.74
N ASP C 469 37.43 -20.57 -33.11
CA ASP C 469 38.09 -19.62 -32.17
C ASP C 469 38.24 -20.21 -30.76
N VAL C 470 37.66 -21.41 -30.53
CA VAL C 470 37.83 -22.16 -29.27
C VAL C 470 39.12 -23.00 -29.25
N VAL C 471 39.34 -23.76 -30.33
CA VAL C 471 40.61 -24.48 -30.56
C VAL C 471 41.74 -23.61 -31.16
N SER C 472 41.42 -22.38 -31.56
CA SER C 472 42.43 -21.43 -32.08
C SER C 472 43.65 -21.39 -31.16
N PRO C 473 44.87 -21.15 -31.71
CA PRO C 473 46.09 -20.98 -30.93
C PRO C 473 46.45 -19.52 -30.61
N ASP C 474 45.84 -18.55 -31.31
CA ASP C 474 46.07 -17.14 -31.02
C ASP C 474 45.13 -16.59 -29.94
N ARG C 475 43.89 -17.10 -29.90
CA ARG C 475 42.87 -16.64 -28.93
C ARG C 475 43.02 -17.30 -27.55
N GLU C 476 43.32 -16.50 -26.53
CA GLU C 476 43.47 -17.01 -25.16
C GLU C 476 42.13 -17.08 -24.41
N VAL C 477 41.79 -18.28 -23.93
CA VAL C 477 40.56 -18.55 -23.15
C VAL C 477 40.90 -19.12 -21.76
N SER C 478 39.87 -19.20 -20.90
CA SER C 478 40.02 -19.80 -19.57
C SER C 478 38.93 -20.81 -19.37
N PHE C 479 39.31 -22.07 -19.49
CA PHE C 479 38.37 -23.17 -19.49
C PHE C 479 37.80 -23.36 -18.09
N PRO C 480 36.54 -23.88 -17.99
CA PRO C 480 35.93 -24.19 -16.69
C PRO C 480 36.75 -25.24 -15.91
N GLU C 481 36.59 -25.26 -14.58
CA GLU C 481 37.21 -26.31 -13.75
C GLU C 481 36.68 -27.68 -14.15
N SER C 482 35.46 -27.74 -14.67
CA SER C 482 34.88 -29.01 -15.15
C SER C 482 35.57 -29.54 -16.39
N VAL C 483 35.85 -28.64 -17.35
CA VAL C 483 36.43 -29.07 -18.62
C VAL C 483 37.92 -29.42 -18.54
N VAL C 484 38.68 -28.69 -17.74
CA VAL C 484 40.09 -29.02 -17.54
C VAL C 484 40.14 -30.44 -16.98
N SER C 485 39.31 -30.69 -15.98
CA SER C 485 39.22 -31.97 -15.31
C SER C 485 38.92 -33.14 -16.27
N MET C 486 37.95 -32.99 -17.14
CA MET C 486 37.57 -34.10 -18.04
C MET C 486 38.64 -34.38 -19.09
N LEU C 487 39.44 -33.38 -19.42
CA LEU C 487 40.44 -33.53 -20.47
C LEU C 487 41.77 -34.08 -19.93
N LYS C 488 42.07 -33.82 -18.66
CA LYS C 488 43.18 -34.49 -18.01
C LYS C 488 42.89 -35.99 -17.86
N GLY C 489 41.64 -36.41 -18.01
CA GLY C 489 41.27 -37.84 -17.98
C GLY C 489 40.49 -38.30 -16.75
N ASP C 490 39.93 -37.35 -16.01
CA ASP C 490 39.28 -37.61 -14.73
C ASP C 490 37.98 -38.33 -14.83
N LEU C 491 37.27 -38.17 -15.93
CA LEU C 491 35.96 -38.87 -16.08
C LEU C 491 36.13 -40.11 -16.95
N GLY C 492 37.34 -40.27 -17.49
CA GLY C 492 37.67 -41.41 -18.29
C GLY C 492 38.06 -41.02 -19.68
N GLN C 493 37.81 -41.97 -20.59
CA GLN C 493 38.35 -41.94 -21.93
C GLN C 493 37.30 -42.39 -22.94
N PRO C 494 37.14 -41.57 -23.95
CA PRO C 494 36.31 -41.82 -25.11
C PRO C 494 36.96 -42.86 -25.96
N PRO C 495 36.18 -43.43 -26.98
CA PRO C 495 36.85 -44.50 -27.70
C PRO C 495 38.10 -44.05 -28.42
N SER C 496 38.02 -42.93 -29.12
CA SER C 496 39.20 -42.46 -29.82
C SER C 496 40.21 -42.16 -28.77
N GLY C 497 39.72 -41.56 -27.71
CA GLY C 497 40.54 -40.81 -26.79
C GLY C 497 40.35 -39.42 -27.32
N TRP C 498 40.72 -38.45 -26.51
CA TRP C 498 40.40 -37.04 -26.73
C TRP C 498 41.15 -36.43 -27.93
N PRO C 499 40.61 -35.36 -28.54
CA PRO C 499 41.38 -34.59 -29.57
C PRO C 499 42.63 -33.92 -28.99
N GLU C 500 43.80 -34.21 -29.58
CA GLU C 500 45.06 -33.73 -29.02
C GLU C 500 45.04 -32.22 -28.84
N ALA C 501 44.66 -31.52 -29.91
CA ALA C 501 44.74 -30.05 -29.97
C ALA C 501 43.93 -29.38 -28.87
N LEU C 502 42.67 -29.80 -28.70
CA LEU C 502 41.84 -29.31 -27.61
C LEU C 502 42.50 -29.62 -26.26
N GLN C 503 43.06 -30.85 -26.15
CA GLN C 503 43.74 -31.34 -24.92
C GLN C 503 44.95 -30.51 -24.52
N LYS C 504 45.91 -30.35 -25.44
CA LYS C 504 47.19 -29.70 -25.14
C LYS C 504 47.10 -28.19 -24.97
N LYS C 505 45.94 -27.62 -25.33
CA LYS C 505 45.68 -26.19 -25.17
C LYS C 505 45.15 -25.98 -23.77
N ALA C 506 44.00 -26.60 -23.50
CA ALA C 506 43.38 -26.59 -22.18
C ALA C 506 44.37 -27.01 -21.10
N LEU C 507 45.16 -28.05 -21.39
CA LEU C 507 46.11 -28.59 -20.43
C LEU C 507 47.21 -27.59 -20.07
N LYS C 508 47.35 -26.49 -20.81
CA LYS C 508 48.24 -25.40 -20.43
C LYS C 508 49.32 -25.92 -19.44
N GLY C 509 50.23 -26.74 -19.97
CA GLY C 509 51.28 -27.38 -19.17
C GLY C 509 50.95 -28.82 -18.70
N GLU C 510 49.82 -28.99 -18.03
CA GLU C 510 49.50 -30.25 -17.34
C GLU C 510 49.50 -31.49 -18.26
N LYS C 511 50.31 -32.48 -17.90
CA LYS C 511 50.41 -33.73 -18.65
C LYS C 511 49.17 -34.59 -18.39
N PRO C 512 48.41 -34.96 -19.45
CA PRO C 512 47.19 -35.78 -19.30
C PRO C 512 47.49 -37.24 -18.93
N TYR C 513 46.44 -38.01 -18.61
CA TYR C 513 46.59 -39.48 -18.44
C TYR C 513 45.44 -40.25 -19.08
N THR C 514 45.72 -41.48 -19.50
CA THR C 514 44.76 -42.31 -20.25
C THR C 514 44.32 -43.60 -19.50
N VAL C 515 44.74 -43.74 -18.25
CA VAL C 515 44.41 -44.92 -17.44
C VAL C 515 43.00 -44.80 -16.76
N ARG C 516 42.61 -45.84 -16.02
CA ARG C 516 41.43 -45.81 -15.16
C ARG C 516 41.74 -44.91 -13.96
N PRO C 517 40.96 -43.84 -13.74
CA PRO C 517 41.20 -42.83 -12.70
C PRO C 517 41.42 -43.33 -11.26
N GLY C 518 40.64 -44.33 -10.84
CA GLY C 518 40.76 -44.90 -9.52
C GLY C 518 41.94 -45.84 -9.37
N SER C 519 42.49 -46.32 -10.49
CA SER C 519 43.73 -47.08 -10.45
C SER C 519 44.80 -46.18 -9.82
N LEU C 520 44.77 -44.90 -10.15
CA LEU C 520 45.70 -43.91 -9.60
C LEU C 520 45.32 -43.44 -8.19
N LEU C 521 44.09 -42.98 -7.98
CA LEU C 521 43.71 -42.31 -6.73
C LEU C 521 44.06 -43.12 -5.46
N LYS C 522 44.83 -42.56 -4.53
CA LYS C 522 45.21 -43.28 -3.28
C LYS C 522 43.97 -43.94 -2.62
N GLU C 523 44.10 -45.19 -2.19
CA GLU C 523 43.02 -45.87 -1.46
C GLU C 523 42.84 -45.15 -0.13
N ALA C 524 41.72 -44.43 -0.02
CA ALA C 524 41.40 -43.61 1.13
C ALA C 524 41.54 -44.40 2.43
N ASP C 525 42.14 -43.78 3.45
CA ASP C 525 42.25 -44.41 4.76
C ASP C 525 40.91 -44.29 5.46
N LEU C 526 40.12 -45.36 5.46
CA LEU C 526 38.72 -45.28 5.89
C LEU C 526 38.65 -45.05 7.41
N ASP C 527 39.53 -45.73 8.16
CA ASP C 527 39.61 -45.52 9.59
C ASP C 527 39.92 -44.04 9.91
N ALA C 528 40.82 -43.42 9.14
CA ALA C 528 41.29 -42.05 9.42
C ALA C 528 40.34 -40.95 8.94
N GLU C 529 39.67 -41.19 7.81
CA GLU C 529 38.70 -40.24 7.29
C GLU C 529 37.39 -40.33 8.05
N ARG C 530 37.26 -41.38 8.88
CA ARG C 530 36.12 -41.56 9.80
C ARG C 530 36.24 -40.64 11.01
N LYS C 531 37.40 -40.67 11.66
CA LYS C 531 37.64 -39.87 12.85
C LYS C 531 37.50 -38.37 12.57
N VAL C 532 37.86 -37.93 11.37
CA VAL C 532 37.80 -36.51 11.04
C VAL C 532 36.34 -36.03 11.05
N ILE C 533 35.41 -36.90 10.64
CA ILE C 533 33.95 -36.60 10.73
C ILE C 533 33.37 -36.84 12.13
N GLU C 534 34.03 -37.66 12.96
CA GLU C 534 33.56 -37.90 14.34
C GLU C 534 34.10 -36.87 15.35
N LYS C 535 35.25 -36.25 15.07
CA LYS C 535 35.75 -35.18 15.93
C LYS C 535 35.16 -33.84 15.55
N LYS C 536 34.53 -33.78 14.37
CA LYS C 536 33.87 -32.57 13.90
C LYS C 536 32.36 -32.53 14.19
N LEU C 537 31.72 -33.69 14.39
CA LEU C 537 30.32 -33.70 14.83
C LEU C 537 30.19 -34.10 16.30
N GLU C 538 31.34 -34.22 16.98
CA GLU C 538 31.43 -34.59 18.40
C GLU C 538 30.56 -35.79 18.82
N ARG C 539 30.46 -36.80 17.95
CA ARG C 539 29.72 -38.04 18.28
C ARG C 539 30.06 -39.13 17.30
N GLU C 540 29.64 -40.35 17.64
CA GLU C 540 29.74 -41.48 16.73
C GLU C 540 28.69 -41.25 15.64
N VAL C 541 28.99 -41.73 14.43
CA VAL C 541 28.02 -41.77 13.33
C VAL C 541 27.94 -43.19 12.78
N SER C 542 26.87 -43.47 12.05
CA SER C 542 26.64 -44.79 11.45
C SER C 542 27.43 -45.00 10.16
N ASP C 543 27.63 -46.27 9.83
CA ASP C 543 28.23 -46.65 8.56
C ASP C 543 27.54 -45.96 7.38
N PHE C 544 26.20 -45.89 7.45
CA PHE C 544 25.42 -45.12 6.47
C PHE C 544 25.79 -43.63 6.53
N GLU C 545 25.79 -43.04 7.72
CA GLU C 545 26.21 -41.63 7.88
C GLU C 545 27.62 -41.41 7.34
N PHE C 546 28.53 -42.35 7.58
CA PHE C 546 29.86 -42.32 7.00
C PHE C 546 29.77 -42.35 5.46
N ALA C 547 28.89 -43.15 4.89
CA ALA C 547 28.82 -43.22 3.44
C ALA C 547 28.49 -41.87 2.77
N SER C 548 27.55 -41.14 3.39
CA SER C 548 27.21 -39.80 2.93
C SER C 548 28.41 -38.83 3.03
N TYR C 549 29.18 -38.92 4.12
CA TYR C 549 30.39 -38.08 4.30
C TYR C 549 31.46 -38.35 3.24
N LEU C 550 31.60 -39.62 2.89
CA LEU C 550 32.61 -40.04 1.92
C LEU C 550 32.29 -39.54 0.54
N MET C 551 31.01 -39.36 0.27
CA MET C 551 30.52 -38.93 -1.04
C MET C 551 30.39 -37.43 -1.08
N TYR C 552 30.08 -36.85 0.07
CA TYR C 552 29.80 -35.43 0.18
C TYR C 552 30.27 -34.96 1.52
N PRO C 553 31.59 -34.79 1.65
CA PRO C 553 32.11 -34.36 2.93
C PRO C 553 31.45 -33.05 3.38
N LYS C 554 31.60 -32.00 2.58
CA LYS C 554 31.07 -30.69 2.99
C LYS C 554 29.55 -30.73 3.05
N VAL C 555 28.90 -31.42 2.13
CA VAL C 555 27.41 -31.41 2.24
C VAL C 555 26.85 -32.18 3.47
N PHE C 556 27.32 -33.39 3.74
CA PHE C 556 26.85 -34.12 4.95
C PHE C 556 27.04 -33.32 6.24
N THR C 557 28.18 -32.64 6.35
CA THR C 557 28.50 -31.86 7.53
C THR C 557 27.46 -30.77 7.82
N ASP C 558 27.05 -30.06 6.77
CA ASP C 558 26.10 -28.96 6.92
C ASP C 558 24.71 -29.51 7.32
N PHE C 559 24.41 -30.72 6.77
CA PHE C 559 23.13 -31.39 7.06
C PHE C 559 23.06 -31.90 8.51
N ALA C 560 24.16 -32.43 9.00
CA ALA C 560 24.21 -32.92 10.38
C ALA C 560 24.00 -31.76 11.35
N LEU C 561 24.66 -30.64 11.08
CA LEU C 561 24.49 -29.42 11.89
C LEU C 561 23.02 -29.04 12.02
N ALA C 562 22.34 -28.92 10.88
CA ALA C 562 20.93 -28.49 10.89
C ALA C 562 20.03 -29.53 11.58
N SER C 563 20.26 -30.81 11.30
CA SER C 563 19.53 -31.88 12.00
C SER C 563 19.59 -31.68 13.52
N ASP C 564 20.76 -31.38 14.10
CA ASP C 564 20.84 -31.19 15.56
C ASP C 564 20.15 -29.89 15.99
N THR C 565 19.99 -28.94 15.08
CA THR C 565 19.27 -27.70 15.39
C THR C 565 17.75 -27.89 15.28
N TYR C 566 17.27 -28.25 14.07
CA TYR C 566 15.83 -28.15 13.71
C TYR C 566 15.08 -29.45 13.84
N GLY C 567 15.82 -30.54 13.82
CA GLY C 567 15.30 -31.82 14.22
C GLY C 567 14.86 -32.61 13.05
N PRO C 568 13.89 -33.50 13.27
CA PRO C 568 13.41 -34.45 12.25
C PRO C 568 12.43 -33.80 11.26
N VAL C 569 12.93 -32.82 10.53
CA VAL C 569 12.07 -32.03 9.66
C VAL C 569 11.48 -32.84 8.51
N SER C 570 12.05 -34.02 8.23
CA SER C 570 11.46 -34.87 7.23
C SER C 570 9.97 -35.14 7.56
N VAL C 571 9.61 -35.17 8.84
CA VAL C 571 8.25 -35.60 9.23
C VAL C 571 7.19 -34.52 9.07
N LEU C 572 7.61 -33.31 8.74
CA LEU C 572 6.67 -32.22 8.48
C LEU C 572 6.08 -32.33 7.11
N PRO C 573 4.77 -32.09 6.97
CA PRO C 573 4.18 -32.08 5.63
C PRO C 573 4.79 -30.97 4.81
N THR C 574 4.59 -31.03 3.50
CA THR C 574 5.40 -30.29 2.58
C THR C 574 5.09 -28.79 2.46
N PRO C 575 3.81 -28.39 2.53
CA PRO C 575 3.56 -26.95 2.68
C PRO C 575 4.10 -26.36 3.98
N ALA C 576 4.28 -27.16 5.03
CA ALA C 576 4.86 -26.58 6.25
C ALA C 576 6.37 -26.43 6.15
N TYR C 577 7.01 -27.43 5.57
CA TYR C 577 8.45 -27.42 5.42
C TYR C 577 8.92 -26.24 4.60
N PHE C 578 8.14 -25.83 3.61
CA PHE C 578 8.53 -24.71 2.72
C PHE C 578 7.99 -23.36 3.08
N TYR C 579 6.85 -23.29 3.78
CA TYR C 579 6.19 -21.99 4.08
C TYR C 579 5.75 -21.80 5.52
N GLY C 580 6.03 -22.77 6.38
CA GLY C 580 5.61 -22.69 7.77
C GLY C 580 4.10 -22.70 7.92
N LEU C 581 3.59 -21.97 8.90
CA LEU C 581 2.22 -22.09 9.32
C LEU C 581 1.57 -20.75 9.29
N ALA C 582 0.45 -20.67 8.60
CA ALA C 582 -0.34 -19.47 8.55
C ALA C 582 -1.04 -19.26 9.86
N ASP C 583 -1.60 -18.08 10.04
CA ASP C 583 -2.24 -17.71 11.28
C ASP C 583 -3.44 -18.55 11.63
N GLY C 584 -3.56 -18.90 12.90
CA GLY C 584 -4.60 -19.79 13.39
C GLY C 584 -4.51 -21.21 12.85
N GLU C 585 -3.50 -21.53 12.06
CA GLU C 585 -3.51 -22.82 11.36
C GLU C 585 -3.18 -23.96 12.32
N GLU C 586 -3.82 -25.11 12.09
CA GLU C 586 -3.63 -26.30 12.90
C GLU C 586 -2.97 -27.43 12.07
N LEU C 587 -1.82 -27.90 12.54
CA LEU C 587 -1.02 -28.90 11.84
C LEU C 587 -1.03 -30.21 12.67
N PHE C 588 -0.65 -31.33 12.06
CA PHE C 588 -0.57 -32.67 12.69
C PHE C 588 0.75 -33.31 12.28
N ALA C 589 1.56 -33.74 13.23
CA ALA C 589 2.86 -34.34 12.87
C ALA C 589 3.23 -35.53 13.75
N ASP C 590 3.67 -36.60 13.10
CA ASP C 590 4.03 -37.83 13.78
C ASP C 590 5.52 -37.87 14.00
N ILE C 591 5.93 -37.48 15.19
CA ILE C 591 7.34 -37.53 15.58
C ILE C 591 7.86 -38.96 15.59
N GLU C 592 7.05 -39.93 16.01
CA GLU C 592 7.56 -41.25 16.33
C GLU C 592 6.63 -42.42 16.09
N LYS C 593 5.60 -42.25 15.26
CA LYS C 593 4.65 -43.32 15.02
C LYS C 593 3.89 -43.67 16.32
N GLY C 594 2.59 -43.36 16.33
CA GLY C 594 1.78 -43.59 17.54
C GLY C 594 2.21 -42.57 18.56
N LYS C 595 2.50 -41.38 18.05
CA LYS C 595 2.84 -40.20 18.83
C LYS C 595 2.67 -39.05 17.83
N THR C 596 1.47 -38.49 17.82
CA THR C 596 1.22 -37.35 16.96
C THR C 596 1.14 -36.06 17.83
N LEU C 597 1.77 -34.99 17.32
CA LEU C 597 1.77 -33.71 17.99
C LEU C 597 0.87 -32.81 17.17
N VAL C 598 0.04 -32.05 17.88
CA VAL C 598 -0.79 -31.04 17.25
C VAL C 598 -0.07 -29.72 17.45
N ILE C 599 0.37 -29.10 16.36
CA ILE C 599 1.06 -27.81 16.41
C ILE C 599 0.19 -26.76 15.75
N VAL C 600 -0.06 -25.68 16.48
CA VAL C 600 -0.89 -24.55 16.02
C VAL C 600 -0.12 -23.23 16.15
N ASN C 601 0.08 -22.52 15.03
CA ASN C 601 0.61 -21.17 15.08
C ASN C 601 -0.51 -20.23 15.50
N GLN C 602 -0.44 -19.71 16.72
CA GLN C 602 -1.50 -18.83 17.21
C GLN C 602 -1.25 -17.36 17.00
N ALA C 603 0.02 -16.99 16.78
CA ALA C 603 0.42 -15.57 16.79
C ALA C 603 1.91 -15.42 16.48
N VAL C 604 2.26 -14.24 15.95
CA VAL C 604 3.63 -13.94 15.59
C VAL C 604 3.90 -12.50 15.95
N SER C 605 4.91 -12.29 16.78
CA SER C 605 5.21 -11.02 17.37
C SER C 605 5.81 -10.12 16.35
N ALA C 606 5.71 -8.83 16.56
CA ALA C 606 6.50 -7.90 15.80
C ALA C 606 7.89 -8.10 16.35
N THR C 607 8.90 -7.67 15.63
CA THR C 607 10.25 -7.86 16.10
C THR C 607 10.52 -7.08 17.38
N ASP C 608 11.47 -7.57 18.17
CA ASP C 608 11.81 -6.92 19.39
C ASP C 608 13.04 -6.05 19.17
N SER C 609 13.46 -5.37 20.24
CA SER C 609 14.65 -4.51 20.25
C SER C 609 15.93 -5.29 20.00
N GLN C 610 16.07 -6.47 20.60
CA GLN C 610 17.30 -7.24 20.45
C GLN C 610 17.37 -8.01 19.11
N GLY C 611 16.45 -7.75 18.18
CA GLY C 611 16.46 -8.38 16.84
C GLY C 611 15.80 -9.76 16.70
N MET C 612 14.94 -10.10 17.66
CA MET C 612 14.27 -11.39 17.67
C MET C 612 12.78 -11.26 17.43
N VAL C 613 12.19 -12.35 16.91
CA VAL C 613 10.75 -12.48 16.75
C VAL C 613 10.33 -13.68 17.63
N THR C 614 9.06 -13.59 18.12
CA THR C 614 8.52 -14.64 18.99
C THR C 614 7.27 -15.26 18.41
N VAL C 615 7.37 -16.52 18.01
CA VAL C 615 6.21 -17.23 17.53
C VAL C 615 5.58 -17.93 18.75
N PHE C 616 4.22 -17.78 18.78
CA PHE C 616 3.41 -18.33 19.85
C PHE C 616 2.64 -19.55 19.35
N PHE C 617 2.93 -20.69 19.96
CA PHE C 617 2.44 -22.01 19.52
C PHE C 617 1.50 -22.63 20.56
N GLU C 618 0.72 -23.64 20.12
CA GLU C 618 0.04 -24.58 21.04
C GLU C 618 0.33 -26.01 20.66
N LEU C 619 1.17 -26.65 21.45
CA LEU C 619 1.58 -28.03 21.24
C LEU C 619 0.81 -28.94 22.19
N ASN C 620 0.00 -29.84 21.62
CA ASN C 620 -0.88 -30.72 22.40
C ASN C 620 -1.56 -29.98 23.56
N GLY C 621 -2.26 -28.90 23.22
CA GLY C 621 -3.00 -28.13 24.20
C GLY C 621 -2.13 -27.50 25.24
N GLN C 622 -0.87 -27.18 24.92
CA GLN C 622 0.03 -26.49 25.87
C GLN C 622 0.74 -25.32 25.16
N PRO C 623 0.80 -24.13 25.81
CA PRO C 623 1.39 -22.97 25.15
C PRO C 623 2.91 -23.01 25.12
N ARG C 624 3.47 -22.65 23.98
CA ARG C 624 4.92 -22.53 23.78
C ARG C 624 5.26 -21.25 22.99
N ARG C 625 6.41 -20.65 23.32
CA ARG C 625 6.88 -19.43 22.68
C ARG C 625 8.30 -19.65 22.18
N ILE C 626 8.52 -19.32 20.91
CA ILE C 626 9.80 -19.61 20.27
C ILE C 626 10.40 -18.37 19.62
N LYS C 627 11.59 -17.99 20.10
CA LYS C 627 12.28 -16.81 19.60
C LYS C 627 13.17 -17.17 18.41
N VAL C 628 12.90 -16.52 17.27
CA VAL C 628 13.66 -16.71 16.03
C VAL C 628 14.17 -15.31 15.53
N PRO C 629 15.43 -15.35 14.99
CA PRO C 629 16.01 -14.10 14.50
C PRO C 629 15.40 -13.67 13.17
N ASP C 630 15.38 -12.36 12.93
CA ASP C 630 14.87 -11.77 11.68
C ASP C 630 16.03 -11.43 10.74
N ARG C 631 16.13 -12.19 9.66
CA ARG C 631 17.21 -12.08 8.68
C ARG C 631 16.78 -11.28 7.45
N ALA C 632 15.91 -10.30 7.62
CA ALA C 632 15.51 -9.45 6.49
C ALA C 632 16.56 -8.35 6.32
N ASP D 36 -8.63 -11.09 38.92
CA ASP D 36 -9.89 -10.97 38.13
C ASP D 36 -10.21 -9.53 37.75
N ARG D 37 -10.15 -8.63 38.72
CA ARG D 37 -10.24 -7.21 38.40
C ARG D 37 -9.17 -6.89 37.33
N ALA D 38 -8.03 -7.57 37.40
CA ALA D 38 -6.99 -7.55 36.37
C ALA D 38 -7.39 -8.18 35.02
N THR D 39 -8.05 -9.34 35.07
CA THR D 39 -8.63 -9.97 33.90
C THR D 39 -9.38 -8.88 33.16
N LYS D 40 -10.26 -8.18 33.87
CA LYS D 40 -11.06 -7.13 33.26
C LYS D 40 -10.22 -6.04 32.59
N LEU D 41 -9.15 -5.58 33.24
CA LEU D 41 -8.26 -4.57 32.64
C LEU D 41 -7.54 -5.08 31.41
N LEU D 42 -7.12 -6.33 31.44
CA LEU D 42 -6.59 -6.92 30.23
C LEU D 42 -7.63 -6.87 29.10
N THR D 43 -8.88 -7.15 29.44
CA THR D 43 -9.95 -7.20 28.45
C THR D 43 -10.07 -5.84 27.83
N TYR D 44 -10.14 -4.79 28.65
CA TYR D 44 -10.18 -3.44 28.08
C TYR D 44 -8.96 -3.13 27.22
N LEU D 45 -7.77 -3.35 27.76
CA LEU D 45 -6.55 -3.07 27.00
C LEU D 45 -6.55 -3.81 25.66
N ALA D 46 -6.99 -5.05 25.66
CA ALA D 46 -7.09 -5.82 24.43
C ALA D 46 -8.14 -5.19 23.48
N ASP D 47 -9.33 -4.90 24.02
CA ASP D 47 -10.41 -4.35 23.22
C ASP D 47 -10.04 -3.04 22.53
N VAL D 48 -9.23 -2.23 23.18
CA VAL D 48 -8.83 -0.95 22.60
C VAL D 48 -7.53 -1.05 21.80
N THR D 49 -6.67 -2.01 22.09
CA THR D 49 -5.49 -2.23 21.25
C THR D 49 -5.90 -2.69 19.85
N VAL D 50 -6.97 -3.48 19.76
CA VAL D 50 -7.41 -4.09 18.49
C VAL D 50 -8.43 -3.22 17.75
N ASN D 51 -9.25 -2.48 18.49
CA ASN D 51 -10.38 -1.73 17.93
C ASN D 51 -10.32 -0.20 18.17
N GLY D 52 -9.22 0.30 18.74
CA GLY D 52 -9.11 1.70 19.09
C GLY D 52 -10.17 2.21 20.09
N HIS D 53 -10.03 3.44 20.53
CA HIS D 53 -11.07 4.11 21.31
C HIS D 53 -11.95 4.94 20.38
N PRO D 54 -13.28 4.92 20.59
CA PRO D 54 -14.16 5.62 19.62
C PRO D 54 -13.91 7.14 19.56
N GLU D 55 -13.72 7.77 20.71
CA GLU D 55 -13.44 9.20 20.77
C GLU D 55 -12.07 9.57 20.21
N ALA D 56 -11.16 8.61 20.06
CA ALA D 56 -9.81 8.93 19.63
C ALA D 56 -9.48 8.45 18.25
N LYS D 57 -10.10 7.36 17.82
CA LYS D 57 -9.72 6.70 16.58
C LYS D 57 -9.91 7.58 15.35
N ASP D 58 -10.77 8.60 15.45
CA ASP D 58 -11.12 9.43 14.30
C ASP D 58 -10.26 10.65 14.07
N ARG D 59 -9.31 10.90 14.99
CA ARG D 59 -8.73 12.22 15.17
C ARG D 59 -7.20 12.19 15.22
N PRO D 60 -6.53 13.37 15.30
CA PRO D 60 -5.05 13.38 15.39
C PRO D 60 -4.51 12.67 16.63
N LYS D 61 -3.29 12.15 16.51
CA LYS D 61 -2.65 11.36 17.55
C LYS D 61 -1.34 12.06 17.97
N PRO D 62 -1.00 12.01 19.27
CA PRO D 62 0.19 12.66 19.84
C PRO D 62 1.49 12.36 19.12
N LEU D 63 2.45 13.27 19.21
CA LEU D 63 3.83 13.02 18.74
C LEU D 63 4.33 11.66 19.23
N GLU D 64 5.10 10.98 18.40
CA GLU D 64 5.53 9.67 18.79
C GLU D 64 6.52 9.63 19.93
N ASN D 65 7.53 10.49 19.88
CA ASN D 65 8.56 10.38 20.89
C ASN D 65 8.01 10.67 22.28
N ALA D 66 7.31 11.80 22.44
CA ALA D 66 6.45 12.04 23.59
C ALA D 66 7.02 11.78 24.99
N ALA D 67 7.34 12.80 25.78
CA ALA D 67 7.71 12.54 27.19
C ALA D 67 6.51 12.06 27.99
N ARG D 68 6.67 10.98 28.75
CA ARG D 68 5.77 10.73 29.86
C ARG D 68 5.85 11.99 30.80
N PRO D 69 4.68 12.63 31.12
CA PRO D 69 4.68 13.68 32.12
C PRO D 69 5.24 13.18 33.45
N VAL D 70 6.01 14.05 34.08
CA VAL D 70 6.73 13.76 35.27
C VAL D 70 6.23 14.69 36.34
N VAL D 71 5.75 14.11 37.43
CA VAL D 71 5.33 14.85 38.60
C VAL D 71 6.56 15.46 39.28
N PRO D 72 6.52 16.78 39.59
CA PRO D 72 7.66 17.36 40.28
C PRO D 72 7.85 16.83 41.72
N TYR D 73 9.11 16.49 42.05
CA TYR D 73 9.49 16.19 43.44
C TYR D 73 9.16 17.42 44.32
N ALA D 74 8.27 17.19 45.27
CA ALA D 74 7.96 18.16 46.32
C ALA D 74 9.17 18.35 47.24
N ASN D 75 9.48 19.60 47.54
CA ASN D 75 10.59 19.95 48.42
C ASN D 75 10.56 19.18 49.77
N GLY D 76 9.39 19.15 50.43
CA GLY D 76 9.30 18.78 51.84
C GLY D 76 8.22 17.82 52.35
N ASN D 77 8.35 17.52 53.64
CA ASN D 77 7.68 16.39 54.33
C ASN D 77 6.17 16.61 54.57
N GLY D 78 5.80 17.55 55.45
CA GLY D 78 4.39 17.84 55.70
C GLY D 78 3.83 18.85 54.69
N VAL D 79 2.53 19.16 54.83
CA VAL D 79 1.91 20.28 54.09
C VAL D 79 1.45 21.38 55.05
N LYS D 80 1.64 22.63 54.65
CA LYS D 80 1.25 23.77 55.48
C LYS D 80 -0.28 23.87 55.57
N ASP D 81 -0.81 24.13 56.75
CA ASP D 81 -2.22 24.42 56.90
C ASP D 81 -2.54 25.48 55.90
N GLY D 82 -3.73 25.41 55.33
CA GLY D 82 -4.24 26.48 54.49
C GLY D 82 -5.76 26.63 54.57
N THR D 83 -6.36 27.14 53.50
CA THR D 83 -7.75 27.61 53.47
C THR D 83 -8.79 26.55 53.90
N LYS D 84 -8.48 25.28 53.67
CA LYS D 84 -9.30 24.17 54.14
C LYS D 84 -9.43 24.15 55.67
N GLN D 85 -8.29 24.17 56.35
CA GLN D 85 -8.28 24.20 57.81
C GLN D 85 -8.95 25.47 58.34
N LEU D 86 -8.79 26.60 57.63
CA LEU D 86 -9.46 27.85 58.01
C LEU D 86 -10.99 27.75 57.93
N LEU D 87 -11.51 27.14 56.89
CA LEU D 87 -12.95 26.95 56.79
C LEU D 87 -13.47 25.95 57.84
N ASP D 88 -12.65 24.95 58.20
CA ASP D 88 -12.98 24.06 59.33
C ASP D 88 -13.04 24.80 60.66
N THR D 89 -12.09 25.69 60.90
CA THR D 89 -12.09 26.53 62.13
C THR D 89 -13.27 27.50 62.11
N LEU D 90 -13.35 28.31 61.05
CA LEU D 90 -14.22 29.50 61.03
C LEU D 90 -15.70 29.26 60.68
N GLY D 91 -15.97 28.21 59.90
CA GLY D 91 -17.26 28.12 59.23
C GLY D 91 -17.34 29.11 58.06
N PRO D 92 -18.41 29.00 57.26
CA PRO D 92 -18.54 29.75 56.02
C PRO D 92 -18.62 31.29 56.15
N LYS D 93 -19.61 31.79 56.89
CA LYS D 93 -19.84 33.22 57.02
C LYS D 93 -18.52 33.90 57.43
N LYS D 94 -17.95 33.45 58.55
CA LYS D 94 -16.71 34.03 59.06
C LYS D 94 -15.56 33.80 58.08
N PHE D 95 -15.61 32.71 57.31
CA PHE D 95 -14.61 32.50 56.25
C PHE D 95 -14.73 33.53 55.12
N GLY D 96 -15.97 33.86 54.75
CA GLY D 96 -16.16 34.90 53.72
C GLY D 96 -15.62 36.23 54.19
N GLU D 97 -15.98 36.61 55.41
CA GLU D 97 -15.43 37.80 56.04
C GLU D 97 -13.88 37.82 56.04
N TRP D 98 -13.26 36.65 56.21
CA TRP D 98 -11.81 36.60 56.25
C TRP D 98 -11.21 36.94 54.90
N MET D 99 -11.85 36.46 53.84
CA MET D 99 -11.45 36.81 52.47
C MET D 99 -11.53 38.31 52.27
N ARG D 100 -12.64 38.86 52.75
CA ARG D 100 -12.98 40.27 52.55
C ARG D 100 -11.90 41.16 53.12
N ASN D 101 -11.50 40.86 54.35
CA ASN D 101 -10.50 41.63 55.06
C ASN D 101 -9.08 41.31 54.60
N GLU D 102 -8.90 40.18 53.92
CA GLU D 102 -7.60 39.81 53.42
C GLU D 102 -7.13 40.82 52.35
N LYS D 103 -5.87 41.24 52.45
CA LYS D 103 -5.28 42.29 51.59
C LYS D 103 -4.72 41.69 50.28
N ARG D 104 -4.07 40.55 50.37
CA ARG D 104 -3.60 39.87 49.16
C ARG D 104 -4.82 39.48 48.31
N VAL D 105 -4.65 39.43 47.00
CA VAL D 105 -5.72 38.88 46.16
C VAL D 105 -5.60 37.37 46.30
N LEU D 106 -6.72 36.68 46.48
CA LEU D 106 -6.71 35.22 46.56
C LEU D 106 -6.91 34.63 45.16
N LEU D 107 -6.37 33.42 44.95
CA LEU D 107 -6.37 32.76 43.64
C LEU D 107 -7.12 31.43 43.64
N THR D 108 -7.99 31.26 42.64
CA THR D 108 -8.54 29.96 42.28
C THR D 108 -7.88 29.47 41.00
N ASP D 109 -7.38 28.21 41.00
CA ASP D 109 -6.82 27.53 39.80
C ASP D 109 -7.93 26.70 39.13
N THR D 110 -8.16 26.92 37.84
CA THR D 110 -9.26 26.29 37.11
C THR D 110 -8.79 25.18 36.19
N THR D 111 -7.50 24.90 36.23
CA THR D 111 -6.90 24.03 35.26
C THR D 111 -7.61 22.69 35.25
N MET D 112 -7.92 22.17 36.44
CA MET D 112 -8.63 20.86 36.60
C MET D 112 -10.10 20.80 36.14
N ARG D 113 -10.72 21.97 35.92
CA ARG D 113 -12.10 22.05 35.42
C ARG D 113 -12.37 22.97 34.21
N ASP D 114 -12.60 24.25 34.39
CA ASP D 114 -13.07 25.07 33.28
C ASP D 114 -12.02 25.01 32.17
N GLY D 115 -10.77 25.00 32.59
CA GLY D 115 -9.60 24.93 31.68
C GLY D 115 -9.57 23.87 30.56
N HIS D 116 -9.61 22.60 30.94
CA HIS D 116 -9.67 21.52 29.96
C HIS D 116 -11.09 21.38 29.35
N GLN D 117 -12.08 21.87 30.09
CA GLN D 117 -13.44 21.93 29.53
C GLN D 117 -13.43 22.84 28.30
N SER D 118 -12.72 23.95 28.43
CA SER D 118 -12.69 24.93 27.39
C SER D 118 -11.73 24.56 26.28
N LEU D 119 -10.65 23.86 26.54
CA LEU D 119 -9.67 23.60 25.45
C LEU D 119 -9.65 22.19 24.89
N LEU D 120 -10.12 21.22 25.67
CA LEU D 120 -10.07 19.83 25.32
C LEU D 120 -11.42 19.14 25.57
N ALA D 121 -12.54 19.82 25.34
CA ALA D 121 -13.85 19.14 25.47
C ALA D 121 -14.02 18.28 26.76
N THR D 122 -13.40 18.72 27.84
CA THR D 122 -13.58 18.14 29.16
C THR D 122 -13.09 16.72 29.28
N ARG D 123 -12.15 16.35 28.41
CA ARG D 123 -11.64 14.98 28.34
C ARG D 123 -10.50 14.65 29.31
N MET D 124 -10.07 15.58 30.14
CA MET D 124 -8.97 15.31 31.01
C MET D 124 -9.33 14.19 31.98
N ARG D 125 -8.41 13.25 32.13
CA ARG D 125 -8.60 12.13 33.02
C ARG D 125 -8.18 12.33 34.49
N THR D 126 -8.90 11.67 35.38
CA THR D 126 -8.54 11.46 36.77
C THR D 126 -7.07 11.10 36.96
N TYR D 127 -6.55 10.16 36.20
CA TYR D 127 -5.14 9.77 36.31
C TYR D 127 -4.20 10.95 36.28
N ASP D 128 -4.47 11.89 35.39
CA ASP D 128 -3.58 13.00 35.22
C ASP D 128 -3.89 14.07 36.26
N ILE D 129 -5.19 14.22 36.58
CA ILE D 129 -5.67 15.21 37.54
C ILE D 129 -5.21 14.91 38.97
N ALA D 130 -5.61 13.74 39.46
CA ALA D 130 -5.24 13.29 40.79
C ALA D 130 -3.73 13.30 41.06
N ARG D 131 -2.96 12.95 40.04
CA ARG D 131 -1.52 12.71 40.20
C ARG D 131 -0.71 13.95 40.59
N ILE D 132 -1.28 15.13 40.34
CA ILE D 132 -0.61 16.41 40.59
C ILE D 132 -1.17 17.16 41.80
N ALA D 133 -2.28 16.67 42.33
CA ALA D 133 -2.91 17.34 43.45
C ALA D 133 -1.92 17.55 44.60
N GLY D 134 -1.24 16.51 45.04
CA GLY D 134 -0.23 16.63 46.13
C GLY D 134 0.84 17.70 45.89
N THR D 135 1.21 17.91 44.62
CA THR D 135 2.24 18.87 44.26
C THR D 135 1.71 20.26 44.47
N TYR D 136 0.44 20.44 44.16
CA TYR D 136 -0.22 21.71 44.41
C TYR D 136 -0.18 21.93 45.92
N SER D 137 -0.59 20.91 46.65
CA SER D 137 -0.63 20.92 48.11
C SER D 137 0.73 21.34 48.77
N HIS D 138 1.85 20.76 48.33
CA HIS D 138 3.16 21.15 48.86
C HIS D 138 3.70 22.48 48.36
N ALA D 139 3.50 22.78 47.09
CA ALA D 139 4.16 23.88 46.40
C ALA D 139 3.35 25.16 46.37
N LEU D 140 2.01 25.08 46.49
CA LEU D 140 1.18 26.30 46.46
C LEU D 140 0.07 26.37 47.53
N PRO D 141 0.43 26.25 48.81
CA PRO D 141 -0.51 26.16 49.94
C PRO D 141 -1.40 27.42 50.16
N ASN D 142 -0.88 28.57 49.69
CA ASN D 142 -1.63 29.84 49.68
C ASN D 142 -2.85 29.96 48.78
N LEU D 143 -3.03 29.02 47.86
CA LEU D 143 -4.17 29.09 46.94
C LEU D 143 -5.53 29.10 47.65
N LEU D 144 -6.49 29.83 47.11
CA LEU D 144 -7.82 29.82 47.69
C LEU D 144 -8.50 28.48 47.49
N SER D 145 -8.47 28.01 46.25
CA SER D 145 -9.19 26.81 45.91
C SER D 145 -8.62 26.14 44.65
N LEU D 146 -9.02 24.87 44.46
CA LEU D 146 -8.85 24.18 43.21
C LEU D 146 -10.24 24.00 42.59
N GLU D 147 -10.46 24.61 41.41
CA GLU D 147 -11.67 24.28 40.67
C GLU D 147 -11.39 22.96 39.96
N CYS D 148 -12.10 21.92 40.36
CA CYS D 148 -11.73 20.56 39.99
C CYS D 148 -12.92 19.64 39.85
N TRP D 149 -14.13 20.16 39.95
CA TRP D 149 -15.31 19.33 39.85
C TRP D 149 -16.52 20.12 39.35
N GLY D 150 -17.58 19.41 39.02
CA GLY D 150 -18.79 20.07 38.54
C GLY D 150 -18.64 20.42 37.08
N GLY D 151 -19.54 21.25 36.60
CA GLY D 151 -19.58 21.53 35.17
C GLY D 151 -19.79 20.27 34.37
N ALA D 152 -19.14 20.18 33.21
CA ALA D 152 -19.31 19.03 32.33
C ALA D 152 -18.53 17.83 32.82
N THR D 153 -17.63 18.00 33.81
CA THR D 153 -16.79 16.88 34.23
C THR D 153 -17.64 15.68 34.67
N PHE D 154 -18.78 15.95 35.32
CA PHE D 154 -19.62 14.90 35.88
C PHE D 154 -20.21 14.02 34.75
N ASP D 155 -20.85 14.67 33.79
CA ASP D 155 -21.28 13.99 32.57
C ASP D 155 -20.13 13.26 31.85
N VAL D 156 -19.10 14.01 31.52
CA VAL D 156 -18.07 13.56 30.58
C VAL D 156 -17.15 12.45 31.11
N SER D 157 -16.82 12.53 32.41
CA SER D 157 -16.06 11.45 33.08
C SER D 157 -16.67 10.07 32.82
N MET D 158 -17.98 9.94 33.04
CA MET D 158 -18.65 8.67 32.84
C MET D 158 -18.83 8.36 31.37
N ARG D 159 -19.52 9.27 30.69
CA ARG D 159 -19.97 9.09 29.31
C ARG D 159 -18.83 8.84 28.33
N PHE D 160 -17.73 9.58 28.49
CA PHE D 160 -16.64 9.51 27.51
C PHE D 160 -15.36 8.94 28.07
N LEU D 161 -15.11 9.11 29.37
CA LEU D 161 -13.87 8.63 30.00
C LEU D 161 -14.01 7.36 30.84
N THR D 162 -15.24 6.86 30.99
CA THR D 162 -15.46 5.54 31.60
C THR D 162 -14.75 5.43 32.97
N GLU D 163 -14.86 6.54 33.73
CA GLU D 163 -14.38 6.66 35.09
C GLU D 163 -15.38 7.40 35.98
N ASP D 164 -15.27 7.18 37.30
CA ASP D 164 -16.22 7.73 38.28
C ASP D 164 -15.73 9.11 38.75
N PRO D 165 -16.59 10.14 38.64
CA PRO D 165 -16.20 11.48 39.10
C PRO D 165 -16.06 11.65 40.61
N TRP D 166 -16.77 10.82 41.38
CA TRP D 166 -16.68 10.89 42.83
C TRP D 166 -15.32 10.32 43.25
N GLU D 167 -14.93 9.23 42.62
CA GLU D 167 -13.59 8.68 42.82
C GLU D 167 -12.54 9.75 42.52
N ARG D 168 -12.72 10.48 41.42
CA ARG D 168 -11.81 11.57 41.07
C ARG D 168 -11.76 12.59 42.18
N LEU D 169 -12.92 12.94 42.74
CA LEU D 169 -12.97 13.93 43.80
C LEU D 169 -12.20 13.48 45.04
N ALA D 170 -12.50 12.27 45.50
CA ALA D 170 -11.80 11.70 46.64
C ALA D 170 -10.29 11.72 46.44
N LEU D 171 -9.81 11.45 45.23
CA LEU D 171 -8.37 11.31 45.03
C LEU D 171 -7.72 12.67 45.21
N ILE D 172 -8.46 13.69 44.83
CA ILE D 172 -8.01 15.05 44.98
C ILE D 172 -8.12 15.48 46.41
N ARG D 173 -9.25 15.22 47.05
CA ARG D 173 -9.37 15.44 48.52
C ARG D 173 -8.17 14.86 49.28
N GLU D 174 -7.88 13.59 49.04
CA GLU D 174 -6.75 12.87 49.65
C GLU D 174 -5.39 13.54 49.44
N GLY D 175 -5.10 13.96 48.22
CA GLY D 175 -3.81 14.57 47.87
C GLY D 175 -3.66 16.02 48.28
N ALA D 176 -4.78 16.69 48.54
CA ALA D 176 -4.76 18.14 48.84
C ALA D 176 -5.69 18.43 50.03
N PRO D 177 -5.35 17.90 51.21
CA PRO D 177 -6.15 18.15 52.41
C PRO D 177 -6.03 19.55 52.96
N ASN D 178 -5.20 20.39 52.33
CA ASN D 178 -4.96 21.74 52.79
C ASN D 178 -5.61 22.83 51.94
N LEU D 179 -6.18 22.48 50.80
CA LEU D 179 -6.82 23.48 49.91
C LEU D 179 -8.34 23.28 49.81
N LEU D 180 -9.07 24.36 49.54
CA LEU D 180 -10.51 24.23 49.34
C LEU D 180 -10.72 23.64 47.97
N LEU D 181 -11.70 22.75 47.89
CA LEU D 181 -12.07 22.13 46.64
C LEU D 181 -13.37 22.75 46.11
N GLN D 182 -13.29 23.24 44.87
CA GLN D 182 -14.35 24.02 44.27
C GLN D 182 -15.04 23.30 43.13
N MET D 183 -16.36 23.43 43.09
CA MET D 183 -17.17 22.87 42.03
C MET D 183 -18.00 23.96 41.40
N LEU D 184 -18.43 23.71 40.16
CA LEU D 184 -19.44 24.54 39.49
C LEU D 184 -20.80 23.84 39.53
N LEU D 185 -21.76 24.52 40.16
CA LEU D 185 -23.10 23.98 40.30
C LEU D 185 -24.09 24.83 39.51
N ARG D 186 -24.76 24.21 38.54
CA ARG D 186 -25.68 24.93 37.67
C ARG D 186 -27.02 25.14 38.38
N GLY D 187 -26.99 25.69 39.59
CA GLY D 187 -28.22 26.02 40.32
C GLY D 187 -29.22 24.89 40.26
N ALA D 188 -30.38 25.15 39.69
CA ALA D 188 -31.44 24.14 39.65
C ALA D 188 -31.20 23.07 38.58
N ASN D 189 -30.30 23.35 37.66
CA ASN D 189 -29.93 22.40 36.62
C ASN D 189 -28.96 21.34 37.16
N GLY D 190 -28.43 21.55 38.37
CA GLY D 190 -27.50 20.61 39.01
C GLY D 190 -26.20 20.44 38.26
N VAL D 191 -25.85 19.20 37.90
CA VAL D 191 -24.75 18.97 36.94
C VAL D 191 -25.28 18.50 35.59
N GLY D 192 -26.55 18.84 35.31
CA GLY D 192 -27.25 18.46 34.09
C GLY D 192 -27.66 19.67 33.25
N TYR D 193 -28.71 19.49 32.45
CA TYR D 193 -29.17 20.50 31.49
C TYR D 193 -30.64 20.91 31.59
N THR D 194 -31.37 20.33 32.55
CA THR D 194 -32.77 20.66 32.76
C THR D 194 -33.01 20.77 34.27
N ASN D 195 -33.88 21.70 34.67
CA ASN D 195 -34.22 21.82 36.09
C ASN D 195 -34.72 20.49 36.67
N TYR D 196 -34.24 20.16 37.86
CA TYR D 196 -34.51 18.89 38.53
C TYR D 196 -35.41 19.12 39.74
N PRO D 197 -36.10 18.09 40.23
CA PRO D 197 -36.98 18.33 41.37
C PRO D 197 -36.23 18.81 42.62
N ASP D 198 -36.89 19.68 43.39
CA ASP D 198 -36.28 20.34 44.57
C ASP D 198 -35.52 19.39 45.50
N ASN D 199 -36.17 18.29 45.86
CA ASN D 199 -35.55 17.27 46.70
C ASN D 199 -34.29 16.65 46.06
N VAL D 200 -34.23 16.64 44.73
CA VAL D 200 -33.06 16.14 44.02
C VAL D 200 -31.90 17.15 44.03
N VAL D 201 -32.18 18.43 43.79
CA VAL D 201 -31.15 19.46 43.96
C VAL D 201 -30.66 19.31 45.41
N LYS D 202 -31.58 19.37 46.37
CA LYS D 202 -31.27 19.17 47.79
C LYS D 202 -30.36 17.97 48.04
N TYR D 203 -30.71 16.82 47.44
CA TYR D 203 -30.00 15.56 47.69
C TYR D 203 -28.58 15.55 47.13
N PHE D 204 -28.44 15.99 45.89
CA PHE D 204 -27.15 16.00 45.22
C PHE D 204 -26.17 16.90 45.96
N VAL D 205 -26.67 18.04 46.43
CA VAL D 205 -25.80 18.97 47.15
C VAL D 205 -25.31 18.26 48.41
N ARG D 206 -26.21 17.57 49.11
CA ARG D 206 -25.82 16.84 50.32
C ARG D 206 -24.67 15.88 50.02
N GLN D 207 -24.75 15.18 48.89
CA GLN D 207 -23.70 14.23 48.49
C GLN D 207 -22.43 14.90 48.03
N ALA D 208 -22.56 15.92 47.18
CA ALA D 208 -21.43 16.74 46.81
C ALA D 208 -20.61 17.08 48.05
N ALA D 209 -21.29 17.51 49.12
CA ALA D 209 -20.61 17.86 50.36
C ALA D 209 -19.84 16.68 50.97
N LYS D 210 -20.52 15.55 51.15
CA LYS D 210 -19.89 14.39 51.81
C LYS D 210 -18.72 13.89 50.95
N GLY D 211 -18.77 14.12 49.65
CA GLY D 211 -17.68 13.72 48.74
C GLY D 211 -16.37 14.51 48.81
N GLY D 212 -16.39 15.66 49.47
CA GLY D 212 -15.18 16.48 49.65
C GLY D 212 -15.24 17.86 49.06
N ILE D 213 -16.41 18.29 48.58
CA ILE D 213 -16.58 19.64 48.05
C ILE D 213 -16.69 20.65 49.18
N ASP D 214 -15.77 21.61 49.21
CA ASP D 214 -15.81 22.67 50.20
C ASP D 214 -16.56 23.87 49.67
N LEU D 215 -16.36 24.21 48.40
CA LEU D 215 -16.79 25.52 47.88
C LEU D 215 -17.68 25.38 46.66
N PHE D 216 -18.93 25.80 46.78
CA PHE D 216 -19.89 25.68 45.68
C PHE D 216 -20.03 27.00 44.96
N ARG D 217 -19.50 27.09 43.74
CA ARG D 217 -19.86 28.25 42.88
C ARG D 217 -21.16 27.86 42.20
N VAL D 218 -22.25 28.51 42.63
CA VAL D 218 -23.58 28.19 42.14
C VAL D 218 -24.03 29.33 41.27
N PHE D 219 -24.81 29.02 40.24
CA PHE D 219 -25.32 30.02 39.29
C PHE D 219 -26.58 29.51 38.60
N ASP D 220 -27.53 30.42 38.37
CA ASP D 220 -28.70 30.17 37.50
C ASP D 220 -28.43 30.80 36.14
N CYS D 221 -28.80 30.13 35.07
CA CYS D 221 -28.52 30.61 33.72
C CYS D 221 -29.34 31.80 33.21
N LEU D 222 -30.24 32.36 34.03
CA LEU D 222 -30.96 33.59 33.65
C LEU D 222 -30.76 34.70 34.68
N ASN D 223 -29.80 34.47 35.57
CA ASN D 223 -29.58 35.29 36.75
C ASN D 223 -30.85 35.48 37.58
N TRP D 224 -31.72 34.46 37.57
CA TRP D 224 -32.99 34.56 38.27
C TRP D 224 -32.79 34.03 39.68
N VAL D 225 -32.80 34.93 40.66
CA VAL D 225 -32.50 34.54 42.03
C VAL D 225 -33.54 33.55 42.55
N GLU D 226 -34.83 33.85 42.40
CA GLU D 226 -35.90 33.01 42.98
C GLU D 226 -35.73 31.51 42.66
N ASN D 227 -34.91 31.20 41.66
CA ASN D 227 -34.61 29.83 41.28
C ASN D 227 -33.22 29.40 41.77
N MET D 228 -32.62 30.22 42.62
CA MET D 228 -31.36 29.88 43.26
C MET D 228 -31.55 29.50 44.74
N ARG D 229 -32.69 29.88 45.31
CA ARG D 229 -32.93 29.75 46.75
C ARG D 229 -32.72 28.34 47.27
N VAL D 230 -33.36 27.36 46.65
CA VAL D 230 -33.32 25.98 47.16
C VAL D 230 -31.86 25.53 47.21
N SER D 231 -31.15 25.70 46.10
CA SER D 231 -29.71 25.38 46.04
C SER D 231 -28.86 26.03 47.14
N MET D 232 -28.97 27.35 47.28
CA MET D 232 -28.15 28.09 48.26
C MET D 232 -28.44 27.63 49.68
N ASP D 233 -29.73 27.61 50.03
CA ASP D 233 -30.24 27.04 51.28
C ASP D 233 -29.73 25.64 51.59
N ALA D 234 -29.51 24.83 50.56
CA ALA D 234 -29.00 23.48 50.75
C ALA D 234 -27.51 23.52 51.03
N ILE D 235 -26.81 24.52 50.50
CA ILE D 235 -25.37 24.60 50.66
C ILE D 235 -24.98 25.09 52.05
N ALA D 236 -25.66 26.14 52.52
CA ALA D 236 -25.57 26.57 53.92
C ALA D 236 -25.92 25.46 54.91
N GLU D 237 -26.92 24.64 54.57
CA GLU D 237 -27.42 23.60 55.50
C GLU D 237 -26.39 22.49 55.71
N GLU D 238 -25.57 22.21 54.69
CA GLU D 238 -24.43 21.30 54.82
C GLU D 238 -23.22 22.01 55.39
N ASN D 239 -23.39 23.30 55.70
CA ASN D 239 -22.37 24.12 56.34
C ASN D 239 -21.14 24.20 55.46
N LYS D 240 -21.39 24.51 54.18
CA LYS D 240 -20.33 24.74 53.17
C LYS D 240 -20.48 26.13 52.55
N LEU D 241 -19.48 26.54 51.78
CA LEU D 241 -19.46 27.87 51.15
C LEU D 241 -20.47 28.00 49.98
N CYS D 242 -21.27 29.06 50.05
CA CYS D 242 -22.24 29.37 49.03
C CYS D 242 -21.75 30.62 48.31
N GLU D 243 -21.05 30.43 47.20
CA GLU D 243 -20.59 31.54 46.37
C GLU D 243 -21.60 31.66 45.26
N ALA D 244 -22.57 32.54 45.49
CA ALA D 244 -23.66 32.74 44.56
C ALA D 244 -23.16 33.60 43.43
N ALA D 245 -23.22 33.08 42.20
CA ALA D 245 -22.71 33.78 41.01
C ALA D 245 -23.77 34.63 40.34
N ILE D 246 -23.30 35.68 39.69
CA ILE D 246 -24.11 36.53 38.82
C ILE D 246 -23.39 36.51 37.49
N CYS D 247 -24.07 35.97 36.47
CA CYS D 247 -23.49 35.86 35.14
C CYS D 247 -23.48 37.21 34.43
N TYR D 248 -22.33 37.59 33.89
CA TYR D 248 -22.16 38.88 33.21
C TYR D 248 -22.31 38.78 31.72
N THR D 249 -23.17 39.66 31.19
CA THR D 249 -23.38 39.81 29.78
C THR D 249 -23.59 41.29 29.43
N GLY D 250 -23.51 41.63 28.16
CA GLY D 250 -23.62 43.03 27.75
C GLY D 250 -22.44 43.92 28.14
N ASP D 251 -22.71 45.19 28.37
CA ASP D 251 -21.67 46.18 28.53
C ASP D 251 -22.23 47.32 29.34
N ILE D 252 -21.86 47.37 30.59
CA ILE D 252 -22.33 48.43 31.49
C ILE D 252 -21.91 49.85 31.04
N LEU D 253 -20.78 50.01 30.37
CA LEU D 253 -20.34 51.36 29.93
C LEU D 253 -20.92 51.81 28.60
N ASN D 254 -21.89 51.07 28.08
CA ASN D 254 -22.57 51.44 26.85
C ASN D 254 -24.02 51.84 27.13
N SER D 255 -24.27 53.14 27.09
CA SER D 255 -25.60 53.69 27.36
C SER D 255 -26.69 53.08 26.46
N ALA D 256 -26.35 52.77 25.21
CA ALA D 256 -27.35 52.26 24.27
C ALA D 256 -27.75 50.81 24.54
N ARG D 257 -27.03 50.12 25.43
CA ARG D 257 -27.46 48.79 25.86
C ARG D 257 -27.88 48.82 27.34
N PRO D 258 -29.00 49.48 27.65
CA PRO D 258 -29.30 49.85 29.03
C PRO D 258 -29.75 48.71 29.95
N LYS D 259 -30.21 47.61 29.35
CA LYS D 259 -30.84 46.52 30.10
C LYS D 259 -29.95 45.94 31.18
N TYR D 260 -28.67 45.79 30.85
CA TYR D 260 -27.67 45.24 31.76
C TYR D 260 -26.72 46.34 32.12
N ASP D 261 -27.23 47.27 32.92
CA ASP D 261 -26.47 48.41 33.42
C ASP D 261 -25.82 48.04 34.76
N LEU D 262 -25.11 49.00 35.35
CA LEU D 262 -24.57 48.81 36.69
C LEU D 262 -25.65 48.51 37.79
N LYS D 263 -26.79 49.21 37.79
CA LYS D 263 -27.83 49.02 38.86
C LYS D 263 -28.40 47.58 38.90
N TYR D 264 -28.42 46.93 37.74
CA TYR D 264 -28.87 45.53 37.57
C TYR D 264 -28.06 44.59 38.45
N TYR D 265 -26.74 44.66 38.24
CA TYR D 265 -25.78 43.85 38.99
C TYR D 265 -25.80 44.18 40.51
N THR D 266 -25.76 45.47 40.87
CA THR D 266 -25.65 45.83 42.28
C THR D 266 -26.86 45.38 43.06
N ASN D 267 -28.04 45.40 42.44
CA ASN D 267 -29.23 44.85 43.07
C ASN D 267 -29.10 43.36 43.30
N LEU D 268 -28.90 42.62 42.21
CA LEU D 268 -28.66 41.18 42.28
C LEU D 268 -27.63 40.74 43.35
N ALA D 269 -26.59 41.57 43.57
CA ALA D 269 -25.61 41.32 44.64
C ALA D 269 -26.24 41.42 46.02
N VAL D 270 -26.89 42.55 46.29
CA VAL D 270 -27.72 42.76 47.47
C VAL D 270 -28.76 41.65 47.64
N GLU D 271 -29.37 41.20 46.54
CA GLU D 271 -30.40 40.13 46.60
C GLU D 271 -29.84 38.76 47.01
N LEU D 272 -28.66 38.42 46.49
CA LEU D 272 -28.02 37.15 46.83
C LEU D 272 -27.48 37.11 48.29
N GLU D 273 -27.01 38.27 48.78
CA GLU D 273 -26.68 38.48 50.21
C GLU D 273 -27.91 38.22 51.09
N LYS D 274 -29.02 38.93 50.82
CA LYS D 274 -30.35 38.63 51.43
C LYS D 274 -30.66 37.12 51.43
N ALA D 275 -30.39 36.47 50.30
CA ALA D 275 -30.67 35.04 50.14
C ALA D 275 -29.60 34.17 50.79
N GLY D 276 -28.53 34.78 51.29
CA GLY D 276 -27.65 34.10 52.23
C GLY D 276 -26.39 33.56 51.58
N ALA D 277 -25.83 34.36 50.69
CA ALA D 277 -24.56 34.00 50.10
C ALA D 277 -23.48 34.21 51.16
N HIS D 278 -22.44 33.39 51.09
CA HIS D 278 -21.22 33.59 51.85
C HIS D 278 -20.24 34.37 51.01
N ILE D 279 -20.35 34.21 49.68
CA ILE D 279 -19.52 34.94 48.72
C ILE D 279 -20.31 35.22 47.45
N ILE D 280 -20.02 36.36 46.82
CA ILE D 280 -20.55 36.71 45.49
C ILE D 280 -19.48 36.53 44.43
N ALA D 281 -19.86 35.87 43.33
CA ALA D 281 -18.99 35.81 42.18
C ALA D 281 -19.61 36.55 40.99
N VAL D 282 -18.72 37.11 40.16
CA VAL D 282 -19.07 37.56 38.81
C VAL D 282 -18.61 36.47 37.84
N ASP D 284 -18.24 35.88 34.37
CA ASP D 284 -18.08 36.38 33.02
C ASP D 284 -17.82 35.17 32.09
N MET D 285 -18.86 34.37 31.84
CA MET D 285 -18.72 33.13 31.05
C MET D 285 -18.26 33.30 29.63
N ALA D 286 -18.57 34.44 29.02
CA ALA D 286 -18.11 34.73 27.65
C ALA D 286 -16.82 35.58 27.55
N GLY D 287 -16.34 36.13 28.66
CA GLY D 287 -15.14 36.96 28.63
C GLY D 287 -15.40 38.30 27.96
N LEU D 288 -16.53 38.92 28.34
CA LEU D 288 -17.01 40.19 27.79
C LEU D 288 -16.73 41.42 28.63
N LEU D 289 -16.36 41.23 29.89
CA LEU D 289 -16.08 42.37 30.76
C LEU D 289 -14.72 42.94 30.43
N LYS D 290 -14.73 44.26 30.20
CA LYS D 290 -13.58 45.03 29.76
C LYS D 290 -12.98 45.77 30.91
N PRO D 291 -11.72 46.16 30.79
CA PRO D 291 -11.05 46.65 31.98
C PRO D 291 -11.73 47.83 32.64
N ALA D 292 -11.98 48.87 31.86
CA ALA D 292 -12.70 50.04 32.35
C ALA D 292 -13.93 49.59 33.11
N ALA D 293 -14.67 48.61 32.56
CA ALA D 293 -15.92 48.09 33.19
C ALA D 293 -15.70 47.45 34.56
N ALA D 294 -14.65 46.61 34.66
CA ALA D 294 -14.23 46.04 35.95
C ALA D 294 -14.04 47.13 36.97
N LYS D 295 -13.22 48.11 36.61
CA LYS D 295 -12.86 49.21 37.52
C LYS D 295 -14.04 49.86 38.17
N VAL D 296 -15.11 49.99 37.40
CA VAL D 296 -16.38 50.52 37.93
C VAL D 296 -17.17 49.46 38.67
N LEU D 297 -17.23 48.27 38.10
CA LEU D 297 -18.10 47.23 38.62
C LEU D 297 -17.67 46.77 40.04
N PHE D 298 -16.42 46.39 40.19
CA PHE D 298 -15.97 45.85 41.45
C PHE D 298 -15.95 46.92 42.54
N LYS D 299 -15.82 48.19 42.17
CA LYS D 299 -15.98 49.29 43.16
C LYS D 299 -17.45 49.42 43.72
N ALA D 300 -18.42 49.40 42.82
CA ALA D 300 -19.82 49.50 43.17
C ALA D 300 -20.29 48.27 43.93
N LEU D 301 -19.75 47.12 43.51
CA LEU D 301 -20.11 45.85 44.13
C LEU D 301 -19.66 45.82 45.57
N ARG D 302 -18.42 46.19 45.82
CA ARG D 302 -17.92 46.21 47.20
C ARG D 302 -18.65 47.25 48.03
N GLU D 303 -19.13 48.31 47.38
CA GLU D 303 -20.00 49.30 48.01
C GLU D 303 -21.41 48.77 48.32
N ALA D 304 -21.87 47.75 47.60
CA ALA D 304 -23.26 47.28 47.75
C ALA D 304 -23.39 46.12 48.72
N THR D 305 -22.32 45.37 48.88
CA THR D 305 -22.31 44.27 49.85
C THR D 305 -20.99 44.19 50.57
N GLY D 306 -21.08 43.71 51.80
CA GLY D 306 -19.92 43.40 52.60
C GLY D 306 -19.28 42.08 52.23
N LEU D 307 -20.05 41.18 51.59
CA LEU D 307 -19.57 39.84 51.23
C LEU D 307 -18.38 39.99 50.29
N PRO D 308 -17.43 39.05 50.31
CA PRO D 308 -16.29 39.13 49.38
C PRO D 308 -16.69 38.84 47.94
N ILE D 309 -15.87 39.31 47.00
CA ILE D 309 -16.18 39.18 45.58
C ILE D 309 -15.11 38.33 44.86
N HIS D 310 -15.57 37.47 43.98
CA HIS D 310 -14.74 36.49 43.31
C HIS D 310 -15.01 36.59 41.80
N PHE D 311 -13.99 36.89 41.01
CA PHE D 311 -14.17 37.13 39.58
C PHE D 311 -13.73 35.97 38.67
N HIS D 312 -14.64 35.52 37.82
CA HIS D 312 -14.37 34.47 36.84
C HIS D 312 -14.58 35.01 35.43
N THR D 313 -13.55 34.88 34.58
CA THR D 313 -13.62 35.26 33.18
C THR D 313 -12.93 34.20 32.31
N HIS D 314 -13.08 34.41 30.99
CA HIS D 314 -12.49 33.59 29.95
C HIS D 314 -11.79 34.52 29.02
N ASP D 315 -10.80 34.03 28.29
CA ASP D 315 -9.84 34.92 27.59
C ASP D 315 -9.97 34.97 26.07
N THR D 316 -11.19 34.80 25.58
CA THR D 316 -11.44 34.69 24.14
C THR D 316 -11.02 35.93 23.37
N SER D 317 -11.18 37.08 24.04
CA SER D 317 -10.82 38.41 23.51
C SER D 317 -9.30 38.66 23.39
N GLY D 318 -8.52 37.92 24.17
CA GLY D 318 -7.10 38.21 24.31
C GLY D 318 -6.78 39.36 25.25
N ILE D 319 -7.78 39.90 25.94
CA ILE D 319 -7.56 40.98 26.92
C ILE D 319 -7.96 40.67 28.35
N ALA D 320 -8.49 39.47 28.60
CA ALA D 320 -9.05 39.11 29.91
C ALA D 320 -8.12 39.31 31.12
N ALA D 321 -6.81 39.15 30.95
CA ALA D 321 -5.88 39.40 32.06
C ALA D 321 -5.98 40.83 32.45
N ALA D 322 -6.24 41.69 31.47
CA ALA D 322 -6.36 43.14 31.79
C ALA D 322 -7.53 43.31 32.70
N THR D 323 -8.63 42.62 32.40
CA THR D 323 -9.82 42.79 33.20
C THR D 323 -9.62 42.18 34.56
N VAL D 324 -8.87 41.08 34.63
CA VAL D 324 -8.54 40.57 35.95
C VAL D 324 -7.66 41.55 36.74
N LEU D 325 -6.61 42.09 36.13
CA LEU D 325 -5.75 43.03 36.85
C LEU D 325 -6.51 44.29 37.20
N ALA D 326 -7.42 44.74 36.34
CA ALA D 326 -8.26 45.88 36.70
C ALA D 326 -9.12 45.53 37.93
N ALA D 327 -9.69 44.34 37.97
CA ALA D 327 -10.53 43.93 39.09
C ALA D 327 -9.76 43.92 40.43
N VAL D 328 -8.47 43.55 40.37
CA VAL D 328 -7.57 43.57 41.55
C VAL D 328 -7.39 44.99 42.12
N GLU D 329 -7.05 45.92 41.22
CA GLU D 329 -6.74 47.29 41.61
C GLU D 329 -7.98 47.86 42.27
N ALA D 330 -9.15 47.51 41.74
CA ALA D 330 -10.44 47.95 42.29
C ALA D 330 -10.91 47.17 43.54
N GLY D 331 -10.13 46.18 43.98
CA GLY D 331 -10.28 45.56 45.30
C GLY D 331 -10.99 44.23 45.40
N VAL D 332 -11.17 43.57 44.25
CA VAL D 332 -11.82 42.26 44.21
C VAL D 332 -11.02 41.28 45.08
N ASP D 333 -11.74 40.41 45.79
CA ASP D 333 -11.09 39.57 46.80
C ASP D 333 -10.48 38.31 46.23
N ALA D 334 -10.99 37.85 45.10
CA ALA D 334 -10.53 36.59 44.56
C ALA D 334 -10.74 36.54 43.06
N VAL D 335 -9.77 35.95 42.36
CA VAL D 335 -9.83 35.73 40.90
C VAL D 335 -9.51 34.28 40.50
N ASP D 336 -10.01 33.89 39.32
CA ASP D 336 -9.72 32.60 38.70
C ASP D 336 -8.66 32.75 37.59
N ALA D 337 -7.77 31.78 37.46
CA ALA D 337 -6.83 31.67 36.31
C ALA D 337 -6.51 30.20 36.04
N ALA D 338 -6.03 29.91 34.84
CA ALA D 338 -5.57 28.57 34.50
C ALA D 338 -4.08 28.55 34.34
N MET D 339 -3.47 27.43 34.69
CA MET D 339 -2.06 27.23 34.45
C MET D 339 -1.74 27.62 33.00
N ASP D 340 -0.60 28.30 32.82
CA ASP D 340 -0.15 28.79 31.52
C ASP D 340 -0.48 27.78 30.40
N ALA D 341 -0.02 26.54 30.57
CA ALA D 341 -0.08 25.47 29.57
C ALA D 341 -1.48 25.06 29.09
N LEU D 342 -2.50 25.46 29.86
CA LEU D 342 -3.90 25.31 29.50
C LEU D 342 -4.63 26.65 29.65
N SER D 343 -3.93 27.75 29.34
CA SER D 343 -4.47 29.10 29.46
C SER D 343 -4.64 29.75 28.10
N GLY D 344 -5.33 30.88 28.10
CA GLY D 344 -5.47 31.64 26.92
C GLY D 344 -6.70 31.25 26.14
N ASN D 345 -6.99 32.04 25.14
CA ASN D 345 -8.08 31.76 24.23
C ASN D 345 -9.42 31.55 24.95
N THR D 346 -10.11 30.46 24.71
CA THR D 346 -11.40 30.23 25.33
C THR D 346 -11.31 29.78 26.79
N SER D 347 -10.10 29.56 27.28
CA SER D 347 -9.87 29.19 28.69
C SER D 347 -9.80 30.45 29.57
N GLN D 348 -9.48 30.29 30.84
CA GLN D 348 -9.08 31.42 31.67
C GLN D 348 -7.72 31.97 31.22
N PRO D 349 -7.47 33.26 31.53
CA PRO D 349 -6.15 33.87 31.30
C PRO D 349 -5.05 33.27 32.16
N CYS D 350 -3.83 33.59 31.80
CA CYS D 350 -2.61 32.93 32.27
C CYS D 350 -2.28 33.21 33.73
N LEU D 351 -2.28 32.16 34.55
CA LEU D 351 -2.04 32.27 35.99
C LEU D 351 -0.64 32.80 36.28
N GLY D 352 0.38 32.18 35.70
CA GLY D 352 1.77 32.58 35.89
C GLY D 352 2.01 34.03 35.59
N SER D 353 1.43 34.54 34.52
CA SER D 353 1.68 35.93 34.16
C SER D 353 0.86 36.92 35.00
N ILE D 354 -0.33 36.51 35.42
CA ILE D 354 -1.11 37.38 36.29
C ILE D 354 -0.44 37.58 37.65
N VAL D 355 0.06 36.46 38.19
CA VAL D 355 0.84 36.47 39.42
C VAL D 355 2.16 37.24 39.27
N GLU D 356 2.82 37.07 38.15
CA GLU D 356 4.11 37.67 37.95
C GLU D 356 3.88 39.17 37.83
N ALA D 357 2.67 39.55 37.43
CA ALA D 357 2.35 40.96 37.28
C ALA D 357 2.12 41.61 38.62
N LEU D 358 1.60 40.85 39.58
CA LEU D 358 1.24 41.40 40.88
C LEU D 358 2.41 41.36 41.84
N SER D 359 3.43 40.62 41.44
CA SER D 359 4.58 40.32 42.31
C SER D 359 5.19 41.61 42.76
N GLY D 360 5.38 41.77 44.08
CA GLY D 360 5.91 43.02 44.65
C GLY D 360 4.87 44.10 44.83
N SER D 361 3.60 43.83 44.54
CA SER D 361 2.61 44.87 44.72
C SER D 361 1.93 44.69 46.04
N GLU D 362 1.33 45.76 46.54
CA GLU D 362 0.54 45.75 47.76
C GLU D 362 -0.34 44.50 47.85
N ARG D 363 -0.88 44.06 46.73
CA ARG D 363 -1.81 42.95 46.74
C ARG D 363 -1.21 41.62 46.35
N ASP D 364 0.10 41.54 46.35
CA ASP D 364 0.82 40.39 45.88
C ASP D 364 0.30 39.16 46.56
N PRO D 365 0.03 38.09 45.69
CA PRO D 365 -0.72 37.01 46.33
C PRO D 365 0.12 35.94 46.98
N GLY D 366 1.41 36.17 47.03
CA GLY D 366 2.41 35.25 47.63
C GLY D 366 2.39 33.82 47.10
N LEU D 367 2.65 33.64 45.79
CA LEU D 367 2.69 32.34 45.12
C LEU D 367 3.99 32.18 44.32
N ASP D 368 4.75 31.12 44.58
CA ASP D 368 6.07 30.96 43.97
C ASP D 368 6.01 30.76 42.45
N PRO D 369 6.54 31.73 41.68
CA PRO D 369 6.42 31.60 40.24
C PRO D 369 7.16 30.37 39.75
N ALA D 370 8.25 30.03 40.42
CA ALA D 370 9.06 28.88 40.04
C ALA D 370 8.21 27.61 40.03
N TRP D 371 7.33 27.49 41.04
CA TRP D 371 6.47 26.31 41.21
C TRP D 371 5.27 26.31 40.25
N ILE D 372 4.65 27.46 40.10
CA ILE D 372 3.68 27.63 39.03
C ILE D 372 4.25 27.07 37.71
N ARG D 373 5.47 27.46 37.38
CA ARG D 373 6.11 26.99 36.16
C ARG D 373 6.43 25.48 36.14
N ARG D 374 6.80 24.88 37.27
CA ARG D 374 7.03 23.43 37.26
C ARG D 374 5.71 22.68 37.02
N ILE D 375 4.64 23.19 37.60
CA ILE D 375 3.33 22.59 37.41
C ILE D 375 2.86 22.84 35.98
N SER D 376 3.06 24.05 35.45
CA SER D 376 2.76 24.29 34.05
C SER D 376 3.47 23.27 33.13
N PHE D 377 4.76 23.01 33.35
CA PHE D 377 5.51 22.10 32.46
C PHE D 377 4.90 20.70 32.50
N TYR D 378 4.41 20.30 33.67
CA TYR D 378 3.69 19.04 33.83
C TYR D 378 2.36 19.05 33.05
N TRP D 379 1.54 20.08 33.24
CA TRP D 379 0.27 20.15 32.50
C TRP D 379 0.48 20.23 30.98
N GLU D 380 1.59 20.85 30.57
CA GLU D 380 1.94 20.89 29.18
C GLU D 380 2.20 19.46 28.69
N ALA D 381 2.98 18.69 29.43
CA ALA D 381 3.22 17.29 29.00
C ALA D 381 1.92 16.47 29.09
N VAL D 382 1.08 16.77 30.07
CA VAL D 382 -0.22 16.14 30.09
C VAL D 382 -1.02 16.51 28.87
N ARG D 383 -0.98 17.79 28.50
CA ARG D 383 -1.79 18.27 27.40
C ARG D 383 -1.47 17.55 26.10
N ASN D 384 -0.19 17.34 25.81
CA ASN D 384 0.23 16.75 24.56
C ASN D 384 -0.41 15.41 24.27
N GLN D 385 -0.79 14.71 25.33
CA GLN D 385 -1.46 13.40 25.25
C GLN D 385 -2.93 13.49 24.80
N TYR D 386 -3.50 14.71 24.80
CA TYR D 386 -4.90 14.87 24.43
C TYR D 386 -5.05 15.57 23.10
N ALA D 387 -4.10 15.31 22.19
CA ALA D 387 -4.05 15.92 20.86
C ALA D 387 -5.35 15.73 20.10
N ALA D 388 -6.02 14.62 20.36
CA ALA D 388 -7.21 14.28 19.62
C ALA D 388 -8.32 15.28 19.81
N PHE D 389 -8.21 16.06 20.89
CA PHE D 389 -9.28 16.95 21.29
C PHE D 389 -8.96 18.44 21.12
N GLU D 390 -7.79 18.73 20.54
CA GLU D 390 -7.40 20.13 20.27
C GLU D 390 -8.29 20.72 19.18
N SER D 391 -8.81 21.92 19.45
CA SER D 391 -9.50 22.72 18.45
C SER D 391 -8.53 23.25 17.40
N ASP D 392 -9.06 23.95 16.40
CA ASP D 392 -8.22 24.61 15.41
C ASP D 392 -8.16 26.12 15.69
N LEU D 393 -8.55 26.50 16.91
CA LEU D 393 -8.58 27.91 17.30
C LEU D 393 -7.14 28.40 17.33
N LYS D 394 -6.89 29.47 16.59
CA LYS D 394 -5.57 30.08 16.44
C LYS D 394 -5.20 31.09 17.53
N GLY D 395 -6.16 31.88 18.00
CA GLY D 395 -5.86 32.93 18.94
C GLY D 395 -7.06 33.84 19.23
N PRO D 396 -6.80 35.09 19.63
CA PRO D 396 -7.80 36.05 20.09
C PRO D 396 -8.80 36.43 19.05
N ALA D 397 -9.98 36.82 19.51
CA ALA D 397 -11.04 37.28 18.63
C ALA D 397 -11.94 38.33 19.27
N SER D 398 -11.88 39.55 18.77
CA SER D 398 -12.89 40.52 19.19
C SER D 398 -14.30 40.21 18.65
N GLU D 399 -14.44 39.26 17.73
CA GLU D 399 -15.77 38.75 17.34
C GLU D 399 -16.66 38.35 18.56
N VAL D 400 -16.04 37.93 19.65
CA VAL D 400 -16.77 37.52 20.84
C VAL D 400 -17.64 38.63 21.41
N TYR D 401 -17.24 39.89 21.22
CA TYR D 401 -18.11 41.03 21.63
C TYR D 401 -19.41 41.11 20.81
N LEU D 402 -19.42 40.54 19.60
CA LEU D 402 -20.62 40.50 18.74
C LEU D 402 -21.52 39.30 19.10
N HIS D 403 -20.98 38.08 19.14
CA HIS D 403 -21.83 36.89 19.38
C HIS D 403 -22.20 36.57 20.85
N GLU D 404 -21.21 36.66 21.71
CA GLU D 404 -21.38 36.46 23.12
C GLU D 404 -21.36 35.00 23.57
N MET D 405 -20.84 34.12 22.72
CA MET D 405 -20.72 32.73 23.07
C MET D 405 -19.75 32.51 24.21
N PRO D 406 -20.08 31.61 25.13
CA PRO D 406 -19.20 31.30 26.27
C PRO D 406 -17.93 30.54 25.91
N GLY D 407 -16.82 30.87 26.59
CA GLY D 407 -15.56 30.15 26.38
C GLY D 407 -15.76 28.66 26.24
N GLY D 408 -16.55 28.09 27.16
CA GLY D 408 -16.87 26.66 27.14
C GLY D 408 -17.62 26.18 25.89
N GLN D 409 -18.48 27.04 25.36
CA GLN D 409 -19.25 26.66 24.20
C GLN D 409 -18.32 26.69 23.01
N PHE D 410 -18.19 27.86 22.42
CA PHE D 410 -17.44 28.11 21.22
C PHE D 410 -16.90 26.94 20.42
N THR D 411 -15.95 26.19 20.95
CA THR D 411 -15.45 25.09 20.15
C THR D 411 -16.50 24.00 20.00
N ASN D 412 -17.37 23.88 20.97
CA ASN D 412 -18.38 22.84 20.92
C ASN D 412 -19.30 23.07 19.73
N LEU D 413 -19.73 24.31 19.62
CA LEU D 413 -20.67 24.77 18.62
C LEU D 413 -20.03 24.80 17.25
N LYS D 414 -18.72 24.97 17.20
CA LYS D 414 -18.05 25.05 15.91
C LYS D 414 -17.86 23.66 15.27
N GLU D 415 -17.58 22.65 16.09
CA GLU D 415 -17.48 21.28 15.60
C GLU D 415 -18.91 20.82 15.21
N GLN D 416 -19.87 21.17 16.07
CA GLN D 416 -21.27 20.89 15.79
C GLN D 416 -21.72 21.53 14.46
N ALA D 417 -21.32 22.78 14.23
CA ALA D 417 -21.62 23.46 12.97
C ALA D 417 -20.85 22.80 11.83
N ARG D 418 -19.71 22.17 12.16
CA ARG D 418 -19.02 21.30 11.20
C ARG D 418 -19.93 20.08 10.90
N SER D 419 -20.40 19.42 11.96
CA SER D 419 -21.27 18.22 11.84
C SER D 419 -22.48 18.36 10.89
N LEU D 420 -23.13 19.53 10.88
CA LEU D 420 -24.26 19.80 9.98
C LEU D 420 -23.78 20.48 8.68
N GLY D 421 -22.49 20.34 8.40
CA GLY D 421 -21.90 20.79 7.12
C GLY D 421 -21.77 22.29 6.96
N LEU D 422 -21.45 23.01 8.02
CA LEU D 422 -21.45 24.47 7.93
C LEU D 422 -20.10 25.16 8.18
N GLU D 423 -19.01 24.39 8.23
CA GLU D 423 -17.66 24.95 8.51
C GLU D 423 -17.36 26.22 7.68
N THR D 424 -17.80 26.23 6.42
CA THR D 424 -17.52 27.36 5.52
C THR D 424 -18.37 28.59 5.85
N ARG D 425 -19.52 28.41 6.51
CA ARG D 425 -20.41 29.56 6.82
C ARG D 425 -20.35 30.00 8.31
N TRP D 426 -19.26 29.67 8.98
CA TRP D 426 -19.17 29.85 10.44
C TRP D 426 -19.43 31.27 10.93
N HIS D 427 -19.04 32.27 10.16
CA HIS D 427 -19.12 33.65 10.66
C HIS D 427 -20.53 34.19 10.55
N GLN D 428 -21.34 33.49 9.76
CA GLN D 428 -22.75 33.77 9.60
C GLN D 428 -23.53 33.06 10.70
N VAL D 429 -23.00 31.92 11.12
CA VAL D 429 -23.50 31.21 12.30
C VAL D 429 -23.24 32.00 13.58
N ALA D 430 -22.28 32.92 13.54
CA ALA D 430 -21.98 33.81 14.66
C ALA D 430 -22.93 34.98 14.64
N GLN D 431 -23.24 35.50 13.46
CA GLN D 431 -24.31 36.49 13.29
C GLN D 431 -25.63 35.85 13.68
N ALA D 432 -25.81 34.58 13.35
CA ALA D 432 -27.03 33.87 13.70
C ALA D 432 -27.27 33.82 15.21
N TYR D 433 -26.22 33.45 15.93
CA TYR D 433 -26.22 33.42 17.39
C TYR D 433 -26.61 34.78 18.00
N ALA D 434 -26.16 35.89 17.41
CA ALA D 434 -26.36 37.21 18.03
C ALA D 434 -27.75 37.71 17.79
N ASP D 435 -28.28 37.42 16.60
CA ASP D 435 -29.65 37.76 16.25
C ASP D 435 -30.60 36.92 17.09
N ALA D 436 -30.39 35.61 17.06
CA ALA D 436 -31.06 34.70 17.98
C ALA D 436 -31.09 35.22 19.46
N ASN D 437 -29.97 35.71 19.99
CA ASN D 437 -29.98 36.33 21.33
C ASN D 437 -31.00 37.47 21.45
N GLN D 438 -30.95 38.40 20.50
CA GLN D 438 -31.84 39.57 20.49
C GLN D 438 -33.27 39.13 20.30
N MET D 439 -33.44 38.00 19.63
CA MET D 439 -34.76 37.46 19.40
C MET D 439 -35.39 37.08 20.74
N PHE D 440 -34.72 36.20 21.49
CA PHE D 440 -35.20 35.77 22.82
C PHE D 440 -35.32 36.92 23.84
N GLY D 441 -35.01 38.14 23.42
CA GLY D 441 -35.16 39.34 24.24
C GLY D 441 -33.87 39.82 24.87
N ASP D 442 -32.72 39.34 24.37
CA ASP D 442 -31.39 39.78 24.83
C ASP D 442 -31.12 39.17 26.22
N ILE D 443 -30.88 37.87 26.24
CA ILE D 443 -30.86 37.09 27.47
C ILE D 443 -29.46 36.74 27.98
N VAL D 444 -29.42 36.11 29.16
CA VAL D 444 -28.18 35.52 29.70
C VAL D 444 -27.95 34.19 28.99
N LYS D 445 -26.73 34.02 28.49
CA LYS D 445 -26.38 32.86 27.70
C LYS D 445 -25.20 32.13 28.32
N VAL D 446 -25.52 31.03 28.99
CA VAL D 446 -24.57 30.16 29.66
C VAL D 446 -25.26 28.80 29.87
N THR D 447 -24.50 27.76 30.18
CA THR D 447 -25.10 26.44 30.38
C THR D 447 -26.27 26.43 31.39
N PRO D 448 -27.45 25.97 30.98
CA PRO D 448 -27.81 25.41 29.71
C PRO D 448 -28.30 26.43 28.67
N SER D 449 -28.74 27.62 29.09
CA SER D 449 -29.39 28.62 28.20
C SER D 449 -28.70 28.81 26.85
N SER D 450 -27.38 28.84 26.89
CA SER D 450 -26.52 28.90 25.70
C SER D 450 -26.85 27.83 24.64
N LYS D 451 -26.84 26.56 25.04
CA LYS D 451 -27.18 25.44 24.12
C LYS D 451 -28.51 25.68 23.41
N VAL D 452 -29.50 26.17 24.14
CA VAL D 452 -30.78 26.55 23.55
C VAL D 452 -30.54 27.60 22.44
N VAL D 453 -29.69 28.60 22.68
CA VAL D 453 -29.38 29.61 21.63
C VAL D 453 -28.58 28.98 20.48
N GLY D 454 -27.60 28.16 20.86
CA GLY D 454 -26.80 27.42 19.89
C GLY D 454 -27.71 26.65 18.95
N ASP D 455 -28.51 25.74 19.51
CA ASP D 455 -29.44 24.93 18.73
C ASP D 455 -30.28 25.79 17.80
N MET D 456 -30.64 27.00 18.25
CA MET D 456 -31.41 27.90 17.41
CA MET D 456 -31.41 27.95 17.43
C MET D 456 -30.58 28.50 16.27
N ALA D 457 -29.36 28.93 16.56
CA ALA D 457 -28.51 29.55 15.53
C ALA D 457 -28.20 28.59 14.37
N LEU D 458 -27.89 27.35 14.71
CA LEU D 458 -27.59 26.31 13.74
C LEU D 458 -28.75 26.06 12.79
N MET D 459 -29.96 25.98 13.35
CA MET D 459 -31.15 25.89 12.54
C MET D 459 -31.28 27.09 11.60
N MET D 460 -31.17 28.30 12.18
CA MET D 460 -31.33 29.56 11.44
C MET D 460 -30.46 29.59 10.17
N VAL D 461 -29.20 29.24 10.31
CA VAL D 461 -28.35 29.18 9.15
C VAL D 461 -28.79 28.08 8.22
N SER D 462 -29.08 26.91 8.78
CA SER D 462 -29.29 25.74 7.95
C SER D 462 -30.49 25.91 7.06
N GLN D 463 -31.54 26.45 7.63
CA GLN D 463 -32.81 26.53 6.96
C GLN D 463 -33.05 27.95 6.59
N ASP D 464 -31.96 28.67 6.51
CA ASP D 464 -32.01 30.01 5.93
C ASP D 464 -33.21 30.82 6.44
N LEU D 465 -33.32 30.92 7.76
CA LEU D 465 -34.40 31.66 8.38
C LEU D 465 -33.79 32.90 8.94
N THR D 466 -34.32 34.06 8.54
CA THR D 466 -34.01 35.31 9.22
C THR D 466 -34.77 35.31 10.54
N VAL D 467 -34.37 36.18 11.46
CA VAL D 467 -35.15 36.41 12.67
C VAL D 467 -36.58 36.82 12.27
N ALA D 468 -36.73 37.60 11.19
CA ALA D 468 -38.07 37.99 10.66
C ALA D 468 -38.88 36.82 10.08
N ASP D 469 -38.19 35.88 9.44
CA ASP D 469 -38.81 34.64 8.94
C ASP D 469 -39.02 33.64 10.07
N VAL D 470 -38.26 33.81 11.16
CA VAL D 470 -38.40 32.98 12.35
C VAL D 470 -39.70 33.29 13.10
N VAL D 471 -39.98 34.59 13.27
CA VAL D 471 -41.14 35.07 14.02
C VAL D 471 -42.35 35.36 13.13
N SER D 472 -42.39 34.76 11.93
CA SER D 472 -43.42 35.06 10.95
C SER D 472 -44.66 34.19 11.11
N PRO D 473 -45.87 34.75 10.88
CA PRO D 473 -47.07 33.90 10.89
C PRO D 473 -47.08 32.80 9.81
N ASP D 474 -46.94 33.19 8.53
CA ASP D 474 -47.06 32.27 7.40
C ASP D 474 -45.89 31.27 7.21
N ARG D 475 -44.81 31.39 7.99
CA ARG D 475 -43.61 30.58 7.78
C ARG D 475 -43.56 29.36 8.72
N GLU D 476 -43.49 28.17 8.11
CA GLU D 476 -43.53 26.90 8.83
C GLU D 476 -42.16 26.50 9.39
N VAL D 477 -41.91 26.79 10.68
CA VAL D 477 -40.67 26.43 11.36
C VAL D 477 -40.93 25.28 12.34
N SER D 478 -39.93 24.40 12.50
CA SER D 478 -40.03 23.27 13.44
C SER D 478 -38.90 23.33 14.45
N PHE D 479 -39.20 23.95 15.60
CA PHE D 479 -38.18 24.34 16.57
C PHE D 479 -37.61 23.11 17.30
N PRO D 480 -36.38 23.21 17.83
CA PRO D 480 -35.77 22.11 18.58
C PRO D 480 -36.43 21.80 19.92
N GLU D 481 -36.28 20.57 20.38
CA GLU D 481 -36.88 20.13 21.64
C GLU D 481 -36.37 20.95 22.83
N SER D 482 -35.25 21.66 22.65
CA SER D 482 -34.68 22.56 23.67
C SER D 482 -35.15 24.03 23.58
N VAL D 483 -35.67 24.45 22.42
CA VAL D 483 -36.29 25.77 22.29
C VAL D 483 -37.73 25.79 22.81
N VAL D 484 -38.55 24.84 22.34
CA VAL D 484 -39.89 24.64 22.91
C VAL D 484 -39.84 24.48 24.45
N SER D 485 -38.83 23.77 24.95
CA SER D 485 -38.68 23.53 26.39
C SER D 485 -38.43 24.80 27.23
N MET D 486 -37.56 25.70 26.75
CA MET D 486 -37.20 26.91 27.50
C MET D 486 -38.31 27.97 27.44
N LEU D 487 -38.92 28.08 26.27
CA LEU D 487 -40.05 28.99 26.12
C LEU D 487 -41.24 28.54 26.98
N LYS D 488 -41.39 27.23 27.17
CA LYS D 488 -42.43 26.70 28.06
C LYS D 488 -42.21 27.14 29.52
N GLY D 489 -40.94 27.37 29.89
CA GLY D 489 -40.59 27.84 31.24
C GLY D 489 -39.67 26.91 32.00
N ASP D 490 -38.93 26.05 31.31
CA ASP D 490 -38.11 25.03 31.97
C ASP D 490 -36.72 25.47 32.44
N LEU D 491 -36.11 26.47 31.81
CA LEU D 491 -34.85 26.99 32.36
C LEU D 491 -35.14 28.16 33.30
N GLY D 492 -36.41 28.56 33.36
CA GLY D 492 -36.86 29.65 34.22
C GLY D 492 -37.34 30.86 33.44
N GLN D 493 -37.22 32.03 34.09
CA GLN D 493 -37.77 33.29 33.57
C GLN D 493 -36.75 34.43 33.66
N PRO D 494 -36.57 35.16 32.54
CA PRO D 494 -35.72 36.35 32.54
C PRO D 494 -36.51 37.51 33.16
N PRO D 495 -35.84 38.66 33.37
CA PRO D 495 -36.49 39.84 33.97
C PRO D 495 -37.88 40.20 33.39
N SER D 496 -37.96 40.44 32.08
CA SER D 496 -39.22 40.89 31.46
C SER D 496 -40.18 39.76 31.09
N GLY D 497 -39.75 38.50 31.24
CA GLY D 497 -40.48 37.36 30.71
C GLY D 497 -40.04 37.11 29.28
N TRP D 498 -40.68 36.16 28.60
CA TRP D 498 -40.35 35.88 27.21
C TRP D 498 -41.18 36.77 26.29
N PRO D 499 -40.71 36.98 25.05
CA PRO D 499 -41.51 37.66 24.03
C PRO D 499 -42.77 36.89 23.67
N GLU D 500 -43.92 37.58 23.71
CA GLU D 500 -45.24 36.94 23.52
C GLU D 500 -45.28 36.11 22.24
N ALA D 501 -45.14 36.80 21.11
CA ALA D 501 -45.29 36.18 19.79
C ALA D 501 -44.36 34.98 19.56
N LEU D 502 -43.04 35.17 19.74
CA LEU D 502 -42.05 34.09 19.52
C LEU D 502 -42.44 32.81 20.27
N GLN D 503 -42.87 32.98 21.52
CA GLN D 503 -43.38 31.86 22.32
C GLN D 503 -44.74 31.31 21.83
N LYS D 504 -45.68 32.20 21.48
CA LYS D 504 -47.04 31.77 21.07
C LYS D 504 -47.04 30.92 19.79
N LYS D 505 -45.95 31.03 19.02
CA LYS D 505 -45.76 30.21 17.83
C LYS D 505 -45.00 28.98 18.22
N ALA D 506 -43.99 29.17 19.06
CA ALA D 506 -43.07 28.10 19.43
C ALA D 506 -43.67 27.03 20.33
N LEU D 507 -44.83 27.30 20.91
CA LEU D 507 -45.48 26.32 21.77
C LEU D 507 -46.59 25.58 21.02
N LYS D 508 -47.13 26.21 19.97
CA LYS D 508 -48.03 25.54 19.06
C LYS D 508 -49.20 24.88 19.80
N GLY D 509 -49.69 25.52 20.86
CA GLY D 509 -50.79 24.96 21.67
C GLY D 509 -50.45 24.60 23.11
N GLU D 510 -49.19 24.26 23.39
CA GLU D 510 -48.78 23.99 24.77
C GLU D 510 -48.82 25.32 25.54
N LYS D 511 -49.66 25.40 26.57
CA LYS D 511 -49.81 26.64 27.35
C LYS D 511 -48.56 26.89 28.24
N PRO D 512 -48.14 28.17 28.38
CA PRO D 512 -46.87 28.47 29.08
C PRO D 512 -47.04 28.71 30.58
N TYR D 513 -45.98 28.52 31.35
CA TYR D 513 -46.02 28.83 32.77
C TYR D 513 -44.87 29.72 33.18
N THR D 514 -45.12 30.63 34.13
CA THR D 514 -44.09 31.53 34.64
C THR D 514 -43.58 31.14 36.05
N VAL D 515 -44.25 30.20 36.71
CA VAL D 515 -43.86 29.74 38.06
C VAL D 515 -42.52 29.00 37.99
N ARG D 516 -41.89 28.80 39.14
CA ARG D 516 -40.57 28.17 39.24
C ARG D 516 -40.68 26.67 38.90
N PRO D 517 -39.78 26.14 38.03
CA PRO D 517 -39.95 24.75 37.56
C PRO D 517 -39.93 23.69 38.66
N GLY D 518 -39.23 23.96 39.76
CA GLY D 518 -39.19 23.03 40.89
C GLY D 518 -40.51 22.94 41.62
N SER D 519 -41.27 24.03 41.57
CA SER D 519 -42.59 24.06 42.18
C SER D 519 -43.57 23.12 41.47
N LEU D 520 -43.46 23.02 40.15
CA LEU D 520 -44.43 22.23 39.34
C LEU D 520 -43.99 20.79 39.05
N LEU D 521 -42.87 20.35 39.62
CA LEU D 521 -42.39 18.98 39.43
C LEU D 521 -42.55 18.19 40.73
N LYS D 522 -43.34 17.11 40.69
CA LYS D 522 -43.54 16.26 41.86
C LYS D 522 -42.20 15.93 42.53
N GLU D 523 -42.21 15.86 43.85
CA GLU D 523 -40.99 15.54 44.64
C GLU D 523 -40.67 14.04 44.55
N ALA D 524 -39.79 13.69 43.61
CA ALA D 524 -39.41 12.30 43.36
C ALA D 524 -39.38 11.44 44.64
N ASP D 525 -40.15 10.35 44.62
CA ASP D 525 -40.06 9.30 45.62
C ASP D 525 -38.67 8.69 45.54
N LEU D 526 -37.79 9.08 46.45
CA LEU D 526 -36.38 8.63 46.42
C LEU D 526 -36.28 7.10 46.62
N ASP D 527 -36.96 6.59 47.65
CA ASP D 527 -36.87 5.16 47.99
C ASP D 527 -37.39 4.23 46.88
N ALA D 528 -38.25 4.75 46.00
CA ALA D 528 -38.77 3.97 44.86
C ALA D 528 -37.81 3.99 43.68
N GLU D 529 -37.21 5.16 43.40
CA GLU D 529 -36.24 5.27 42.32
C GLU D 529 -35.01 4.41 42.58
N ARG D 530 -34.64 4.26 43.86
CA ARG D 530 -33.46 3.47 44.25
C ARG D 530 -33.62 1.94 44.10
N LYS D 531 -34.86 1.47 44.03
CA LYS D 531 -35.13 0.06 43.71
C LYS D 531 -34.99 -0.19 42.20
N VAL D 532 -35.49 0.73 41.38
CA VAL D 532 -35.47 0.56 39.93
C VAL D 532 -34.03 0.56 39.39
N ILE D 533 -33.11 1.27 40.06
CA ILE D 533 -31.68 1.30 39.68
C ILE D 533 -30.90 0.15 40.32
N GLU D 534 -31.28 -0.21 41.55
CA GLU D 534 -30.68 -1.34 42.25
C GLU D 534 -31.10 -2.68 41.61
N LYS D 535 -32.36 -2.79 41.18
CA LYS D 535 -32.85 -3.99 40.46
C LYS D 535 -32.18 -4.07 39.10
N LYS D 536 -32.30 -2.99 38.33
CA LYS D 536 -31.60 -2.89 37.05
C LYS D 536 -30.17 -3.47 37.14
N LEU D 537 -29.41 -3.07 38.17
CA LEU D 537 -28.00 -3.50 38.33
C LEU D 537 -27.79 -4.74 39.23
N GLU D 538 -28.88 -5.36 39.67
CA GLU D 538 -28.83 -6.51 40.60
C GLU D 538 -27.84 -6.35 41.77
N ARG D 539 -27.70 -5.13 42.29
CA ARG D 539 -26.88 -4.85 43.48
C ARG D 539 -27.27 -3.51 44.14
N GLU D 540 -26.92 -3.36 45.42
CA GLU D 540 -27.13 -2.09 46.14
C GLU D 540 -26.06 -1.11 45.67
N VAL D 541 -26.47 0.05 45.16
CA VAL D 541 -25.54 1.15 44.81
C VAL D 541 -25.22 2.03 46.04
N SER D 542 -24.07 2.70 46.04
CA SER D 542 -23.73 3.64 47.12
C SER D 542 -24.57 4.91 47.02
N ASP D 543 -24.60 5.71 48.09
CA ASP D 543 -25.35 6.99 48.10
C ASP D 543 -24.87 8.00 47.03
N PHE D 544 -23.58 7.97 46.73
CA PHE D 544 -23.02 8.75 45.63
C PHE D 544 -23.54 8.20 44.30
N GLU D 545 -23.39 6.89 44.11
CA GLU D 545 -23.92 6.18 42.93
C GLU D 545 -25.40 6.48 42.66
N PHE D 546 -26.23 6.52 43.69
CA PHE D 546 -27.64 6.91 43.53
C PHE D 546 -27.79 8.37 43.09
N ALA D 547 -26.84 9.22 43.47
CA ALA D 547 -26.84 10.60 42.99
C ALA D 547 -26.55 10.68 41.48
N SER D 548 -25.56 9.93 41.01
CA SER D 548 -25.24 9.89 39.59
C SER D 548 -26.49 9.55 38.78
N TYR D 549 -27.08 8.39 39.09
CA TYR D 549 -28.32 7.91 38.42
C TYR D 549 -29.45 8.95 38.48
N LEU D 550 -29.55 9.63 39.62
CA LEU D 550 -30.55 10.69 39.79
C LEU D 550 -30.32 11.83 38.80
N MET D 551 -29.06 12.16 38.55
CA MET D 551 -28.70 13.24 37.62
C MET D 551 -28.74 12.76 36.19
N TYR D 552 -28.11 11.61 35.97
CA TYR D 552 -27.94 11.05 34.65
C TYR D 552 -28.34 9.58 34.67
N PRO D 553 -29.67 9.30 34.63
CA PRO D 553 -30.13 7.91 34.73
C PRO D 553 -29.51 6.97 33.70
N LYS D 554 -29.60 7.29 32.41
CA LYS D 554 -29.11 6.38 31.39
C LYS D 554 -27.56 6.32 31.42
N VAL D 555 -26.90 7.47 31.59
CA VAL D 555 -25.42 7.50 31.50
C VAL D 555 -24.75 6.71 32.62
N PHE D 556 -25.32 6.78 33.81
CA PHE D 556 -24.80 6.02 34.93
C PHE D 556 -24.95 4.54 34.66
N THR D 557 -26.13 4.17 34.20
CA THR D 557 -26.41 2.79 33.90
C THR D 557 -25.44 2.22 32.87
N ASP D 558 -25.15 3.00 31.83
CA ASP D 558 -24.22 2.55 30.80
C ASP D 558 -22.80 2.46 31.40
N PHE D 559 -22.43 3.44 32.22
CA PHE D 559 -21.13 3.44 32.89
C PHE D 559 -20.98 2.24 33.87
N ALA D 560 -22.01 1.94 34.65
CA ALA D 560 -21.94 0.81 35.57
C ALA D 560 -21.64 -0.47 34.81
N LEU D 561 -22.43 -0.70 33.76
CA LEU D 561 -22.30 -1.90 32.90
C LEU D 561 -20.87 -1.96 32.34
N ALA D 562 -20.36 -0.81 31.90
CA ALA D 562 -18.97 -0.74 31.46
C ALA D 562 -18.00 -1.04 32.60
N SER D 563 -18.22 -0.38 33.74
CA SER D 563 -17.51 -0.67 35.01
C SER D 563 -17.42 -2.17 35.30
N ASP D 564 -18.57 -2.85 35.31
CA ASP D 564 -18.59 -4.29 35.63
C ASP D 564 -17.89 -5.11 34.54
N THR D 565 -17.82 -4.56 33.33
CA THR D 565 -17.22 -5.28 32.18
C THR D 565 -15.72 -5.05 32.06
N TYR D 566 -15.30 -3.80 32.13
CA TYR D 566 -13.86 -3.49 31.99
C TYR D 566 -13.12 -3.25 33.29
N GLY D 567 -13.84 -2.93 34.37
CA GLY D 567 -13.20 -2.73 35.68
C GLY D 567 -12.76 -1.31 36.01
N PRO D 568 -11.65 -1.19 36.74
CA PRO D 568 -11.21 0.16 37.10
C PRO D 568 -10.36 0.78 35.98
N VAL D 569 -11.00 1.12 34.87
CA VAL D 569 -10.28 1.62 33.68
C VAL D 569 -9.52 2.90 34.00
N SER D 570 -10.01 3.62 35.01
CA SER D 570 -9.35 4.87 35.44
C SER D 570 -7.94 4.75 35.99
N VAL D 571 -7.44 3.58 36.35
CA VAL D 571 -6.05 3.54 36.84
C VAL D 571 -5.02 3.51 35.73
N LEU D 572 -5.44 3.27 34.48
CA LEU D 572 -4.54 3.21 33.34
C LEU D 572 -3.98 4.59 33.00
N PRO D 573 -2.71 4.68 32.58
CA PRO D 573 -2.22 5.98 32.12
C PRO D 573 -2.83 6.25 30.78
N THR D 574 -2.85 7.53 30.40
CA THR D 574 -3.74 8.02 29.34
C THR D 574 -3.47 7.44 27.93
N PRO D 575 -2.21 7.39 27.49
CA PRO D 575 -1.85 6.76 26.21
C PRO D 575 -2.32 5.32 26.08
N ALA D 576 -2.46 4.65 27.22
CA ALA D 576 -2.97 3.29 27.23
C ALA D 576 -4.49 3.29 27.16
N TYR D 577 -5.12 4.19 27.90
CA TYR D 577 -6.58 4.26 27.91
C TYR D 577 -7.13 4.60 26.53
N PHE D 578 -6.40 5.40 25.73
CA PHE D 578 -6.89 5.82 24.40
C PHE D 578 -6.35 5.05 23.23
N TYR D 579 -5.21 4.37 23.38
CA TYR D 579 -4.60 3.64 22.27
C TYR D 579 -4.13 2.22 22.64
N GLY D 580 -4.37 1.80 23.87
CA GLY D 580 -3.85 0.53 24.30
C GLY D 580 -2.34 0.44 24.25
N LEU D 581 -1.81 -0.76 23.99
CA LEU D 581 -0.38 -0.97 24.08
C LEU D 581 0.17 -1.29 22.72
N ALA D 582 1.31 -0.71 22.40
CA ALA D 582 2.02 -1.06 21.19
C ALA D 582 2.55 -2.48 21.32
N ASP D 583 3.15 -2.99 20.24
CA ASP D 583 3.73 -4.31 20.24
C ASP D 583 5.02 -4.31 21.04
N GLY D 584 5.13 -5.25 21.97
CA GLY D 584 6.29 -5.31 22.88
C GLY D 584 6.32 -4.28 24.00
N GLU D 585 5.34 -3.38 24.04
CA GLU D 585 5.28 -2.31 25.03
C GLU D 585 5.06 -2.86 26.42
N GLU D 586 5.92 -2.46 27.36
CA GLU D 586 5.76 -2.79 28.78
C GLU D 586 4.90 -1.71 29.45
N LEU D 587 3.99 -2.13 30.31
CA LEU D 587 3.17 -1.19 31.05
C LEU D 587 3.22 -1.46 32.54
N PHE D 588 3.29 -0.39 33.33
CA PHE D 588 3.11 -0.42 34.81
C PHE D 588 1.79 0.25 35.18
N ALA D 589 0.97 -0.49 35.89
CA ALA D 589 -0.34 -0.01 36.27
C ALA D 589 -0.59 -0.47 37.70
N ASP D 590 -1.21 0.43 38.46
CA ASP D 590 -1.41 0.18 39.88
C ASP D 590 -2.88 0.00 40.14
N ILE D 591 -3.32 -1.22 40.05
CA ILE D 591 -4.71 -1.51 40.22
C ILE D 591 -5.05 -1.05 41.61
N GLU D 592 -4.15 -1.27 42.54
CA GLU D 592 -4.43 -1.02 43.94
C GLU D 592 -3.32 -0.25 44.60
N LYS D 593 -3.63 0.29 45.78
CA LYS D 593 -2.69 0.78 46.78
C LYS D 593 -1.23 0.71 46.40
N GLY D 594 -0.49 -0.19 47.03
CA GLY D 594 0.85 -0.48 46.52
C GLY D 594 0.82 -1.88 45.93
N LYS D 595 -0.08 -2.08 44.97
CA LYS D 595 -0.08 -3.27 44.14
C LYS D 595 0.09 -2.77 42.69
N THR D 596 1.31 -2.82 42.18
CA THR D 596 1.51 -2.51 40.78
C THR D 596 1.58 -3.81 39.97
N LEU D 597 1.05 -3.71 38.75
CA LEU D 597 1.02 -4.79 37.76
C LEU D 597 1.95 -4.49 36.60
N VAL D 598 2.68 -5.51 36.15
CA VAL D 598 3.55 -5.42 34.98
C VAL D 598 2.94 -6.19 33.78
N ILE D 599 2.38 -5.41 32.87
CA ILE D 599 1.65 -5.90 31.71
C ILE D 599 2.45 -5.62 30.44
N VAL D 600 2.77 -6.69 29.72
CA VAL D 600 3.45 -6.58 28.45
C VAL D 600 2.50 -7.15 27.41
N ASN D 601 2.28 -6.42 26.32
CA ASN D 601 1.62 -6.96 25.14
C ASN D 601 2.72 -7.54 24.24
N GLN D 602 2.80 -8.85 24.13
CA GLN D 602 3.84 -9.45 23.32
C GLN D 602 3.46 -9.89 21.91
N ALA D 603 2.17 -10.11 21.67
CA ALA D 603 1.71 -10.37 20.31
C ALA D 603 0.22 -10.30 20.13
N VAL D 604 -0.20 -10.22 18.88
CA VAL D 604 -1.63 -10.23 18.52
C VAL D 604 -1.90 -11.25 17.45
N SER D 605 -3.05 -11.88 17.53
CA SER D 605 -3.39 -12.86 16.49
C SER D 605 -4.23 -12.22 15.42
N ALA D 606 -4.26 -12.86 14.25
CA ALA D 606 -5.20 -12.55 13.18
C ALA D 606 -6.64 -12.75 13.66
N THR D 607 -7.61 -12.22 12.91
CA THR D 607 -9.02 -12.46 13.21
C THR D 607 -9.38 -13.89 12.84
N ASP D 608 -10.07 -14.56 13.76
CA ASP D 608 -10.27 -15.99 13.69
C ASP D 608 -11.63 -16.30 13.05
N SER D 609 -11.95 -17.60 12.91
CA SER D 609 -13.21 -18.06 12.31
C SER D 609 -14.43 -17.46 13.02
N GLN D 610 -14.34 -17.32 14.34
CA GLN D 610 -15.45 -16.81 15.15
C GLN D 610 -15.54 -15.28 15.17
N GLY D 611 -14.70 -14.60 14.38
CA GLY D 611 -14.65 -13.14 14.37
C GLY D 611 -13.95 -12.53 15.58
N MET D 612 -13.20 -13.37 16.29
CA MET D 612 -12.53 -12.99 17.52
C MET D 612 -11.05 -12.78 17.33
N VAL D 613 -10.49 -11.89 18.14
CA VAL D 613 -9.06 -11.63 18.16
C VAL D 613 -8.47 -11.97 19.55
N THR D 614 -7.31 -12.62 19.54
CA THR D 614 -6.63 -13.01 20.75
C THR D 614 -5.38 -12.13 20.98
N VAL D 615 -5.37 -11.41 22.11
CA VAL D 615 -4.22 -10.62 22.52
C VAL D 615 -3.40 -11.43 23.47
N PHE D 616 -2.09 -11.47 23.24
CA PHE D 616 -1.21 -12.29 24.06
C PHE D 616 -0.43 -11.41 25.07
N PHE D 617 -0.94 -11.36 26.31
CA PHE D 617 -0.31 -10.63 27.42
C PHE D 617 0.68 -11.50 28.22
N GLU D 618 1.77 -10.86 28.68
CA GLU D 618 2.54 -11.37 29.83
C GLU D 618 2.16 -10.47 30.99
N LEU D 619 1.62 -11.06 32.07
CA LEU D 619 1.21 -10.31 33.25
C LEU D 619 2.03 -10.82 34.43
N ASN D 620 2.77 -9.92 35.08
CA ASN D 620 3.67 -10.31 36.19
C ASN D 620 4.41 -11.59 35.89
N GLY D 621 5.14 -11.60 34.78
CA GLY D 621 5.86 -12.77 34.29
C GLY D 621 5.04 -13.98 33.89
N GLN D 622 3.71 -13.88 33.92
CA GLN D 622 2.83 -15.01 33.60
C GLN D 622 2.10 -14.80 32.27
N PRO D 623 2.05 -15.83 31.42
CA PRO D 623 1.25 -15.74 30.20
C PRO D 623 -0.27 -15.52 30.42
N ARG D 624 -0.90 -14.68 29.61
CA ARG D 624 -2.36 -14.60 29.61
C ARG D 624 -2.88 -14.41 28.18
N ARG D 625 -3.99 -15.08 27.84
CA ARG D 625 -4.58 -15.05 26.48
C ARG D 625 -5.96 -14.39 26.57
N ILE D 626 -6.17 -13.25 25.90
CA ILE D 626 -7.46 -12.53 26.00
C ILE D 626 -8.12 -12.32 24.63
N LYS D 627 -9.37 -12.81 24.50
CA LYS D 627 -10.12 -12.76 23.24
C LYS D 627 -11.13 -11.64 23.30
N VAL D 628 -11.17 -10.82 22.25
CA VAL D 628 -12.22 -9.80 22.08
C VAL D 628 -12.71 -9.72 20.62
N PRO D 629 -13.81 -8.98 20.37
CA PRO D 629 -14.33 -9.02 19.02
C PRO D 629 -13.61 -8.03 18.12
N ASP D 630 -13.33 -8.44 16.89
CA ASP D 630 -13.04 -7.52 15.81
C ASP D 630 -14.35 -6.82 15.48
N ARG D 631 -14.57 -5.68 16.12
CA ARG D 631 -15.72 -4.81 15.88
C ARG D 631 -15.77 -4.21 14.46
N ALA D 632 -14.60 -4.01 13.85
CA ALA D 632 -14.50 -3.33 12.55
C ALA D 632 -15.23 -4.08 11.43
#